data_5OE6
#
_entry.id   5OE6
#
_cell.length_a   71.558
_cell.length_b   84.130
_cell.length_c   138.212
_cell.angle_alpha   90.000
_cell.angle_beta   92.590
_cell.angle_gamma   90.000
#
_symmetry.space_group_name_H-M   'P 1 21 1'
#
loop_
_entity.id
_entity.type
_entity.pdbx_description
1 polymer 'Anthranilate--CoA ligase'
2 non-polymer 6-fluoroanthraniloyl-AMP
3 non-polymer 'TRIETHYLENE GLYCOL'
4 water water
#
_entity_poly.entity_id   1
_entity_poly.type   'polypeptide(L)'
_entity_poly.pdbx_seq_one_letter_code
;MSTLANLTEVLFRLDFDPDTAVYHYRGQTLSRLQCRTYILSQASQLARLLKPGDRVVLALNDSPSLACLFLACIAVGAIP
AVINPKSREQALADIAADCQASLVVREADAPSLSGPLAPLTLRAAAGRPLLDDFSLDALVGPADLDWSAFHRQDPAAACF
LQYTSGSTGAPKGVMHSLRNTLGFCRAFATELLALQAGDRLYSIPKMFFGYGMGNSLFFPWFSGASALLDDTWPSPERVL
ENLVAFRPRVLFGVPAIYASLRPQARELLSSVRLAFSAGSPLPRGEFEFWAAHGLEICDGIGATEVGHVFLANRPGQARA
DSTGLPLPGYECRLVDREGHTIEEAGRQGVLLVRGPGLSPGYWRASEEQQARFAGGWYRTGDLFERDESGAYRHCGREDL
EHHHHHH
;
_entity_poly.pdbx_strand_id   A,B,C,D
#
loop_
_chem_comp.id
_chem_comp.type
_chem_comp.name
_chem_comp.formula
9SN non-polymer 6-fluoroanthraniloyl-AMP 'C17 H18 F N6 O8 P'
PGE non-polymer 'TRIETHYLENE GLYCOL' 'C6 H14 O4'
#
# COMPACT_ATOMS: atom_id res chain seq x y z
N THR A 3 38.22 12.92 4.53
CA THR A 3 38.63 12.39 5.82
C THR A 3 39.11 10.95 5.70
N LEU A 4 40.24 10.64 6.35
CA LEU A 4 40.74 9.27 6.36
C LEU A 4 39.73 8.37 7.08
N ALA A 5 39.53 7.17 6.54
CA ALA A 5 38.52 6.28 7.07
C ALA A 5 38.89 4.84 6.78
N ASN A 6 38.19 3.92 7.42
CA ASN A 6 38.37 2.48 7.23
C ASN A 6 36.99 1.88 6.98
N LEU A 7 36.87 1.07 5.92
CA LEU A 7 35.55 0.55 5.54
C LEU A 7 34.94 -0.27 6.65
N THR A 8 35.72 -1.18 7.24
CA THR A 8 35.19 -2.02 8.32
C THR A 8 34.71 -1.17 9.50
N GLU A 9 35.49 -0.17 9.90
CA GLU A 9 35.03 0.72 10.96
C GLU A 9 33.73 1.41 10.57
N VAL A 10 33.66 1.95 9.36
CA VAL A 10 32.47 2.65 8.91
C VAL A 10 31.26 1.74 8.96
N LEU A 11 31.42 0.47 8.59
CA LEU A 11 30.29 -0.47 8.67
C LEU A 11 29.88 -0.70 10.11
N PHE A 12 30.86 -0.84 11.01
CA PHE A 12 30.56 -1.08 12.41
C PHE A 12 29.81 0.08 13.06
N ARG A 13 29.94 1.29 12.51
CA ARG A 13 29.29 2.46 13.10
C ARG A 13 27.87 2.68 12.59
N LEU A 14 27.44 1.97 11.54
CA LEU A 14 26.07 2.14 11.06
C LEU A 14 25.08 1.84 12.18
N ASP A 15 24.00 2.62 12.23
CA ASP A 15 23.07 2.60 13.36
C ASP A 15 22.07 1.46 13.20
N PHE A 16 22.51 0.26 13.59
CA PHE A 16 21.64 -0.90 13.65
C PHE A 16 21.84 -1.63 14.97
N ASP A 17 20.82 -2.37 15.38
CA ASP A 17 20.85 -3.08 16.65
C ASP A 17 21.98 -4.10 16.65
N PRO A 18 22.97 -3.98 17.54
CA PRO A 18 24.07 -4.97 17.57
C PRO A 18 23.63 -6.37 17.94
N ASP A 19 22.42 -6.54 18.48
CA ASP A 19 21.93 -7.85 18.91
C ASP A 19 21.15 -8.59 17.83
N THR A 20 21.06 -8.04 16.62
CA THR A 20 20.33 -8.71 15.56
C THR A 20 21.26 -9.57 14.70
N ALA A 21 20.66 -10.55 14.03
CA ALA A 21 21.45 -11.49 13.25
C ALA A 21 22.16 -10.77 12.12
N VAL A 22 23.32 -11.29 11.75
CA VAL A 22 24.04 -10.73 10.60
C VAL A 22 24.41 -11.84 9.64
N TYR A 23 24.79 -13.01 10.17
CA TYR A 23 25.11 -14.15 9.33
C TYR A 23 24.52 -15.43 9.91
N HIS A 24 24.14 -16.35 9.02
CA HIS A 24 23.68 -17.68 9.41
C HIS A 24 24.55 -18.74 8.75
N TYR A 25 24.84 -19.82 9.49
CA TYR A 25 25.80 -20.81 9.01
C TYR A 25 25.59 -22.12 9.75
N ARG A 26 25.25 -23.17 9.00
CA ARG A 26 25.09 -24.51 9.57
C ARG A 26 24.13 -24.49 10.75
N GLY A 27 22.94 -23.92 10.52
CA GLY A 27 21.91 -23.89 11.54
C GLY A 27 22.23 -23.02 12.73
N GLN A 28 23.33 -22.28 12.68
CA GLN A 28 23.72 -21.37 13.74
C GLN A 28 23.56 -19.93 13.26
N THR A 29 23.50 -19.02 14.23
CA THR A 29 23.33 -17.60 13.94
C THR A 29 24.37 -16.81 14.70
N LEU A 30 24.95 -15.82 14.04
CA LEU A 30 25.90 -14.90 14.65
C LEU A 30 25.32 -13.50 14.58
N SER A 31 25.37 -12.78 15.70
CA SER A 31 24.90 -11.41 15.73
CA SER A 31 24.89 -11.42 15.71
C SER A 31 25.98 -10.46 15.23
N ARG A 32 25.55 -9.24 14.88
CA ARG A 32 26.49 -8.19 14.53
C ARG A 32 27.53 -8.03 15.63
N LEU A 33 27.08 -8.00 16.89
CA LEU A 33 28.01 -7.80 18.01
C LEU A 33 29.00 -8.95 18.11
N GLN A 34 28.54 -10.18 17.92
CA GLN A 34 29.44 -11.32 17.97
C GLN A 34 30.52 -11.20 16.91
N CYS A 35 30.12 -10.87 15.68
CA CYS A 35 31.08 -10.77 14.59
C CYS A 35 32.04 -9.61 14.78
N ARG A 36 31.53 -8.42 15.12
CA ARG A 36 32.41 -7.30 15.43
CA ARG A 36 32.41 -7.30 15.43
C ARG A 36 33.43 -7.70 16.49
N THR A 37 32.96 -8.31 17.58
CA THR A 37 33.90 -8.70 18.63
C THR A 37 34.96 -9.62 18.08
N TYR A 38 34.56 -10.59 17.26
CA TYR A 38 35.54 -11.53 16.70
C TYR A 38 36.45 -10.85 15.69
N ILE A 39 35.90 -9.93 14.88
CA ILE A 39 36.71 -9.26 13.86
C ILE A 39 37.82 -8.45 14.50
N LEU A 40 37.50 -7.70 15.55
CA LEU A 40 38.51 -6.88 16.22
C LEU A 40 39.58 -7.76 16.85
N SER A 41 39.18 -8.88 17.47
CA SER A 41 40.16 -9.80 18.03
C SER A 41 41.06 -10.35 16.94
N GLN A 42 40.46 -10.78 15.84
CA GLN A 42 41.24 -11.32 14.74
C GLN A 42 42.11 -10.24 14.12
N ALA A 43 41.58 -9.01 14.02
CA ALA A 43 42.39 -7.91 13.53
C ALA A 43 43.63 -7.71 14.41
N SER A 44 43.48 -7.87 15.72
CA SER A 44 44.65 -7.70 16.59
C SER A 44 45.76 -8.69 16.23
N GLN A 45 45.39 -9.89 15.79
CA GLN A 45 46.37 -10.88 15.38
C GLN A 45 46.94 -10.56 14.00
N LEU A 46 46.07 -10.22 13.04
CA LEU A 46 46.53 -9.92 11.69
C LEU A 46 47.49 -8.74 11.66
N ALA A 47 47.28 -7.76 12.53
CA ALA A 47 48.17 -6.60 12.58
C ALA A 47 49.59 -6.99 12.98
N ARG A 48 49.74 -8.10 13.69
CA ARG A 48 51.06 -8.61 14.03
C ARG A 48 51.73 -9.26 12.83
N LEU A 49 50.95 -9.64 11.83
CA LEU A 49 51.43 -10.38 10.67
C LEU A 49 51.56 -9.52 9.43
N LEU A 50 50.65 -8.55 9.24
CA LEU A 50 50.57 -7.78 8.01
C LEU A 50 50.78 -6.31 8.31
N LYS A 51 51.53 -5.64 7.44
CA LYS A 51 51.60 -4.18 7.49
C LYS A 51 50.51 -3.60 6.60
N PRO A 52 50.15 -2.34 6.81
CA PRO A 52 49.14 -1.70 5.96
C PRO A 52 49.47 -1.89 4.49
N GLY A 53 48.46 -2.24 3.70
CA GLY A 53 48.61 -2.38 2.28
C GLY A 53 48.91 -3.79 1.79
N ASP A 54 49.36 -4.68 2.66
CA ASP A 54 49.70 -6.03 2.24
C ASP A 54 48.46 -6.76 1.72
N ARG A 55 48.65 -7.55 0.66
CA ARG A 55 47.56 -8.23 -0.01
C ARG A 55 47.36 -9.62 0.56
N VAL A 56 46.14 -10.13 0.45
CA VAL A 56 45.73 -11.37 1.09
CA VAL A 56 45.76 -11.38 1.07
C VAL A 56 44.71 -12.05 0.20
N VAL A 57 44.94 -13.32 -0.12
CA VAL A 57 44.03 -14.10 -0.94
C VAL A 57 43.34 -15.13 -0.05
N LEU A 58 42.02 -15.12 -0.07
CA LEU A 58 41.21 -16.05 0.72
C LEU A 58 40.60 -17.05 -0.24
N ALA A 59 41.08 -18.29 -0.19
CA ALA A 59 40.60 -19.37 -1.06
C ALA A 59 39.74 -20.30 -0.23
N LEU A 60 38.56 -19.80 0.14
CA LEU A 60 37.72 -20.41 1.16
C LEU A 60 36.28 -20.52 0.65
N ASN A 61 35.58 -21.55 1.12
CA ASN A 61 34.14 -21.64 0.91
C ASN A 61 33.41 -20.57 1.71
N ASP A 62 32.20 -20.22 1.27
CA ASP A 62 31.36 -19.29 2.01
C ASP A 62 31.17 -19.72 3.45
N SER A 63 31.48 -18.82 4.37
CA SER A 63 31.35 -19.09 5.80
C SER A 63 31.44 -17.76 6.55
N PRO A 64 30.93 -17.71 7.78
CA PRO A 64 31.13 -16.50 8.60
C PRO A 64 32.58 -16.18 8.83
N SER A 65 33.44 -17.19 8.95
CA SER A 65 34.86 -16.93 9.17
C SER A 65 35.48 -16.27 7.95
N LEU A 66 35.05 -16.67 6.76
CA LEU A 66 35.53 -16.00 5.56
C LEU A 66 35.15 -14.52 5.57
N ALA A 67 33.85 -14.23 5.74
CA ALA A 67 33.41 -12.84 5.72
C ALA A 67 34.09 -12.04 6.80
N CYS A 68 34.15 -12.56 8.03
CA CYS A 68 34.80 -11.83 9.11
CA CYS A 68 34.80 -11.83 9.11
C CYS A 68 36.29 -11.65 8.84
N LEU A 69 36.97 -12.71 8.38
CA LEU A 69 38.38 -12.59 8.07
C LEU A 69 38.62 -11.52 7.01
N PHE A 70 37.76 -11.49 5.99
CA PHE A 70 37.82 -10.45 4.98
C PHE A 70 37.80 -9.06 5.63
N LEU A 71 36.86 -8.84 6.55
CA LEU A 71 36.73 -7.52 7.18
C LEU A 71 37.86 -7.26 8.17
N ALA A 72 38.38 -8.32 8.80
CA ALA A 72 39.54 -8.15 9.69
C ALA A 72 40.77 -7.71 8.92
N CYS A 73 40.99 -8.28 7.73
CA CYS A 73 42.09 -7.81 6.88
C CYS A 73 41.95 -6.31 6.61
N ILE A 74 40.77 -5.89 6.16
CA ILE A 74 40.54 -4.47 5.87
C ILE A 74 40.73 -3.64 7.13
N ALA A 75 40.34 -4.19 8.29
CA ALA A 75 40.43 -3.42 9.53
C ALA A 75 41.85 -2.97 9.81
N VAL A 76 42.84 -3.80 9.46
CA VAL A 76 44.25 -3.48 9.71
C VAL A 76 44.91 -2.87 8.48
N GLY A 77 44.14 -2.54 7.45
CA GLY A 77 44.67 -1.91 6.25
C GLY A 77 45.18 -2.86 5.18
N ALA A 78 45.04 -4.17 5.38
CA ALA A 78 45.36 -5.13 4.34
C ALA A 78 44.28 -5.10 3.25
N ILE A 79 44.62 -5.68 2.10
CA ILE A 79 43.81 -5.61 0.91
C ILE A 79 43.43 -7.03 0.50
N PRO A 80 42.23 -7.49 0.86
CA PRO A 80 41.86 -8.88 0.58
C PRO A 80 41.18 -9.09 -0.76
N ALA A 81 41.20 -10.34 -1.20
CA ALA A 81 40.50 -10.81 -2.38
C ALA A 81 39.99 -12.21 -2.09
N VAL A 82 38.72 -12.44 -2.41
CA VAL A 82 38.08 -13.74 -2.20
C VAL A 82 37.98 -14.43 -3.56
N ILE A 83 38.54 -15.63 -3.66
CA ILE A 83 38.53 -16.39 -4.90
C ILE A 83 37.98 -17.80 -4.66
N ASN A 84 37.68 -18.47 -5.76
CA ASN A 84 37.16 -19.84 -5.73
C ASN A 84 38.06 -20.74 -4.88
N PRO A 85 37.54 -21.36 -3.82
CA PRO A 85 38.37 -22.28 -3.03
C PRO A 85 38.81 -23.52 -3.80
N LYS A 86 38.08 -23.88 -4.87
CA LYS A 86 38.45 -25.02 -5.70
C LYS A 86 39.20 -24.59 -6.97
N SER A 87 39.85 -23.41 -6.94
CA SER A 87 40.70 -22.98 -8.03
C SER A 87 41.80 -23.99 -8.28
N ARG A 88 42.17 -24.18 -9.55
CA ARG A 88 43.34 -24.97 -9.85
C ARG A 88 44.55 -24.34 -9.18
N GLU A 89 45.57 -25.15 -8.92
CA GLU A 89 46.76 -24.63 -8.24
C GLU A 89 47.39 -23.48 -9.03
N GLN A 90 47.51 -23.65 -10.36
CA GLN A 90 48.12 -22.61 -11.19
C GLN A 90 47.30 -21.33 -11.20
N ALA A 91 45.97 -21.44 -11.17
CA ALA A 91 45.13 -20.25 -11.17
C ALA A 91 45.31 -19.48 -9.87
N LEU A 92 45.39 -20.19 -8.75
CA LEU A 92 45.60 -19.54 -7.47
C LEU A 92 46.95 -18.84 -7.43
N ALA A 93 47.99 -19.46 -7.99
CA ALA A 93 49.31 -18.84 -8.03
C ALA A 93 49.31 -17.60 -8.93
N ASP A 94 48.64 -17.67 -10.08
CA ASP A 94 48.61 -16.52 -10.99
C ASP A 94 47.95 -15.31 -10.34
N ILE A 95 46.90 -15.54 -9.55
CA ILE A 95 46.23 -14.44 -8.87
C ILE A 95 47.10 -13.91 -7.74
N ALA A 96 47.63 -14.80 -6.91
CA ALA A 96 48.51 -14.37 -5.82
C ALA A 96 49.74 -13.65 -6.34
N ALA A 97 50.24 -14.05 -7.51
CA ALA A 97 51.38 -13.34 -8.10
C ALA A 97 50.96 -11.96 -8.60
N ASP A 98 49.78 -11.86 -9.21
CA ASP A 98 49.38 -10.58 -9.78
C ASP A 98 49.25 -9.50 -8.72
N CYS A 99 48.72 -9.86 -7.55
CA CYS A 99 48.57 -8.88 -6.47
C CYS A 99 49.68 -9.01 -5.44
N GLN A 100 50.72 -9.79 -5.72
CA GLN A 100 51.88 -9.90 -4.83
C GLN A 100 51.42 -10.14 -3.41
N ALA A 101 50.54 -11.13 -3.26
CA ALA A 101 49.98 -11.46 -1.96
C ALA A 101 51.08 -11.78 -0.96
N SER A 102 50.90 -11.30 0.28
CA SER A 102 51.72 -11.75 1.40
C SER A 102 51.16 -12.98 2.06
N LEU A 103 49.86 -13.22 1.94
CA LEU A 103 49.21 -14.30 2.68
C LEU A 103 48.09 -14.89 1.83
N VAL A 104 47.96 -16.21 1.92
CA VAL A 104 46.85 -16.94 1.32
C VAL A 104 46.25 -17.82 2.39
N VAL A 105 44.93 -17.78 2.53
CA VAL A 105 44.22 -18.60 3.52
C VAL A 105 43.37 -19.60 2.74
N ARG A 106 43.60 -20.88 3.00
CA ARG A 106 43.03 -21.95 2.21
C ARG A 106 42.26 -22.92 3.09
N GLU A 107 41.58 -23.84 2.41
CA GLU A 107 40.83 -24.87 3.09
C GLU A 107 41.79 -25.87 3.75
N ALA A 108 41.26 -26.62 4.70
CA ALA A 108 42.07 -27.64 5.36
C ALA A 108 42.65 -28.60 4.33
N ASP A 109 43.88 -29.03 4.57
CA ASP A 109 44.61 -29.98 3.74
C ASP A 109 45.07 -29.41 2.41
N ALA A 110 44.87 -28.12 2.16
CA ALA A 110 45.28 -27.55 0.88
C ALA A 110 46.80 -27.51 0.75
N PRO A 111 47.32 -27.62 -0.48
CA PRO A 111 48.77 -27.54 -0.69
C PRO A 111 49.31 -26.15 -0.44
N SER A 112 50.61 -26.11 -0.12
CA SER A 112 51.32 -24.85 0.04
C SER A 112 51.61 -24.23 -1.33
N LEU A 113 51.60 -22.90 -1.36
CA LEU A 113 51.91 -22.16 -2.58
C LEU A 113 53.41 -22.06 -2.74
N SER A 114 53.88 -22.19 -3.98
CA SER A 114 55.30 -22.13 -4.28
C SER A 114 55.56 -21.19 -5.45
N GLY A 115 56.82 -21.09 -5.84
CA GLY A 115 57.22 -20.18 -6.88
C GLY A 115 57.88 -18.94 -6.32
N PRO A 116 58.33 -18.06 -7.22
CA PRO A 116 59.00 -16.83 -6.78
C PRO A 116 58.11 -16.01 -5.84
N LEU A 117 58.69 -15.59 -4.71
CA LEU A 117 57.99 -14.74 -3.74
C LEU A 117 56.65 -15.33 -3.33
N ALA A 118 56.60 -16.64 -3.15
CA ALA A 118 55.34 -17.29 -2.84
C ALA A 118 54.82 -16.78 -1.50
N PRO A 119 53.51 -16.60 -1.35
CA PRO A 119 52.98 -16.16 -0.04
C PRO A 119 53.01 -17.25 1.01
N LEU A 120 52.93 -16.79 2.27
CA LEU A 120 52.62 -17.64 3.41
C LEU A 120 51.23 -18.26 3.25
N THR A 121 51.12 -19.55 3.51
CA THR A 121 49.84 -20.25 3.41
C THR A 121 49.40 -20.70 4.79
N LEU A 122 48.21 -20.27 5.21
CA LEU A 122 47.56 -20.74 6.42
C LEU A 122 46.28 -21.45 6.03
N ARG A 123 45.85 -22.39 6.86
CA ARG A 123 44.70 -23.23 6.57
C ARG A 123 43.63 -23.06 7.62
N ALA A 124 42.38 -23.19 7.17
CA ALA A 124 41.26 -23.27 8.09
C ALA A 124 41.33 -24.55 8.90
N ALA A 125 40.57 -24.58 10.00
CA ALA A 125 40.50 -25.78 10.82
C ALA A 125 39.53 -26.78 10.22
N ALA A 126 39.79 -28.06 10.44
CA ALA A 126 38.83 -29.08 10.07
C ALA A 126 37.64 -29.05 11.01
N GLY A 127 36.50 -29.47 10.50
CA GLY A 127 35.29 -29.53 11.29
C GLY A 127 34.36 -28.35 11.10
N ARG A 128 34.71 -27.42 10.22
CA ARG A 128 33.83 -26.31 9.86
C ARG A 128 33.26 -25.60 11.09
N PRO A 129 34.12 -25.11 11.98
CA PRO A 129 33.63 -24.38 13.15
C PRO A 129 32.97 -23.07 12.77
N LEU A 130 32.04 -22.63 13.62
CA LEU A 130 31.33 -21.38 13.36
C LEU A 130 32.31 -20.23 13.20
N LEU A 131 33.34 -20.18 14.04
CA LEU A 131 34.39 -19.18 13.94
C LEU A 131 35.72 -19.89 13.94
N ASP A 132 36.63 -19.44 13.09
CA ASP A 132 37.91 -20.10 12.86
C ASP A 132 39.04 -19.11 13.11
N ASP A 133 40.07 -19.57 13.81
CA ASP A 133 41.24 -18.74 14.04
C ASP A 133 42.27 -18.89 12.93
N PHE A 134 42.05 -19.81 11.98
CA PHE A 134 42.94 -20.00 10.85
C PHE A 134 44.38 -20.16 11.32
N SER A 135 44.54 -20.78 12.49
CA SER A 135 45.82 -21.10 13.11
C SER A 135 46.54 -19.86 13.60
N LEU A 136 45.87 -18.70 13.64
CA LEU A 136 46.55 -17.49 14.07
C LEU A 136 46.96 -17.60 15.53
N ASP A 137 46.16 -18.28 16.35
CA ASP A 137 46.51 -18.45 17.76
C ASP A 137 47.90 -19.06 17.90
N ALA A 138 48.21 -20.05 17.07
CA ALA A 138 49.51 -20.71 17.15
C ALA A 138 50.63 -19.93 16.47
N LEU A 139 50.31 -19.04 15.51
CA LEU A 139 51.33 -18.34 14.75
C LEU A 139 51.81 -17.05 15.41
N VAL A 140 50.89 -16.24 15.94
CA VAL A 140 51.23 -14.94 16.52
C VAL A 140 50.74 -14.79 17.94
N GLY A 141 50.14 -15.83 18.52
CA GLY A 141 49.61 -15.78 19.87
C GLY A 141 48.16 -15.35 19.90
N PRO A 142 47.53 -15.47 21.06
CA PRO A 142 46.12 -15.08 21.18
C PRO A 142 45.93 -13.58 20.96
N ALA A 143 44.67 -13.21 20.73
CA ALA A 143 44.31 -11.86 20.36
C ALA A 143 44.33 -10.91 21.56
N ASP A 144 44.46 -9.62 21.24
CA ASP A 144 44.20 -8.57 22.22
C ASP A 144 42.72 -8.58 22.60
N LEU A 145 42.40 -7.92 23.70
CA LEU A 145 41.04 -7.97 24.25
C LEU A 145 40.14 -6.83 23.79
N ASP A 146 40.70 -5.65 23.53
CA ASP A 146 39.92 -4.46 23.17
C ASP A 146 40.63 -3.71 22.05
N TRP A 147 40.82 -4.38 20.94
CA TRP A 147 41.55 -3.82 19.80
C TRP A 147 40.67 -2.82 19.06
N SER A 148 41.28 -1.70 18.63
CA SER A 148 40.56 -0.70 17.85
C SER A 148 41.51 0.11 16.96
N ALA A 149 42.64 -0.48 16.58
CA ALA A 149 43.68 0.24 15.85
C ALA A 149 43.44 0.17 14.33
N PHE A 150 42.25 0.61 13.91
CA PHE A 150 41.91 0.62 12.49
C PHE A 150 42.95 1.43 11.72
N HIS A 151 43.34 0.91 10.56
CA HIS A 151 44.17 1.68 9.63
C HIS A 151 43.26 2.50 8.72
N ARG A 152 43.34 3.82 8.85
CA ARG A 152 42.45 4.72 8.14
C ARG A 152 43.21 5.39 6.99
N GLN A 153 42.55 5.49 5.84
CA GLN A 153 43.18 5.91 4.60
C GLN A 153 42.19 6.73 3.79
N ASP A 154 42.66 7.28 2.68
CA ASP A 154 41.80 8.06 1.81
C ASP A 154 40.62 7.19 1.35
N PRO A 155 39.38 7.70 1.41
CA PRO A 155 38.25 6.88 0.96
C PRO A 155 38.34 6.42 -0.49
N ALA A 156 39.17 7.04 -1.33
CA ALA A 156 39.29 6.62 -2.72
C ALA A 156 40.32 5.51 -2.91
N ALA A 157 41.14 5.21 -1.91
CA ALA A 157 42.20 4.23 -2.05
C ALA A 157 41.62 2.81 -2.09
N ALA A 158 42.38 1.90 -2.71
CA ALA A 158 41.98 0.50 -2.75
C ALA A 158 42.02 -0.10 -1.35
N CYS A 159 40.98 -0.83 -0.97
CA CYS A 159 41.06 -1.63 0.25
C CYS A 159 40.66 -3.09 0.07
N PHE A 160 40.03 -3.48 -1.04
CA PHE A 160 40.00 -4.90 -1.40
C PHE A 160 40.00 -5.00 -2.92
N LEU A 161 40.23 -6.22 -3.40
CA LEU A 161 40.29 -6.55 -4.82
C LEU A 161 39.23 -7.58 -5.15
N GLN A 162 38.78 -7.55 -6.41
CA GLN A 162 37.90 -8.60 -6.95
C GLN A 162 38.49 -9.11 -8.25
N TYR A 163 38.78 -10.40 -8.31
CA TYR A 163 39.18 -11.05 -9.55
C TYR A 163 37.96 -11.75 -10.13
N THR A 164 37.65 -11.47 -11.39
CA THR A 164 36.49 -12.08 -12.02
C THR A 164 36.84 -13.50 -12.46
N THR A 168 39.47 -15.90 -18.24
CA THR A 168 40.25 -16.90 -18.97
C THR A 168 41.68 -16.41 -19.18
N GLY A 169 41.83 -15.10 -19.44
CA GLY A 169 43.13 -14.52 -19.65
C GLY A 169 43.88 -14.28 -18.36
N ALA A 170 45.09 -13.74 -18.49
CA ALA A 170 45.93 -13.44 -17.34
C ALA A 170 45.11 -12.65 -16.32
N PRO A 171 45.00 -13.11 -15.08
CA PRO A 171 44.02 -12.50 -14.16
C PRO A 171 44.30 -11.02 -13.94
N LYS A 172 43.22 -10.27 -13.76
CA LYS A 172 43.27 -8.85 -13.47
C LYS A 172 42.51 -8.59 -12.18
N GLY A 173 43.06 -7.73 -11.32
CA GLY A 173 42.43 -7.39 -10.07
C GLY A 173 41.74 -6.04 -10.14
N VAL A 174 40.42 -6.06 -9.93
CA VAL A 174 39.64 -4.83 -9.83
C VAL A 174 39.83 -4.24 -8.44
N MET A 175 40.25 -2.98 -8.37
CA MET A 175 40.34 -2.29 -7.10
C MET A 175 38.96 -1.75 -6.70
N HIS A 176 38.62 -1.93 -5.43
CA HIS A 176 37.44 -1.34 -4.83
C HIS A 176 37.83 -0.53 -3.60
N SER A 177 37.30 0.67 -3.48
CA SER A 177 37.62 1.61 -2.42
C SER A 177 36.45 1.74 -1.44
N LEU A 178 36.75 2.30 -0.28
CA LEU A 178 35.68 2.62 0.67
C LEU A 178 34.58 3.39 -0.04
N ARG A 179 34.96 4.38 -0.86
CA ARG A 179 33.97 5.28 -1.43
C ARG A 179 33.06 4.57 -2.44
N ASN A 180 33.63 3.80 -3.37
CA ASN A 180 32.76 3.20 -4.37
C ASN A 180 32.08 1.92 -3.86
N THR A 181 32.59 1.32 -2.78
CA THR A 181 31.87 0.22 -2.15
C THR A 181 30.61 0.72 -1.47
N LEU A 182 30.72 1.75 -0.63
CA LEU A 182 29.52 2.37 -0.12
C LEU A 182 28.65 2.88 -1.25
N GLY A 183 29.28 3.23 -2.37
CA GLY A 183 28.52 3.71 -3.52
C GLY A 183 27.60 2.64 -4.09
N PHE A 184 28.13 1.43 -4.32
CA PHE A 184 27.28 0.41 -4.95
C PHE A 184 26.31 -0.22 -3.95
N CYS A 185 26.63 -0.20 -2.65
CA CYS A 185 25.66 -0.67 -1.66
C CYS A 185 24.46 0.26 -1.56
N ARG A 186 24.73 1.57 -1.44
CA ARG A 186 23.65 2.53 -1.32
C ARG A 186 22.70 2.44 -2.52
N ALA A 187 23.27 2.39 -3.72
CA ALA A 187 22.43 2.41 -4.91
C ALA A 187 21.58 1.15 -5.01
N PHE A 188 22.14 -0.01 -4.67
CA PHE A 188 21.38 -1.25 -4.87
C PHE A 188 20.60 -1.63 -3.61
N ALA A 189 21.28 -1.72 -2.47
CA ALA A 189 20.63 -2.22 -1.26
C ALA A 189 19.60 -1.23 -0.72
N THR A 190 19.89 0.07 -0.81
CA THR A 190 18.95 1.07 -0.30
C THR A 190 17.97 1.54 -1.37
N GLU A 191 18.49 2.08 -2.47
CA GLU A 191 17.66 2.83 -3.40
C GLU A 191 16.85 1.92 -4.31
N LEU A 192 17.40 0.79 -4.72
CA LEU A 192 16.67 -0.13 -5.58
C LEU A 192 15.83 -1.10 -4.77
N LEU A 193 16.48 -1.86 -3.88
CA LEU A 193 15.81 -2.93 -3.14
C LEU A 193 15.20 -2.47 -1.82
N ALA A 194 15.68 -1.36 -1.26
CA ALA A 194 15.16 -0.84 0.01
C ALA A 194 15.15 -1.93 1.08
N LEU A 195 16.27 -2.63 1.22
CA LEU A 195 16.37 -3.68 2.22
C LEU A 195 16.11 -3.16 3.62
N GLN A 196 15.43 -3.97 4.41
CA GLN A 196 15.01 -3.58 5.76
C GLN A 196 15.81 -4.33 6.81
N ALA A 197 16.01 -3.67 7.95
CA ALA A 197 16.60 -4.34 9.09
C ALA A 197 15.80 -5.59 9.41
N GLY A 198 16.51 -6.70 9.63
CA GLY A 198 15.90 -7.99 9.88
C GLY A 198 15.63 -8.83 8.65
N ASP A 199 15.63 -8.24 7.46
CA ASP A 199 15.44 -8.99 6.23
C ASP A 199 16.45 -10.13 6.12
N ARG A 200 15.95 -11.34 5.93
CA ARG A 200 16.79 -12.52 5.77
C ARG A 200 17.10 -12.72 4.29
N LEU A 201 18.38 -12.62 3.92
CA LEU A 201 18.83 -12.70 2.54
C LEU A 201 19.50 -14.05 2.28
N TYR A 202 19.35 -14.55 1.05
CA TYR A 202 19.98 -15.80 0.64
C TYR A 202 20.49 -15.59 -0.78
N SER A 203 21.81 -15.59 -0.92
CA SER A 203 22.46 -15.47 -2.22
C SER A 203 23.05 -16.83 -2.56
N ILE A 204 22.63 -17.39 -3.68
CA ILE A 204 23.14 -18.70 -4.11
C ILE A 204 24.54 -18.52 -4.68
N PRO A 205 24.82 -17.51 -5.50
CA PRO A 205 26.22 -17.29 -5.92
C PRO A 205 27.11 -16.96 -4.72
N LYS A 206 28.32 -17.51 -4.74
CA LYS A 206 29.23 -17.44 -3.61
C LYS A 206 29.98 -16.10 -3.58
N MET A 207 30.72 -15.89 -2.49
CA MET A 207 31.38 -14.60 -2.26
C MET A 207 32.63 -14.39 -3.10
N PHE A 208 33.14 -15.41 -3.78
CA PHE A 208 34.20 -15.18 -4.77
C PHE A 208 33.67 -14.62 -6.08
N PHE A 209 32.36 -14.44 -6.18
CA PHE A 209 31.73 -13.71 -7.28
CA PHE A 209 31.74 -13.71 -7.28
C PHE A 209 31.27 -12.37 -6.74
N GLY A 210 31.61 -11.29 -7.46
CA GLY A 210 31.26 -9.95 -6.99
C GLY A 210 29.80 -9.83 -6.58
N TYR A 211 28.91 -10.42 -7.38
CA TYR A 211 27.49 -10.45 -7.05
C TYR A 211 27.28 -11.01 -5.65
N GLY A 212 27.90 -12.15 -5.36
CA GLY A 212 27.75 -12.76 -4.06
C GLY A 212 28.43 -11.98 -2.94
N MET A 213 29.56 -11.33 -3.24
CA MET A 213 30.23 -10.55 -2.20
C MET A 213 29.32 -9.43 -1.68
N GLY A 214 28.67 -8.71 -2.60
CA GLY A 214 27.71 -7.71 -2.17
C GLY A 214 26.52 -8.31 -1.43
N ASN A 215 25.92 -9.34 -2.02
CA ASN A 215 24.71 -9.94 -1.46
C ASN A 215 24.93 -10.45 -0.04
N SER A 216 25.99 -11.24 0.16
CA SER A 216 26.17 -11.96 1.41
C SER A 216 27.09 -11.27 2.40
N LEU A 217 28.17 -10.66 1.93
CA LEU A 217 29.16 -10.08 2.83
C LEU A 217 28.75 -8.69 3.30
N PHE A 218 28.47 -7.78 2.37
CA PHE A 218 28.30 -6.37 2.69
C PHE A 218 26.87 -5.99 3.10
N PHE A 219 25.87 -6.41 2.33
CA PHE A 219 24.51 -5.93 2.58
C PHE A 219 24.00 -6.23 3.98
N PRO A 220 24.30 -7.38 4.59
CA PRO A 220 23.89 -7.56 6.00
C PRO A 220 24.39 -6.44 6.90
N TRP A 221 25.67 -6.09 6.81
CA TRP A 221 26.19 -4.98 7.59
C TRP A 221 25.54 -3.67 7.17
N PHE A 222 25.43 -3.46 5.85
CA PHE A 222 25.06 -2.14 5.34
C PHE A 222 23.60 -1.82 5.64
N SER A 223 22.71 -2.81 5.59
CA SER A 223 21.29 -2.56 5.74
C SER A 223 20.69 -3.15 7.01
N GLY A 224 21.49 -3.79 7.86
CA GLY A 224 20.97 -4.40 9.07
C GLY A 224 20.27 -5.71 8.81
N ALA A 225 20.52 -6.33 7.67
CA ALA A 225 19.93 -7.59 7.30
C ALA A 225 20.90 -8.72 7.63
N SER A 226 20.49 -9.94 7.30
CA SER A 226 21.27 -11.14 7.58
CA SER A 226 21.29 -11.12 7.58
C SER A 226 21.29 -12.02 6.35
N ALA A 227 22.34 -12.81 6.22
CA ALA A 227 22.53 -13.65 5.04
C ALA A 227 22.86 -15.07 5.44
N LEU A 228 22.26 -16.01 4.74
CA LEU A 228 22.59 -17.41 4.91
C LEU A 228 23.88 -17.72 4.14
N LEU A 229 24.85 -18.30 4.82
CA LEU A 229 26.12 -18.66 4.21
C LEU A 229 26.24 -20.17 4.18
N ASP A 230 26.64 -20.72 3.04
CA ASP A 230 26.70 -22.16 2.86
C ASP A 230 28.02 -22.50 2.16
N ASP A 231 28.81 -23.37 2.77
CA ASP A 231 30.12 -23.71 2.24
C ASP A 231 30.09 -24.90 1.30
N THR A 232 28.92 -25.47 1.01
CA THR A 232 28.80 -26.54 0.03
C THR A 232 28.27 -25.98 -1.28
N TRP A 233 28.52 -26.70 -2.37
CA TRP A 233 28.11 -26.18 -3.66
C TRP A 233 26.60 -26.24 -3.81
N PRO A 234 25.99 -25.26 -4.48
CA PRO A 234 24.52 -25.14 -4.52
C PRO A 234 23.83 -26.02 -5.58
N SER A 235 23.69 -27.30 -5.28
CA SER A 235 22.86 -28.17 -6.08
CA SER A 235 22.86 -28.16 -6.09
C SER A 235 21.39 -27.85 -5.80
N PRO A 236 20.50 -28.13 -6.75
CA PRO A 236 19.08 -27.89 -6.46
C PRO A 236 18.61 -28.55 -5.18
N GLU A 237 19.18 -29.72 -4.85
CA GLU A 237 18.83 -30.40 -3.60
C GLU A 237 19.25 -29.59 -2.38
N ARG A 238 20.47 -29.05 -2.40
CA ARG A 238 20.95 -28.23 -1.30
C ARG A 238 20.24 -26.88 -1.23
N VAL A 239 20.03 -26.24 -2.37
CA VAL A 239 19.33 -24.95 -2.39
C VAL A 239 17.96 -25.08 -1.73
N LEU A 240 17.21 -26.14 -2.07
CA LEU A 240 15.87 -26.29 -1.54
C LEU A 240 15.89 -26.52 -0.03
N GLU A 241 16.76 -27.42 0.45
CA GLU A 241 16.84 -27.62 1.90
C GLU A 241 17.15 -26.30 2.60
N ASN A 242 18.08 -25.51 2.07
CA ASN A 242 18.38 -24.22 2.68
C ASN A 242 17.15 -23.31 2.64
N LEU A 243 16.39 -23.36 1.56
CA LEU A 243 15.16 -22.57 1.49
C LEU A 243 14.20 -22.97 2.59
N VAL A 244 14.08 -24.26 2.87
CA VAL A 244 13.09 -24.74 3.83
C VAL A 244 13.52 -24.40 5.24
N ALA A 245 14.82 -24.51 5.51
CA ALA A 245 15.33 -24.27 6.86
C ALA A 245 15.46 -22.78 7.16
N PHE A 246 15.77 -21.96 6.15
CA PHE A 246 16.07 -20.55 6.38
C PHE A 246 14.91 -19.61 6.05
N ARG A 247 14.09 -19.97 5.07
CA ARG A 247 12.93 -19.18 4.68
C ARG A 247 13.30 -17.70 4.44
N PRO A 248 14.21 -17.43 3.50
CA PRO A 248 14.60 -16.04 3.23
C PRO A 248 13.47 -15.22 2.64
N ARG A 249 13.54 -13.91 2.89
CA ARG A 249 12.66 -12.95 2.23
C ARG A 249 13.21 -12.47 0.89
N VAL A 250 14.53 -12.37 0.73
CA VAL A 250 15.15 -11.90 -0.51
C VAL A 250 16.05 -13.00 -1.03
N LEU A 251 15.82 -13.43 -2.28
CA LEU A 251 16.64 -14.44 -2.95
C LEU A 251 17.44 -13.81 -4.07
N PHE A 252 18.75 -14.02 -4.07
CA PHE A 252 19.62 -13.56 -5.14
C PHE A 252 19.99 -14.78 -5.98
N GLY A 253 19.45 -14.86 -7.19
CA GLY A 253 19.70 -16.00 -8.05
C GLY A 253 20.21 -15.59 -9.43
N VAL A 254 20.20 -16.55 -10.36
CA VAL A 254 20.53 -16.31 -11.76
C VAL A 254 19.51 -17.04 -12.61
N PRO A 255 19.43 -16.78 -13.92
CA PRO A 255 18.36 -17.40 -14.72
C PRO A 255 18.30 -18.93 -14.62
N ALA A 256 19.44 -19.61 -14.66
CA ALA A 256 19.38 -21.07 -14.61
C ALA A 256 18.91 -21.56 -13.25
N ILE A 257 19.22 -20.81 -12.18
CA ILE A 257 18.76 -21.18 -10.85
C ILE A 257 17.25 -21.11 -10.77
N TYR A 258 16.67 -20.03 -11.30
CA TYR A 258 15.22 -19.94 -11.30
C TYR A 258 14.60 -21.02 -12.17
N ALA A 259 15.21 -21.33 -13.30
CA ALA A 259 14.71 -22.45 -14.11
C ALA A 259 14.73 -23.74 -13.31
N SER A 260 15.81 -24.00 -12.56
CA SER A 260 15.90 -25.24 -11.80
C SER A 260 14.96 -25.27 -10.61
N LEU A 261 14.52 -24.12 -10.12
CA LEU A 261 13.65 -24.06 -8.95
C LEU A 261 12.17 -24.19 -9.30
N ARG A 262 11.83 -24.25 -10.59
CA ARG A 262 10.43 -24.33 -11.00
C ARG A 262 9.66 -25.44 -10.33
N PRO A 263 10.14 -26.68 -10.25
CA PRO A 263 9.36 -27.74 -9.59
C PRO A 263 9.21 -27.53 -8.09
N GLN A 264 9.81 -26.50 -7.50
CA GLN A 264 9.68 -26.20 -6.09
C GLN A 264 9.07 -24.83 -5.87
N ALA A 265 8.26 -24.37 -6.83
CA ALA A 265 7.72 -23.01 -6.74
C ALA A 265 7.00 -22.78 -5.43
N ARG A 266 6.19 -23.74 -5.00
CA ARG A 266 5.40 -23.56 -3.78
C ARG A 266 6.29 -23.29 -2.58
N GLU A 267 7.35 -24.08 -2.41
CA GLU A 267 8.22 -23.88 -1.26
C GLU A 267 8.87 -22.51 -1.30
N LEU A 268 9.33 -22.08 -2.48
CA LEU A 268 9.95 -20.76 -2.58
C LEU A 268 8.95 -19.67 -2.24
N LEU A 269 7.73 -19.76 -2.78
CA LEU A 269 6.71 -18.74 -2.53
C LEU A 269 6.33 -18.63 -1.06
N SER A 270 6.69 -19.62 -0.23
CA SER A 270 6.33 -19.58 1.19
C SER A 270 7.07 -18.46 1.92
N SER A 271 8.23 -18.04 1.42
CA SER A 271 9.06 -17.04 2.09
C SER A 271 9.51 -15.91 1.17
N VAL A 272 9.85 -16.20 -0.08
CA VAL A 272 10.53 -15.22 -0.93
C VAL A 272 9.52 -14.19 -1.41
N ARG A 273 9.77 -12.92 -1.05
CA ARG A 273 8.97 -11.81 -1.52
C ARG A 273 9.69 -10.95 -2.54
N LEU A 274 11.02 -11.01 -2.59
CA LEU A 274 11.82 -10.27 -3.57
C LEU A 274 12.80 -11.23 -4.22
N ALA A 275 12.62 -11.50 -5.50
CA ALA A 275 13.45 -12.42 -6.27
C ALA A 275 14.30 -11.61 -7.24
N PHE A 276 15.62 -11.77 -7.14
CA PHE A 276 16.53 -11.09 -8.05
C PHE A 276 17.29 -12.10 -8.90
N SER A 277 17.62 -11.68 -10.13
CA SER A 277 18.41 -12.45 -11.06
C SER A 277 19.45 -11.55 -11.68
N ALA A 278 20.68 -12.04 -11.78
CA ALA A 278 21.77 -11.32 -12.42
C ALA A 278 22.70 -12.34 -13.06
N GLY A 279 23.73 -11.83 -13.75
CA GLY A 279 24.71 -12.70 -14.37
C GLY A 279 24.50 -12.88 -15.86
N SER A 280 23.25 -13.07 -16.26
CA SER A 280 22.90 -13.27 -17.67
C SER A 280 21.45 -12.88 -17.85
N PRO A 281 21.00 -12.69 -19.08
CA PRO A 281 19.63 -12.20 -19.28
C PRO A 281 18.59 -13.21 -18.81
N LEU A 282 17.58 -12.70 -18.11
CA LEU A 282 16.46 -13.53 -17.68
C LEU A 282 15.52 -13.75 -18.85
N PRO A 283 15.32 -14.98 -19.31
CA PRO A 283 14.41 -15.19 -20.44
C PRO A 283 12.99 -14.78 -20.08
N ARG A 284 12.27 -14.26 -21.08
CA ARG A 284 10.85 -13.95 -20.87
C ARG A 284 10.13 -15.16 -20.29
N GLY A 285 10.42 -16.35 -20.83
CA GLY A 285 9.74 -17.54 -20.37
C GLY A 285 9.91 -17.77 -18.88
N GLU A 286 11.09 -17.45 -18.35
CA GLU A 286 11.30 -17.59 -16.93
C GLU A 286 10.52 -16.54 -16.16
N PHE A 287 10.59 -15.29 -16.62
CA PHE A 287 9.89 -14.21 -15.94
C PHE A 287 8.39 -14.51 -15.81
N GLU A 288 7.78 -15.01 -16.88
CA GLU A 288 6.33 -15.22 -16.88
C GLU A 288 5.92 -16.48 -16.12
N PHE A 289 6.74 -17.54 -16.13
CA PHE A 289 6.42 -18.70 -15.31
C PHE A 289 6.25 -18.30 -13.85
N TRP A 290 7.20 -17.51 -13.33
CA TRP A 290 7.11 -17.13 -11.93
C TRP A 290 6.04 -16.07 -11.69
N ALA A 291 5.81 -15.19 -12.66
CA ALA A 291 4.68 -14.28 -12.57
C ALA A 291 3.37 -15.03 -12.40
N ALA A 292 3.22 -16.16 -13.11
CA ALA A 292 2.01 -16.97 -12.98
C ALA A 292 1.85 -17.52 -11.57
N HIS A 293 2.95 -17.73 -10.86
CA HIS A 293 2.92 -18.22 -9.49
C HIS A 293 2.92 -17.08 -8.48
N GLY A 294 2.81 -15.84 -8.95
CA GLY A 294 2.76 -14.70 -8.06
C GLY A 294 4.11 -14.19 -7.62
N LEU A 295 5.18 -14.54 -8.32
CA LEU A 295 6.52 -14.08 -7.99
C LEU A 295 7.08 -13.23 -9.12
N GLU A 296 7.44 -12.00 -8.80
CA GLU A 296 8.14 -11.12 -9.72
C GLU A 296 9.63 -11.39 -9.61
N ILE A 297 10.27 -11.70 -10.73
CA ILE A 297 11.72 -11.83 -10.77
C ILE A 297 12.31 -10.59 -11.42
N CYS A 298 13.21 -9.94 -10.69
CA CYS A 298 13.81 -8.67 -11.09
C CYS A 298 15.18 -8.92 -11.70
N ASP A 299 15.30 -8.63 -13.00
CA ASP A 299 16.55 -8.81 -13.73
C ASP A 299 17.40 -7.54 -13.66
N GLY A 300 18.66 -7.70 -13.24
CA GLY A 300 19.60 -6.60 -13.25
C GLY A 300 20.99 -7.04 -13.65
N ILE A 301 21.77 -6.11 -14.19
CA ILE A 301 23.13 -6.36 -14.63
C ILE A 301 24.09 -5.68 -13.67
N GLY A 302 25.14 -6.42 -13.27
CA GLY A 302 26.28 -5.82 -12.61
C GLY A 302 27.56 -6.31 -13.29
N ALA A 303 28.67 -5.69 -12.92
CA ALA A 303 29.98 -6.09 -13.41
C ALA A 303 31.01 -5.79 -12.34
N THR A 304 32.04 -6.64 -12.26
CA THR A 304 33.03 -6.49 -11.22
C THR A 304 33.59 -5.07 -11.22
N GLU A 305 33.86 -4.53 -12.41
CA GLU A 305 34.46 -3.21 -12.50
C GLU A 305 33.53 -2.11 -11.99
N VAL A 306 32.26 -2.40 -11.74
CA VAL A 306 31.27 -1.44 -11.26
C VAL A 306 30.76 -1.81 -9.87
N GLY A 307 31.36 -2.78 -9.20
CA GLY A 307 30.97 -3.06 -7.83
C GLY A 307 29.78 -3.99 -7.71
N HIS A 308 28.65 -3.63 -8.29
CA HIS A 308 27.48 -4.50 -8.21
C HIS A 308 26.49 -4.13 -9.32
N VAL A 309 25.20 -4.37 -9.07
CA VAL A 309 24.17 -4.09 -10.06
C VAL A 309 24.06 -2.58 -10.24
N PHE A 310 24.10 -2.13 -11.50
CA PHE A 310 24.00 -0.73 -11.83
C PHE A 310 22.83 -0.39 -12.75
N LEU A 311 22.14 -1.40 -13.28
CA LEU A 311 21.05 -1.21 -14.22
C LEU A 311 20.10 -2.38 -14.02
N ALA A 312 18.85 -2.11 -13.63
CA ALA A 312 18.00 -3.21 -13.19
C ALA A 312 16.53 -2.82 -13.25
N ASN A 313 15.70 -3.85 -13.33
CA ASN A 313 14.27 -3.70 -13.12
C ASN A 313 14.00 -3.37 -11.67
N ARG A 314 13.15 -2.37 -11.43
CA ARG A 314 12.81 -1.95 -10.08
C ARG A 314 11.73 -2.85 -9.50
N PRO A 315 11.85 -3.27 -8.24
CA PRO A 315 10.79 -4.08 -7.64
C PRO A 315 9.41 -3.45 -7.79
N GLY A 316 8.45 -4.26 -8.23
CA GLY A 316 7.10 -3.81 -8.49
C GLY A 316 6.85 -3.23 -9.86
N GLN A 317 7.90 -3.03 -10.67
CA GLN A 317 7.75 -2.46 -12.01
C GLN A 317 8.55 -3.26 -13.04
N ALA A 318 8.88 -4.50 -12.73
CA ALA A 318 9.72 -5.31 -13.60
C ALA A 318 8.98 -5.71 -14.87
N ARG A 319 9.74 -5.91 -15.94
CA ARG A 319 9.18 -6.33 -17.22
C ARG A 319 10.02 -7.45 -17.82
N ALA A 320 9.34 -8.36 -18.51
CA ALA A 320 9.99 -9.48 -19.16
C ALA A 320 10.88 -8.99 -20.30
N ASP A 321 11.95 -9.74 -20.57
CA ASP A 321 12.86 -9.43 -21.68
C ASP A 321 13.37 -8.00 -21.56
N SER A 322 13.93 -7.68 -20.40
CA SER A 322 14.41 -6.34 -20.12
C SER A 322 15.37 -6.36 -18.93
N THR A 323 16.37 -5.47 -19.00
CA THR A 323 17.30 -5.23 -17.90
C THR A 323 16.92 -4.05 -17.03
N GLY A 324 15.88 -3.31 -17.39
CA GLY A 324 15.39 -2.23 -16.56
C GLY A 324 16.08 -0.90 -16.77
N LEU A 325 16.27 -0.14 -15.68
CA LEU A 325 16.73 1.23 -15.75
C LEU A 325 18.03 1.40 -14.98
N PRO A 326 18.86 2.37 -15.35
CA PRO A 326 20.06 2.67 -14.55
C PRO A 326 19.64 2.94 -13.11
N LEU A 327 20.40 2.39 -12.17
CA LEU A 327 20.13 2.66 -10.77
C LEU A 327 20.43 4.13 -10.48
N PRO A 328 19.81 4.69 -9.45
CA PRO A 328 20.06 6.10 -9.11
C PRO A 328 21.53 6.35 -8.88
N GLY A 329 22.03 7.44 -9.46
CA GLY A 329 23.42 7.79 -9.39
C GLY A 329 24.23 7.33 -10.59
N TYR A 330 23.78 6.26 -11.24
CA TYR A 330 24.48 5.74 -12.41
C TYR A 330 23.98 6.42 -13.67
N GLU A 331 24.85 6.51 -14.66
CA GLU A 331 24.48 7.01 -15.97
C GLU A 331 24.95 5.99 -16.99
N CYS A 332 24.06 5.65 -17.92
CA CYS A 332 24.38 4.68 -18.97
C CYS A 332 24.35 5.37 -20.33
N ARG A 333 25.27 4.93 -21.20
CA ARG A 333 25.40 5.48 -22.53
C ARG A 333 25.58 4.32 -23.51
N LEU A 334 25.06 4.49 -24.72
CA LEU A 334 25.25 3.53 -25.80
C LEU A 334 26.10 4.20 -26.88
N VAL A 335 27.09 3.48 -27.38
CA VAL A 335 28.02 4.02 -28.37
C VAL A 335 28.01 3.11 -29.60
N ASP A 336 28.03 3.74 -30.78
CA ASP A 336 28.04 3.00 -32.02
C ASP A 336 29.49 2.59 -32.31
N ARG A 337 29.74 2.07 -33.51
CA ARG A 337 31.04 1.51 -33.83
C ARG A 337 32.10 2.57 -34.11
N GLU A 338 31.73 3.85 -34.14
CA GLU A 338 32.67 4.96 -34.27
C GLU A 338 32.84 5.74 -32.97
N GLY A 339 32.37 5.20 -31.86
CA GLY A 339 32.45 5.86 -30.59
C GLY A 339 31.44 6.95 -30.36
N HIS A 340 30.46 7.11 -31.24
CA HIS A 340 29.44 8.16 -31.11
C HIS A 340 28.28 7.68 -30.26
N THR A 341 27.75 8.58 -29.44
CA THR A 341 26.66 8.23 -28.55
C THR A 341 25.37 8.04 -29.34
N ILE A 342 24.69 6.94 -29.08
CA ILE A 342 23.42 6.63 -29.72
C ILE A 342 22.32 7.24 -28.89
N GLU A 343 21.49 8.09 -29.52
CA GLU A 343 20.33 8.67 -28.87
C GLU A 343 19.03 7.93 -29.19
N GLU A 344 18.97 7.22 -30.32
CA GLU A 344 17.73 6.60 -30.74
C GLU A 344 17.44 5.33 -29.95
N ALA A 345 16.16 5.00 -29.85
CA ALA A 345 15.72 3.73 -29.31
C ALA A 345 15.72 2.67 -30.41
N GLY A 346 15.81 1.42 -30.00
CA GLY A 346 15.82 0.34 -30.98
C GLY A 346 17.07 0.31 -31.82
N ARG A 347 18.18 0.86 -31.31
CA ARG A 347 19.45 0.87 -32.01
C ARG A 347 20.52 0.42 -31.03
N GLN A 348 21.17 -0.70 -31.33
CA GLN A 348 22.06 -1.33 -30.38
C GLN A 348 23.48 -0.79 -30.49
N GLY A 349 24.14 -0.69 -29.33
CA GLY A 349 25.53 -0.29 -29.24
C GLY A 349 26.12 -0.83 -27.96
N VAL A 350 27.40 -0.52 -27.74
CA VAL A 350 28.12 -0.97 -26.55
C VAL A 350 27.73 -0.09 -25.37
N LEU A 351 27.50 -0.72 -24.22
CA LEU A 351 27.03 -0.02 -23.03
C LEU A 351 28.24 0.46 -22.21
N LEU A 352 28.30 1.76 -21.95
CA LEU A 352 29.24 2.36 -21.03
C LEU A 352 28.50 2.87 -19.80
N VAL A 353 29.16 2.81 -18.65
CA VAL A 353 28.54 3.20 -17.39
C VAL A 353 29.53 3.98 -16.53
N ARG A 354 29.00 4.94 -15.76
CA ARG A 354 29.72 5.63 -14.70
C ARG A 354 28.80 5.77 -13.51
N GLY A 355 29.39 6.01 -12.33
CA GLY A 355 28.58 6.19 -11.13
C GLY A 355 29.19 5.70 -9.84
N PRO A 356 28.38 5.68 -8.78
CA PRO A 356 28.92 5.46 -7.43
C PRO A 356 29.74 4.20 -7.27
N GLY A 357 29.37 3.12 -7.95
CA GLY A 357 30.06 1.85 -7.80
C GLY A 357 31.31 1.67 -8.64
N LEU A 358 31.60 2.62 -9.51
CA LEU A 358 32.70 2.46 -10.47
C LEU A 358 34.05 2.29 -9.76
N SER A 359 34.80 1.27 -10.17
CA SER A 359 36.13 1.03 -9.62
C SER A 359 37.12 2.08 -10.14
N PRO A 360 38.09 2.49 -9.32
CA PRO A 360 39.15 3.38 -9.82
C PRO A 360 40.18 2.70 -10.71
N GLY A 361 40.03 1.41 -11.03
CA GLY A 361 40.93 0.78 -12.00
C GLY A 361 41.41 -0.60 -11.63
N TYR A 362 42.24 -1.20 -12.49
CA TYR A 362 42.84 -2.50 -12.19
C TYR A 362 44.07 -2.33 -11.32
N TRP A 363 44.32 -3.33 -10.46
CA TRP A 363 45.46 -3.28 -9.56
C TRP A 363 46.77 -3.30 -10.33
N ARG A 364 46.87 -4.17 -11.34
CA ARG A 364 48.06 -4.30 -12.15
C ARG A 364 47.61 -4.59 -13.58
N ALA A 365 48.00 -3.73 -14.51
CA ALA A 365 47.48 -3.86 -15.86
C ALA A 365 48.30 -2.99 -16.80
N SER A 366 48.37 -3.43 -18.05
CA SER A 366 48.90 -2.59 -19.11
C SER A 366 47.96 -1.41 -19.36
N GLU A 367 48.45 -0.42 -20.11
CA GLU A 367 47.59 0.70 -20.47
C GLU A 367 46.41 0.25 -21.31
N GLU A 368 46.60 -0.75 -22.19
CA GLU A 368 45.47 -1.22 -22.99
C GLU A 368 44.36 -1.79 -22.12
N GLN A 369 44.71 -2.58 -21.11
CA GLN A 369 43.69 -3.13 -20.22
C GLN A 369 43.01 -2.02 -19.44
N GLN A 370 43.79 -1.07 -18.91
CA GLN A 370 43.25 0.06 -18.17
CA GLN A 370 43.22 0.04 -18.16
C GLN A 370 42.37 0.96 -19.03
N ALA A 371 42.45 0.82 -20.35
CA ALA A 371 41.65 1.65 -21.24
C ALA A 371 40.16 1.34 -21.14
N ARG A 372 39.79 0.19 -20.55
CA ARG A 372 38.38 -0.10 -20.32
C ARG A 372 37.73 0.93 -19.41
N PHE A 373 38.52 1.66 -18.62
CA PHE A 373 38.00 2.72 -17.77
C PHE A 373 38.18 4.11 -18.39
N ALA A 374 38.59 4.18 -19.65
CA ALA A 374 38.94 5.46 -20.26
C ALA A 374 37.81 6.47 -20.15
N GLY A 375 38.16 7.69 -19.77
CA GLY A 375 37.22 8.80 -19.77
C GLY A 375 36.24 8.82 -18.62
N GLY A 376 36.47 8.03 -17.58
CA GLY A 376 35.54 7.97 -16.46
C GLY A 376 34.38 7.03 -16.67
N TRP A 377 34.42 6.21 -17.71
CA TRP A 377 33.39 5.20 -17.96
C TRP A 377 34.02 3.82 -18.01
N TYR A 378 33.22 2.82 -17.61
CA TYR A 378 33.57 1.43 -17.82
C TYR A 378 32.88 0.94 -19.09
N ARG A 379 33.67 0.36 -20.00
CA ARG A 379 33.15 -0.23 -21.23
C ARG A 379 32.79 -1.68 -20.95
N THR A 380 31.49 -1.97 -20.90
CA THR A 380 31.06 -3.32 -20.52
C THR A 380 31.45 -4.36 -21.55
N GLY A 381 31.56 -3.97 -22.81
CA GLY A 381 31.67 -4.94 -23.88
C GLY A 381 30.35 -5.61 -24.22
N ASP A 382 29.26 -5.19 -23.59
CA ASP A 382 27.93 -5.73 -23.85
C ASP A 382 27.21 -4.83 -24.85
N LEU A 383 26.57 -5.44 -25.84
CA LEU A 383 25.71 -4.70 -26.76
C LEU A 383 24.33 -4.55 -26.12
N PHE A 384 23.81 -3.33 -26.14
CA PHE A 384 22.52 -3.03 -25.54
C PHE A 384 21.73 -2.13 -26.49
N GLU A 385 20.41 -2.15 -26.34
CA GLU A 385 19.54 -1.18 -26.99
C GLU A 385 18.57 -0.62 -25.95
N ARG A 386 18.08 0.58 -26.23
CA ARG A 386 17.13 1.27 -25.38
C ARG A 386 15.78 1.35 -26.09
N ASP A 387 14.71 1.27 -25.32
CA ASP A 387 13.35 1.48 -25.83
C ASP A 387 12.86 2.87 -25.46
N GLU A 388 11.62 3.18 -25.88
CA GLU A 388 11.07 4.51 -25.71
C GLU A 388 10.87 4.87 -24.24
N SER A 389 10.74 3.88 -23.36
CA SER A 389 10.58 4.14 -21.93
C SER A 389 11.91 4.38 -21.22
N GLY A 390 13.03 4.25 -21.92
CA GLY A 390 14.34 4.39 -21.35
C GLY A 390 14.96 3.09 -20.88
N ALA A 391 14.22 1.98 -20.96
CA ALA A 391 14.69 0.70 -20.44
C ALA A 391 15.61 0.00 -21.45
N TYR A 392 16.58 -0.75 -20.89
CA TYR A 392 17.64 -1.37 -21.67
C TYR A 392 17.40 -2.86 -21.81
N ARG A 393 17.85 -3.41 -22.95
CA ARG A 393 17.77 -4.84 -23.25
C ARG A 393 19.11 -5.29 -23.82
N HIS A 394 19.60 -6.42 -23.32
CA HIS A 394 20.88 -6.96 -23.74
C HIS A 394 20.78 -7.56 -25.13
N CYS A 395 21.81 -7.30 -25.96
CA CYS A 395 21.79 -7.71 -27.36
C CYS A 395 23.01 -8.52 -27.80
N GLY A 396 23.85 -8.96 -26.87
CA GLY A 396 25.05 -9.71 -27.21
C GLY A 396 26.30 -8.99 -26.77
N ARG A 397 27.43 -9.44 -27.31
CA ARG A 397 28.74 -8.92 -26.96
C ARG A 397 29.37 -8.19 -28.14
N GLU A 398 30.30 -7.30 -27.82
CA GLU A 398 31.02 -6.54 -28.84
C GLU A 398 31.98 -7.44 -29.60
N ASP A 399 32.36 -6.99 -30.79
CA ASP A 399 33.25 -7.77 -31.63
C ASP A 399 34.08 -6.86 -32.54
N SER B 2 17.62 10.18 -34.65
CA SER B 2 16.33 9.92 -34.03
C SER B 2 15.19 10.32 -34.96
N THR B 3 14.05 9.63 -34.82
CA THR B 3 12.93 9.87 -35.70
C THR B 3 12.26 11.20 -35.34
N LEU B 4 11.92 11.95 -36.37
CA LEU B 4 11.26 13.24 -36.18
C LEU B 4 9.92 13.05 -35.50
N ALA B 5 9.59 13.97 -34.59
CA ALA B 5 8.37 13.85 -33.81
C ALA B 5 7.84 15.22 -33.44
N ASN B 6 6.60 15.24 -32.96
CA ASN B 6 5.92 16.46 -32.54
C ASN B 6 5.33 16.24 -31.16
N LEU B 7 5.56 17.19 -30.26
CA LEU B 7 5.16 17.01 -28.87
C LEU B 7 3.66 16.89 -28.73
N THR B 8 2.90 17.80 -29.34
CA THR B 8 1.44 17.75 -29.27
C THR B 8 0.93 16.44 -29.86
N GLU B 9 1.48 16.05 -31.02
CA GLU B 9 1.10 14.77 -31.60
C GLU B 9 1.35 13.63 -30.62
N VAL B 10 2.55 13.60 -30.02
CA VAL B 10 2.89 12.55 -29.06
C VAL B 10 1.90 12.53 -27.90
N LEU B 11 1.52 13.70 -27.39
CA LEU B 11 0.54 13.74 -26.32
C LEU B 11 -0.79 13.19 -26.80
N PHE B 12 -1.20 13.54 -28.02
CA PHE B 12 -2.49 13.08 -28.54
C PHE B 12 -2.51 11.56 -28.73
N ARG B 13 -1.35 10.94 -28.92
CA ARG B 13 -1.26 9.50 -29.15
C ARG B 13 -1.22 8.68 -27.87
N LEU B 14 -1.03 9.31 -26.70
CA LEU B 14 -1.06 8.55 -25.46
C LEU B 14 -2.40 7.86 -25.27
N ASP B 15 -2.35 6.65 -24.72
CA ASP B 15 -3.51 5.77 -24.66
C ASP B 15 -4.36 6.12 -23.43
N PHE B 16 -5.20 7.14 -23.60
CA PHE B 16 -6.20 7.49 -22.60
C PHE B 16 -7.54 7.67 -23.29
N ASP B 17 -8.62 7.47 -22.52
CA ASP B 17 -9.98 7.55 -23.05
C ASP B 17 -10.29 8.97 -23.51
N PRO B 18 -10.60 9.18 -24.80
CA PRO B 18 -10.85 10.56 -25.26
C PRO B 18 -12.05 11.23 -24.63
N ASP B 19 -13.01 10.49 -24.06
CA ASP B 19 -14.19 11.13 -23.50
C ASP B 19 -14.01 11.63 -22.07
N THR B 20 -12.83 11.46 -21.47
CA THR B 20 -12.61 11.88 -20.11
C THR B 20 -12.18 13.35 -20.05
N ALA B 21 -12.38 13.97 -18.90
CA ALA B 21 -12.05 15.38 -18.75
C ALA B 21 -10.53 15.60 -18.85
N VAL B 22 -10.16 16.78 -19.31
CA VAL B 22 -8.75 17.20 -19.31
C VAL B 22 -8.63 18.58 -18.67
N TYR B 23 -9.57 19.48 -18.95
CA TYR B 23 -9.55 20.80 -18.32
C TYR B 23 -10.92 21.17 -17.78
N HIS B 24 -10.91 21.89 -16.66
CA HIS B 24 -12.10 22.45 -16.05
C HIS B 24 -11.90 23.96 -15.93
N TYR B 25 -12.96 24.72 -16.17
CA TYR B 25 -12.84 26.17 -16.25
C TYR B 25 -14.20 26.80 -16.01
N ARG B 26 -14.29 27.62 -14.96
CA ARG B 26 -15.52 28.38 -14.68
C ARG B 26 -16.74 27.46 -14.67
N GLY B 27 -16.63 26.37 -13.90
CA GLY B 27 -17.73 25.42 -13.78
C GLY B 27 -18.04 24.60 -15.01
N GLN B 28 -17.23 24.69 -16.05
CA GLN B 28 -17.41 23.87 -17.24
C GLN B 28 -16.24 22.90 -17.34
N THR B 29 -16.43 21.87 -18.15
CA THR B 29 -15.44 20.81 -18.35
C THR B 29 -15.26 20.54 -19.83
N LEU B 30 -14.01 20.31 -20.22
CA LEU B 30 -13.66 19.97 -21.58
C LEU B 30 -13.00 18.60 -21.59
N SER B 31 -13.41 17.75 -22.52
CA SER B 31 -12.82 16.43 -22.62
C SER B 31 -11.54 16.49 -23.45
N ARG B 32 -10.73 15.43 -23.36
CA ARG B 32 -9.58 15.30 -24.23
C ARG B 32 -9.99 15.46 -25.69
N LEU B 33 -11.09 14.80 -26.09
CA LEU B 33 -11.53 14.86 -27.49
C LEU B 33 -11.91 16.27 -27.89
N GLN B 34 -12.64 16.97 -27.03
CA GLN B 34 -13.03 18.34 -27.35
C GLN B 34 -11.81 19.24 -27.55
N CYS B 35 -10.80 19.10 -26.69
CA CYS B 35 -9.61 19.92 -26.86
C CYS B 35 -8.79 19.48 -28.07
N ARG B 36 -8.62 18.17 -28.26
CA ARG B 36 -7.94 17.69 -29.47
C ARG B 36 -8.56 18.31 -30.71
N THR B 37 -9.89 18.34 -30.78
CA THR B 37 -10.55 18.86 -31.97
C THR B 37 -10.31 20.35 -32.15
N TYR B 38 -10.41 21.11 -31.06
CA TYR B 38 -10.17 22.55 -31.11
C TYR B 38 -8.73 22.85 -31.48
N ILE B 39 -7.80 22.08 -30.92
CA ILE B 39 -6.38 22.33 -31.16
C ILE B 39 -6.05 22.08 -32.63
N LEU B 40 -6.58 21.00 -33.19
CA LEU B 40 -6.31 20.71 -34.59
C LEU B 40 -6.90 21.77 -35.50
N SER B 41 -8.11 22.23 -35.20
CA SER B 41 -8.71 23.29 -35.99
C SER B 41 -7.89 24.58 -35.88
N GLN B 42 -7.47 24.94 -34.67
CA GLN B 42 -6.72 26.18 -34.48
C GLN B 42 -5.35 26.08 -35.12
N ALA B 43 -4.72 24.91 -35.04
CA ALA B 43 -3.46 24.69 -35.74
C ALA B 43 -3.61 24.93 -37.23
N SER B 44 -4.73 24.50 -37.83
CA SER B 44 -4.90 24.71 -39.26
C SER B 44 -4.86 26.19 -39.60
N GLN B 45 -5.32 27.06 -38.69
CA GLN B 45 -5.28 28.49 -38.90
C GLN B 45 -3.88 29.05 -38.64
N LEU B 46 -3.27 28.61 -37.54
CA LEU B 46 -1.93 29.08 -37.19
C LEU B 46 -0.92 28.75 -38.28
N ALA B 47 -1.10 27.63 -38.97
CA ALA B 47 -0.19 27.25 -40.04
C ALA B 47 -0.26 28.22 -41.21
N ARG B 48 -1.36 28.95 -41.38
CA ARG B 48 -1.42 29.98 -42.40
C ARG B 48 -0.65 31.21 -42.00
N LEU B 49 -0.41 31.38 -40.71
CA LEU B 49 0.18 32.60 -40.18
C LEU B 49 1.65 32.43 -39.82
N LEU B 50 2.03 31.26 -39.33
CA LEU B 50 3.34 31.01 -38.77
C LEU B 50 4.07 29.94 -39.57
N LYS B 51 5.32 30.18 -39.79
CA LYS B 51 6.16 29.13 -40.33
C LYS B 51 6.79 28.33 -39.20
N PRO B 52 7.19 27.09 -39.45
CA PRO B 52 7.88 26.32 -38.41
C PRO B 52 9.03 27.12 -37.82
N GLY B 53 9.13 27.12 -36.50
CA GLY B 53 10.18 27.83 -35.82
C GLY B 53 9.80 29.23 -35.35
N ASP B 54 8.74 29.83 -35.87
CA ASP B 54 8.36 31.16 -35.45
C ASP B 54 7.98 31.14 -33.96
N ARG B 55 8.36 32.20 -33.24
CA ARG B 55 8.09 32.26 -31.81
C ARG B 55 6.78 32.99 -31.56
N VAL B 56 6.07 32.55 -30.52
CA VAL B 56 4.80 33.13 -30.10
C VAL B 56 4.89 33.40 -28.61
N VAL B 57 4.50 34.60 -28.20
CA VAL B 57 4.41 34.97 -26.79
C VAL B 57 2.95 35.06 -26.40
N LEU B 58 2.55 34.30 -25.37
CA LEU B 58 1.19 34.28 -24.87
C LEU B 58 1.15 34.97 -23.51
N ALA B 59 0.52 36.14 -23.46
CA ALA B 59 0.38 36.90 -22.22
C ALA B 59 -1.07 36.85 -21.76
N LEU B 60 -1.48 35.67 -21.29
CA LEU B 60 -2.87 35.36 -21.04
C LEU B 60 -3.03 34.76 -19.65
N ASN B 61 -4.20 35.00 -19.05
CA ASN B 61 -4.59 34.31 -17.84
C ASN B 61 -4.79 32.82 -18.11
N ASP B 62 -4.64 32.01 -17.06
CA ASP B 62 -4.90 30.58 -17.18
C ASP B 62 -6.31 30.33 -17.73
N SER B 63 -6.39 29.51 -18.77
CA SER B 63 -7.66 29.17 -19.37
C SER B 63 -7.45 27.96 -20.28
N PRO B 64 -8.52 27.21 -20.59
CA PRO B 64 -8.39 26.14 -21.58
C PRO B 64 -7.93 26.65 -22.92
N SER B 65 -8.32 27.87 -23.29
CA SER B 65 -7.90 28.44 -24.57
C SER B 65 -6.41 28.74 -24.57
N LEU B 66 -5.87 29.19 -23.44
CA LEU B 66 -4.42 29.36 -23.35
C LEU B 66 -3.74 28.02 -23.57
N ALA B 67 -4.18 27.00 -22.83
CA ALA B 67 -3.57 25.67 -22.92
C ALA B 67 -3.60 25.15 -24.35
N CYS B 68 -4.76 25.26 -25.00
CA CYS B 68 -4.91 24.68 -26.33
C CYS B 68 -4.15 25.48 -27.37
N LEU B 69 -4.13 26.81 -27.23
CA LEU B 69 -3.37 27.63 -28.17
C LEU B 69 -1.89 27.31 -28.11
N PHE B 70 -1.36 27.16 -26.88
CA PHE B 70 0.01 26.72 -26.70
C PHE B 70 0.28 25.43 -27.47
N LEU B 71 -0.58 24.43 -27.31
CA LEU B 71 -0.37 23.15 -27.97
C LEU B 71 -0.62 23.26 -29.48
N ALA B 72 -1.49 24.17 -29.91
CA ALA B 72 -1.69 24.36 -31.35
C ALA B 72 -0.45 24.98 -32.00
N CYS B 73 0.17 25.95 -31.34
CA CYS B 73 1.43 26.49 -31.83
C CYS B 73 2.45 25.37 -32.01
N ILE B 74 2.64 24.54 -30.98
CA ILE B 74 3.59 23.44 -31.08
C ILE B 74 3.21 22.50 -32.23
N ALA B 75 1.90 22.30 -32.44
CA ALA B 75 1.49 21.37 -33.50
C ALA B 75 2.02 21.79 -34.86
N VAL B 76 2.10 23.09 -35.11
CA VAL B 76 2.54 23.59 -36.41
C VAL B 76 4.04 23.93 -36.41
N GLY B 77 4.74 23.58 -35.35
CA GLY B 77 6.17 23.82 -35.26
C GLY B 77 6.54 25.20 -34.77
N ALA B 78 5.57 26.02 -34.38
CA ALA B 78 5.87 27.28 -33.74
C ALA B 78 6.35 27.02 -32.31
N ILE B 79 7.01 28.02 -31.73
CA ILE B 79 7.70 27.89 -30.45
C ILE B 79 7.10 28.90 -29.48
N PRO B 80 6.17 28.48 -28.63
CA PRO B 80 5.49 29.42 -27.75
C PRO B 80 6.17 29.63 -26.40
N ALA B 81 5.80 30.74 -25.77
CA ALA B 81 6.21 31.06 -24.40
C ALA B 81 5.03 31.73 -23.72
N VAL B 82 4.73 31.28 -22.51
CA VAL B 82 3.61 31.80 -21.72
C VAL B 82 4.18 32.70 -20.63
N ILE B 83 3.76 33.96 -20.61
CA ILE B 83 4.27 34.92 -19.64
C ILE B 83 3.10 35.56 -18.88
N ASN B 84 3.45 36.24 -17.79
CA ASN B 84 2.50 36.92 -16.94
C ASN B 84 1.61 37.85 -17.76
N PRO B 85 0.28 37.68 -17.77
CA PRO B 85 -0.57 38.58 -18.55
C PRO B 85 -0.56 40.02 -18.06
N LYS B 86 -0.17 40.26 -16.81
CA LYS B 86 -0.06 41.60 -16.25
C LYS B 86 1.38 42.11 -16.31
N SER B 87 2.16 41.58 -17.25
CA SER B 87 3.49 42.10 -17.50
C SER B 87 3.41 43.58 -17.87
N ARG B 88 4.35 44.37 -17.35
CA ARG B 88 4.47 45.74 -17.82
C ARG B 88 4.83 45.76 -19.30
N GLU B 89 4.49 46.86 -19.98
CA GLU B 89 4.68 46.93 -21.42
C GLU B 89 6.13 46.70 -21.83
N GLN B 90 7.08 47.34 -21.15
CA GLN B 90 8.48 47.17 -21.52
C GLN B 90 8.97 45.75 -21.24
N ALA B 91 8.47 45.11 -20.18
CA ALA B 91 8.86 43.73 -19.88
C ALA B 91 8.36 42.77 -20.95
N LEU B 92 7.11 42.96 -21.39
CA LEU B 92 6.59 42.16 -22.49
C LEU B 92 7.35 42.44 -23.78
N ALA B 93 7.66 43.71 -24.04
CA ALA B 93 8.41 44.04 -25.24
C ALA B 93 9.79 43.40 -25.20
N ASP B 94 10.44 43.45 -24.04
CA ASP B 94 11.78 42.88 -23.95
C ASP B 94 11.77 41.38 -24.17
N ILE B 95 10.72 40.69 -23.70
CA ILE B 95 10.68 39.25 -23.91
C ILE B 95 10.44 38.94 -25.39
N ALA B 96 9.49 39.63 -26.02
CA ALA B 96 9.19 39.39 -27.44
C ALA B 96 10.40 39.68 -28.31
N ALA B 97 11.21 40.68 -27.95
CA ALA B 97 12.44 40.94 -28.70
C ALA B 97 13.48 39.85 -28.45
N ASP B 98 13.56 39.35 -27.21
CA ASP B 98 14.60 38.37 -26.89
C ASP B 98 14.43 37.10 -27.69
N CYS B 99 13.18 36.67 -27.88
CA CYS B 99 12.90 35.50 -28.70
C CYS B 99 12.47 35.88 -30.11
N GLN B 100 12.53 37.17 -30.45
CA GLN B 100 12.18 37.66 -31.78
C GLN B 100 10.82 37.11 -32.22
N ALA B 101 9.82 37.28 -31.35
CA ALA B 101 8.51 36.67 -31.59
C ALA B 101 7.90 37.18 -32.89
N SER B 102 7.21 36.29 -33.60
CA SER B 102 6.37 36.66 -34.73
C SER B 102 4.95 37.04 -34.31
N LEU B 103 4.50 36.58 -33.16
CA LEU B 103 3.13 36.81 -32.75
C LEU B 103 3.10 36.95 -31.24
N VAL B 104 2.25 37.85 -30.77
CA VAL B 104 1.94 38.03 -29.36
C VAL B 104 0.43 38.00 -29.21
N VAL B 105 -0.06 37.20 -28.28
CA VAL B 105 -1.49 37.09 -28.03
C VAL B 105 -1.76 37.61 -26.62
N ARG B 106 -2.66 38.58 -26.51
CA ARG B 106 -2.90 39.33 -25.28
C ARG B 106 -4.37 39.28 -24.87
N GLU B 107 -4.62 39.81 -23.66
CA GLU B 107 -5.98 39.96 -23.19
C GLU B 107 -6.63 41.09 -23.97
N ALA B 108 -7.96 41.12 -23.95
CA ALA B 108 -8.69 42.14 -24.69
C ALA B 108 -8.23 43.54 -24.32
N ASP B 109 -8.35 44.45 -25.28
CA ASP B 109 -8.05 45.87 -25.10
C ASP B 109 -6.57 46.16 -24.83
N ALA B 110 -5.69 45.16 -24.86
CA ALA B 110 -4.30 45.44 -24.58
C ALA B 110 -3.65 46.26 -25.69
N PRO B 111 -2.66 47.08 -25.36
CA PRO B 111 -1.97 47.89 -26.38
C PRO B 111 -1.16 47.06 -27.35
N SER B 112 -0.93 47.66 -28.51
CA SER B 112 -0.05 47.05 -29.49
C SER B 112 1.41 47.22 -29.10
N LEU B 113 2.21 46.20 -29.41
CA LEU B 113 3.65 46.23 -29.18
C LEU B 113 4.33 47.04 -30.28
N SER B 114 5.36 47.80 -29.88
CA SER B 114 6.08 48.68 -30.77
C SER B 114 7.58 48.46 -30.64
N GLY B 115 8.34 49.27 -31.38
CA GLY B 115 9.77 49.14 -31.38
C GLY B 115 10.27 48.28 -32.52
N PRO B 116 11.58 48.19 -32.66
CA PRO B 116 12.17 47.44 -33.78
C PRO B 116 11.65 46.02 -33.85
N LEU B 117 11.19 45.62 -35.05
CA LEU B 117 10.76 44.24 -35.29
C LEU B 117 9.62 43.83 -34.38
N ALA B 118 8.76 44.78 -34.05
CA ALA B 118 7.68 44.50 -33.12
C ALA B 118 6.78 43.40 -33.71
N PRO B 119 6.25 42.51 -32.89
CA PRO B 119 5.35 41.46 -33.39
C PRO B 119 3.94 41.91 -33.71
N LEU B 120 3.26 41.06 -34.48
CA LEU B 120 1.81 41.12 -34.63
C LEU B 120 1.17 40.81 -33.28
N THR B 121 0.21 41.64 -32.88
CA THR B 121 -0.50 41.48 -31.61
C THR B 121 -1.95 41.13 -31.86
N LEU B 122 -2.40 40.01 -31.30
CA LEU B 122 -3.80 39.63 -31.30
C LEU B 122 -4.31 39.60 -29.86
N ARG B 123 -5.62 39.78 -29.70
CA ARG B 123 -6.23 39.86 -28.39
C ARG B 123 -7.29 38.79 -28.23
N ALA B 124 -7.38 38.29 -27.01
CA ALA B 124 -8.45 37.38 -26.62
C ALA B 124 -9.79 38.10 -26.65
N ALA B 125 -10.86 37.32 -26.69
CA ALA B 125 -12.20 37.89 -26.69
C ALA B 125 -12.58 38.33 -25.29
N ALA B 126 -13.41 39.37 -25.22
CA ALA B 126 -14.01 39.72 -23.95
C ALA B 126 -15.08 38.70 -23.61
N GLY B 127 -15.34 38.54 -22.31
CA GLY B 127 -16.39 37.66 -21.86
C GLY B 127 -15.95 36.29 -21.38
N ARG B 128 -14.65 36.02 -21.34
CA ARG B 128 -14.11 34.76 -20.82
C ARG B 128 -14.81 33.57 -21.46
N PRO B 129 -14.83 33.48 -22.79
CA PRO B 129 -15.45 32.34 -23.45
C PRO B 129 -14.70 31.06 -23.16
N LEU B 130 -15.43 29.94 -23.16
CA LEU B 130 -14.80 28.65 -22.92
C LEU B 130 -13.72 28.36 -23.94
N LEU B 131 -13.99 28.67 -25.21
CA LEU B 131 -13.02 28.57 -26.28
C LEU B 131 -12.97 29.89 -27.03
N ASP B 132 -11.77 30.28 -27.43
CA ASP B 132 -11.49 31.58 -28.03
C ASP B 132 -10.78 31.37 -29.36
N ASP B 133 -11.18 32.10 -30.39
CA ASP B 133 -10.48 32.03 -31.68
C ASP B 133 -9.36 33.05 -31.78
N PHE B 134 -9.25 33.96 -30.81
CA PHE B 134 -8.18 34.96 -30.79
C PHE B 134 -8.13 35.74 -32.11
N SER B 135 -9.29 35.93 -32.71
CA SER B 135 -9.51 36.70 -33.93
C SER B 135 -9.00 36.01 -35.19
N LEU B 136 -8.61 34.73 -35.09
CA LEU B 136 -8.01 34.06 -36.25
C LEU B 136 -9.02 33.85 -37.38
N ASP B 137 -10.30 33.62 -37.05
CA ASP B 137 -11.31 33.46 -38.09
C ASP B 137 -11.29 34.66 -39.03
N ALA B 138 -11.24 35.87 -38.44
CA ALA B 138 -11.26 37.09 -39.21
C ALA B 138 -9.91 37.43 -39.81
N LEU B 139 -8.81 36.90 -39.23
CA LEU B 139 -7.47 37.22 -39.72
C LEU B 139 -7.05 36.30 -40.87
N VAL B 140 -7.33 35.01 -40.76
CA VAL B 140 -6.90 34.05 -41.78
C VAL B 140 -8.05 33.16 -42.26
N GLY B 141 -9.27 33.43 -41.82
CA GLY B 141 -10.42 32.65 -42.21
C GLY B 141 -10.70 31.47 -41.30
N PRO B 142 -11.86 30.85 -41.48
CA PRO B 142 -12.23 29.68 -40.65
C PRO B 142 -11.32 28.48 -40.91
N ALA B 143 -11.40 27.52 -39.98
CA ALA B 143 -10.47 26.41 -39.92
C ALA B 143 -10.75 25.33 -40.96
N ASP B 144 -9.71 24.54 -41.27
CA ASP B 144 -9.90 23.25 -41.94
C ASP B 144 -10.63 22.28 -41.01
N LEU B 145 -11.21 21.22 -41.57
CA LEU B 145 -12.06 20.33 -40.78
C LEU B 145 -11.35 19.13 -40.17
N ASP B 146 -10.33 18.59 -40.82
CA ASP B 146 -9.66 17.37 -40.38
C ASP B 146 -8.15 17.57 -40.55
N TRP B 147 -7.63 18.58 -39.85
CA TRP B 147 -6.21 18.93 -39.96
C TRP B 147 -5.34 17.94 -39.22
N SER B 148 -4.18 17.62 -39.80
CA SER B 148 -3.27 16.71 -39.12
C SER B 148 -1.80 16.91 -39.50
N ALA B 149 -1.42 18.08 -40.01
CA ALA B 149 -0.09 18.27 -40.60
C ALA B 149 0.94 18.67 -39.55
N PHE B 150 1.09 17.82 -38.54
CA PHE B 150 2.06 18.09 -37.49
C PHE B 150 3.44 18.33 -38.07
N HIS B 151 4.11 19.34 -37.55
CA HIS B 151 5.50 19.61 -37.91
C HIS B 151 6.37 18.72 -37.04
N ARG B 152 6.95 17.68 -37.64
CA ARG B 152 7.78 16.76 -36.90
CA ARG B 152 7.79 16.75 -36.90
C ARG B 152 9.24 17.19 -37.00
N GLN B 153 9.95 17.14 -35.87
CA GLN B 153 11.31 17.66 -35.80
C GLN B 153 12.16 16.79 -34.88
N ASP B 154 13.44 17.09 -34.85
CA ASP B 154 14.33 16.34 -33.99
C ASP B 154 13.84 16.45 -32.55
N PRO B 155 13.68 15.33 -31.83
CA PRO B 155 13.22 15.42 -30.44
C PRO B 155 14.10 16.29 -29.55
N ALA B 156 15.33 16.56 -29.93
CA ALA B 156 16.18 17.40 -29.12
C ALA B 156 15.98 18.88 -29.39
N ALA B 157 15.27 19.22 -30.46
CA ALA B 157 15.12 20.61 -30.86
C ALA B 157 14.18 21.35 -29.93
N ALA B 158 14.33 22.67 -29.91
CA ALA B 158 13.49 23.54 -29.08
C ALA B 158 12.02 23.45 -29.50
N CYS B 159 11.17 23.22 -28.50
CA CYS B 159 9.73 23.10 -28.67
CA CYS B 159 9.73 23.10 -28.64
C CYS B 159 8.95 24.31 -28.14
N PHE B 160 9.34 24.84 -26.98
CA PHE B 160 8.70 26.00 -26.38
C PHE B 160 9.74 26.63 -25.45
N LEU B 161 9.45 27.84 -24.99
CA LEU B 161 10.34 28.56 -24.09
C LEU B 161 9.63 28.83 -22.78
N GLN B 162 10.42 28.94 -21.71
CA GLN B 162 9.95 29.41 -20.42
C GLN B 162 10.86 30.54 -19.96
N TYR B 163 10.30 31.71 -19.72
CA TYR B 163 11.05 32.80 -19.09
C TYR B 163 10.74 32.77 -17.60
N THR B 164 11.78 32.63 -16.78
CA THR B 164 11.60 32.55 -15.31
C THR B 164 10.58 33.56 -14.78
N ALA B 170 17.75 41.66 -20.14
CA ALA B 170 17.87 40.84 -18.94
C ALA B 170 17.16 39.48 -19.04
N PRO B 171 15.92 39.44 -19.56
CA PRO B 171 15.16 38.18 -19.46
C PRO B 171 15.81 37.09 -20.29
N LYS B 172 15.77 35.86 -19.76
CA LYS B 172 16.34 34.69 -20.43
C LYS B 172 15.27 33.64 -20.69
N GLY B 173 15.26 33.07 -21.89
CA GLY B 173 14.31 32.05 -22.24
C GLY B 173 14.93 30.67 -22.22
N VAL B 174 14.41 29.81 -21.35
CA VAL B 174 14.86 28.42 -21.30
C VAL B 174 14.19 27.64 -22.41
N MET B 175 15.01 26.95 -23.22
CA MET B 175 14.49 26.08 -24.26
C MET B 175 14.08 24.74 -23.67
N HIS B 176 12.92 24.25 -24.06
CA HIS B 176 12.49 22.90 -23.73
C HIS B 176 12.17 22.17 -25.02
N SER B 177 12.66 20.94 -25.11
CA SER B 177 12.53 20.08 -26.26
C SER B 177 11.51 18.99 -25.95
N LEU B 178 11.09 18.29 -26.99
CA LEU B 178 10.21 17.15 -26.79
CA LEU B 178 10.21 17.14 -26.80
C LEU B 178 10.84 16.14 -25.83
N ARG B 179 12.13 15.86 -26.00
CA ARG B 179 12.76 14.81 -25.19
C ARG B 179 12.75 15.17 -23.71
N ASN B 180 13.17 16.39 -23.36
CA ASN B 180 13.31 16.67 -21.94
C ASN B 180 11.96 17.05 -21.32
N THR B 181 10.98 17.43 -22.13
CA THR B 181 9.63 17.63 -21.60
C THR B 181 8.99 16.31 -21.20
N LEU B 182 8.98 15.33 -22.10
CA LEU B 182 8.57 14.00 -21.70
C LEU B 182 9.42 13.51 -20.56
N GLY B 183 10.69 13.95 -20.52
CA GLY B 183 11.58 13.53 -19.45
C GLY B 183 11.10 14.00 -18.09
N PHE B 184 10.76 15.28 -17.99
CA PHE B 184 10.38 15.78 -16.67
C PHE B 184 8.97 15.36 -16.29
N CYS B 185 8.09 15.10 -17.27
CA CYS B 185 6.78 14.55 -16.97
C CYS B 185 6.88 13.13 -16.42
N ARG B 186 7.68 12.30 -17.07
CA ARG B 186 7.83 10.91 -16.65
C ARG B 186 8.36 10.83 -15.22
N ALA B 187 9.41 11.59 -14.93
CA ALA B 187 10.03 11.52 -13.60
C ALA B 187 9.10 12.01 -12.50
N PHE B 188 8.34 13.07 -12.75
CA PHE B 188 7.51 13.63 -11.69
C PHE B 188 6.10 13.07 -11.70
N ALA B 189 5.41 13.15 -12.84
CA ALA B 189 4.00 12.75 -12.87
C ALA B 189 3.82 11.24 -12.75
N THR B 190 4.73 10.46 -13.33
CA THR B 190 4.63 9.00 -13.27
C THR B 190 5.40 8.44 -12.08
N GLU B 191 6.70 8.71 -12.02
CA GLU B 191 7.57 8.00 -11.10
C GLU B 191 7.47 8.53 -9.67
N LEU B 192 7.30 9.83 -9.48
CA LEU B 192 7.20 10.36 -8.12
C LEU B 192 5.75 10.31 -7.63
N LEU B 193 4.82 10.89 -8.39
CA LEU B 193 3.44 11.02 -7.93
C LEU B 193 2.55 9.85 -8.36
N ALA B 194 2.92 9.08 -9.38
CA ALA B 194 2.07 8.00 -9.85
C ALA B 194 0.64 8.48 -10.09
N LEU B 195 0.54 9.59 -10.81
CA LEU B 195 -0.77 10.12 -11.18
C LEU B 195 -1.58 9.11 -12.00
N GLN B 196 -2.88 9.06 -11.69
CA GLN B 196 -3.78 8.09 -12.28
C GLN B 196 -4.79 8.78 -13.19
N ALA B 197 -5.23 8.06 -14.22
CA ALA B 197 -6.28 8.57 -15.09
C ALA B 197 -7.49 8.97 -14.27
N GLY B 198 -8.05 10.12 -14.58
CA GLY B 198 -9.18 10.64 -13.86
C GLY B 198 -8.83 11.48 -12.64
N ASP B 199 -7.59 11.41 -12.16
CA ASP B 199 -7.18 12.25 -11.05
C ASP B 199 -7.48 13.71 -11.34
N ARG B 200 -8.04 14.41 -10.35
CA ARG B 200 -8.28 15.83 -10.46
CA ARG B 200 -8.28 15.84 -10.45
C ARG B 200 -7.11 16.60 -9.82
N LEU B 201 -6.56 17.54 -10.58
CA LEU B 201 -5.40 18.32 -10.16
C LEU B 201 -5.79 19.79 -10.05
N TYR B 202 -5.19 20.48 -9.09
CA TYR B 202 -5.41 21.91 -8.91
C TYR B 202 -4.06 22.53 -8.57
N SER B 203 -3.54 23.36 -9.48
CA SER B 203 -2.30 24.09 -9.27
C SER B 203 -2.62 25.55 -9.00
N ILE B 204 -2.20 26.04 -7.84
CA ILE B 204 -2.48 27.45 -7.54
C ILE B 204 -1.56 28.30 -8.40
N PRO B 205 -0.27 27.97 -8.53
CA PRO B 205 0.56 28.71 -9.50
C PRO B 205 0.08 28.53 -10.93
N LYS B 206 0.18 29.62 -11.69
CA LYS B 206 -0.33 29.73 -13.05
C LYS B 206 0.67 29.15 -14.05
N MET B 207 0.23 29.09 -15.32
CA MET B 207 1.02 28.42 -16.33
C MET B 207 2.19 29.26 -16.83
N PHE B 208 2.27 30.54 -16.49
CA PHE B 208 3.48 31.29 -16.79
C PHE B 208 4.58 31.04 -15.78
N PHE B 209 4.36 30.18 -14.81
CA PHE B 209 5.40 29.61 -13.99
C PHE B 209 5.61 28.17 -14.45
N GLY B 210 6.87 27.77 -14.62
CA GLY B 210 7.15 26.42 -15.07
C GLY B 210 6.48 25.37 -14.20
N TYR B 211 6.50 25.59 -12.89
CA TYR B 211 5.79 24.70 -11.99
C TYR B 211 4.35 24.52 -12.45
N GLY B 212 3.65 25.64 -12.65
CA GLY B 212 2.24 25.58 -13.02
C GLY B 212 2.03 25.08 -14.43
N MET B 213 2.96 25.36 -15.34
CA MET B 213 2.80 24.86 -16.69
C MET B 213 2.79 23.33 -16.70
N GLY B 214 3.73 22.71 -15.97
CA GLY B 214 3.72 21.26 -15.86
C GLY B 214 2.45 20.76 -15.20
N ASN B 215 2.11 21.35 -14.06
CA ASN B 215 0.98 20.87 -13.26
C ASN B 215 -0.32 20.91 -14.04
N SER B 216 -0.62 22.05 -14.66
CA SER B 216 -1.92 22.35 -15.25
C SER B 216 -1.98 22.06 -16.74
N LEU B 217 -0.92 22.35 -17.49
CA LEU B 217 -0.97 22.21 -18.95
C LEU B 217 -0.65 20.78 -19.37
N PHE B 218 0.50 20.26 -18.94
CA PHE B 218 1.03 19.00 -19.45
C PHE B 218 0.52 17.77 -18.70
N PHE B 219 0.51 17.77 -17.37
CA PHE B 219 0.20 16.52 -16.67
C PHE B 219 -1.18 15.99 -17.01
N PRO B 220 -2.22 16.79 -17.19
CA PRO B 220 -3.49 16.22 -17.65
C PRO B 220 -3.36 15.37 -18.91
N TRP B 221 -2.68 15.90 -19.95
CA TRP B 221 -2.48 15.11 -21.17
C TRP B 221 -1.61 13.90 -20.90
N PHE B 222 -0.54 14.09 -20.12
CA PHE B 222 0.49 13.06 -19.99
C PHE B 222 0.01 11.87 -19.16
N SER B 223 -0.79 12.12 -18.12
CA SER B 223 -1.20 11.08 -17.18
C SER B 223 -2.70 10.78 -17.24
N GLY B 224 -3.44 11.39 -18.17
CA GLY B 224 -4.86 11.12 -18.22
C GLY B 224 -5.66 11.81 -17.15
N ALA B 225 -5.10 12.85 -16.53
CA ALA B 225 -5.74 13.58 -15.45
C ALA B 225 -6.44 14.82 -15.99
N SER B 226 -7.08 15.56 -15.08
CA SER B 226 -7.75 16.80 -15.43
C SER B 226 -7.39 17.85 -14.41
N ALA B 227 -7.20 19.09 -14.89
CA ALA B 227 -6.75 20.19 -14.05
C ALA B 227 -7.77 21.32 -14.07
N LEU B 228 -7.97 21.93 -12.91
CA LEU B 228 -8.76 23.14 -12.80
C LEU B 228 -7.93 24.35 -13.25
N LEU B 229 -8.46 25.10 -14.21
CA LEU B 229 -7.83 26.33 -14.69
C LEU B 229 -8.69 27.52 -14.30
N ASP B 230 -8.05 28.57 -13.80
CA ASP B 230 -8.74 29.73 -13.24
C ASP B 230 -8.04 30.98 -13.74
N ASP B 231 -8.79 31.89 -14.36
CA ASP B 231 -8.15 33.07 -14.91
C ASP B 231 -8.08 34.23 -13.91
N THR B 232 -8.54 34.05 -12.68
CA THR B 232 -8.47 35.07 -11.65
C THR B 232 -7.31 34.78 -10.69
N TRP B 233 -6.88 35.82 -9.98
CA TRP B 233 -5.74 35.68 -9.09
C TRP B 233 -6.12 34.85 -7.87
N PRO B 234 -5.18 34.07 -7.33
CA PRO B 234 -5.47 33.11 -6.24
C PRO B 234 -5.53 33.76 -4.86
N SER B 235 -6.58 34.52 -4.61
CA SER B 235 -6.82 34.96 -3.25
C SER B 235 -7.14 33.73 -2.39
N PRO B 236 -6.84 33.76 -1.09
CA PRO B 236 -7.26 32.64 -0.24
C PRO B 236 -8.75 32.38 -0.31
N GLU B 237 -9.56 33.42 -0.51
CA GLU B 237 -10.99 33.21 -0.67
C GLU B 237 -11.29 32.44 -1.94
N ARG B 238 -10.62 32.79 -3.05
CA ARG B 238 -10.84 32.09 -4.31
C ARG B 238 -10.33 30.66 -4.25
N VAL B 239 -9.15 30.45 -3.66
CA VAL B 239 -8.61 29.10 -3.52
C VAL B 239 -9.61 28.24 -2.77
N LEU B 240 -10.19 28.78 -1.69
CA LEU B 240 -11.18 28.03 -0.93
C LEU B 240 -12.41 27.74 -1.79
N GLU B 241 -12.91 28.76 -2.50
CA GLU B 241 -14.05 28.57 -3.39
C GLU B 241 -13.78 27.45 -4.38
N ASN B 242 -12.59 27.46 -4.98
CA ASN B 242 -12.22 26.41 -5.93
C ASN B 242 -12.07 25.06 -5.24
N LEU B 243 -11.55 25.05 -4.02
CA LEU B 243 -11.42 23.78 -3.30
C LEU B 243 -12.78 23.15 -3.10
N VAL B 244 -13.79 23.96 -2.78
CA VAL B 244 -15.10 23.44 -2.46
C VAL B 244 -15.80 22.97 -3.72
N ALA B 245 -15.61 23.68 -4.83
CA ALA B 245 -16.30 23.35 -6.07
C ALA B 245 -15.67 22.14 -6.77
N PHE B 246 -14.35 22.05 -6.75
CA PHE B 246 -13.61 21.11 -7.58
C PHE B 246 -13.16 19.86 -6.84
N ARG B 247 -12.92 19.98 -5.54
CA ARG B 247 -12.49 18.87 -4.70
C ARG B 247 -11.32 18.11 -5.34
N PRO B 248 -10.20 18.77 -5.56
CA PRO B 248 -9.05 18.10 -6.18
C PRO B 248 -8.46 17.02 -5.28
N ARG B 249 -7.87 16.01 -5.91
CA ARG B 249 -7.09 15.00 -5.20
C ARG B 249 -5.63 15.40 -5.03
N VAL B 250 -5.07 16.17 -5.96
CA VAL B 250 -3.67 16.59 -5.92
C VAL B 250 -3.66 18.11 -5.89
N LEU B 251 -3.05 18.67 -4.86
CA LEU B 251 -2.88 20.11 -4.72
C LEU B 251 -1.43 20.47 -4.92
N PHE B 252 -1.16 21.39 -5.85
CA PHE B 252 0.17 21.91 -6.08
C PHE B 252 0.22 23.31 -5.48
N GLY B 253 0.93 23.44 -4.37
CA GLY B 253 1.01 24.70 -3.68
C GLY B 253 2.43 25.15 -3.45
N VAL B 254 2.59 26.14 -2.59
CA VAL B 254 3.87 26.65 -2.13
C VAL B 254 3.71 26.84 -0.62
N PRO B 255 4.78 27.02 0.14
CA PRO B 255 4.62 27.08 1.61
C PRO B 255 3.61 28.11 2.09
N ALA B 256 3.60 29.31 1.54
CA ALA B 256 2.70 30.35 2.05
C ALA B 256 1.24 29.99 1.81
N ILE B 257 0.95 29.25 0.74
CA ILE B 257 -0.43 28.86 0.46
C ILE B 257 -0.94 27.93 1.54
N TYR B 258 -0.11 26.95 1.94
CA TYR B 258 -0.50 26.05 3.01
C TYR B 258 -0.66 26.80 4.32
N ALA B 259 0.21 27.78 4.58
CA ALA B 259 0.00 28.64 5.75
C ALA B 259 -1.35 29.33 5.69
N SER B 260 -1.75 29.83 4.51
CA SER B 260 -3.02 30.52 4.40
C SER B 260 -4.22 29.59 4.51
N LEU B 261 -4.02 28.27 4.32
CA LEU B 261 -5.11 27.30 4.35
C LEU B 261 -5.36 26.72 5.73
N ARG B 262 -4.53 27.06 6.72
CA ARG B 262 -4.69 26.52 8.07
C ARG B 262 -6.10 26.69 8.62
N PRO B 263 -6.74 27.85 8.52
CA PRO B 263 -8.12 27.97 9.03
C PRO B 263 -9.13 27.18 8.21
N GLN B 264 -8.73 26.57 7.09
CA GLN B 264 -9.62 25.77 6.27
C GLN B 264 -9.15 24.31 6.21
N ALA B 265 -8.46 23.85 7.26
CA ALA B 265 -7.90 22.51 7.24
C ALA B 265 -8.98 21.45 7.01
N ARG B 266 -10.12 21.60 7.67
CA ARG B 266 -11.18 20.60 7.51
C ARG B 266 -11.54 20.45 6.04
N GLU B 267 -11.73 21.58 5.35
CA GLU B 267 -12.12 21.53 3.93
C GLU B 267 -11.01 20.92 3.09
N LEU B 268 -9.73 21.23 3.39
CA LEU B 268 -8.63 20.68 2.61
C LEU B 268 -8.60 19.16 2.73
N LEU B 269 -8.71 18.65 3.95
CA LEU B 269 -8.67 17.20 4.16
C LEU B 269 -9.85 16.47 3.52
N SER B 270 -10.94 17.18 3.20
CA SER B 270 -12.11 16.50 2.65
C SER B 270 -11.89 15.99 1.23
N SER B 271 -10.97 16.58 0.49
CA SER B 271 -10.78 16.15 -0.90
C SER B 271 -9.32 15.89 -1.23
N VAL B 272 -8.38 16.67 -0.70
CA VAL B 272 -6.99 16.58 -1.12
C VAL B 272 -6.33 15.38 -0.46
N ARG B 273 -5.79 14.48 -1.29
CA ARG B 273 -5.06 13.32 -0.81
C ARG B 273 -3.56 13.38 -1.04
N LEU B 274 -3.09 14.19 -2.00
CA LEU B 274 -1.66 14.36 -2.26
C LEU B 274 -1.42 15.87 -2.29
N ALA B 275 -0.66 16.38 -1.31
CA ALA B 275 -0.35 17.80 -1.21
C ALA B 275 1.12 17.98 -1.55
N PHE B 276 1.40 18.78 -2.57
CA PHE B 276 2.77 19.05 -2.97
C PHE B 276 3.09 20.52 -2.73
N SER B 277 4.36 20.78 -2.37
CA SER B 277 4.81 22.15 -2.15
C SER B 277 6.16 22.35 -2.83
N ALA B 278 6.31 23.47 -3.52
CA ALA B 278 7.56 23.81 -4.19
C ALA B 278 7.71 25.33 -4.21
N GLY B 279 8.82 25.79 -4.77
CA GLY B 279 9.10 27.21 -4.90
C GLY B 279 10.06 27.75 -3.87
N SER B 280 9.91 27.31 -2.63
CA SER B 280 10.77 27.70 -1.51
C SER B 280 10.67 26.61 -0.44
N PRO B 281 11.59 26.57 0.51
CA PRO B 281 11.60 25.45 1.45
C PRO B 281 10.33 25.44 2.29
N LEU B 282 9.77 24.25 2.49
CA LEU B 282 8.59 24.09 3.35
C LEU B 282 9.03 24.08 4.81
N PRO B 283 8.64 25.06 5.64
CA PRO B 283 9.11 25.05 7.03
C PRO B 283 8.64 23.84 7.81
N ARG B 284 9.49 23.41 8.76
CA ARG B 284 9.12 22.32 9.65
C ARG B 284 7.77 22.57 10.30
N GLY B 285 7.53 23.80 10.76
CA GLY B 285 6.28 24.11 11.41
C GLY B 285 5.08 23.86 10.52
N GLU B 286 5.22 24.16 9.22
CA GLU B 286 4.13 23.88 8.29
C GLU B 286 3.96 22.39 8.08
N PHE B 287 5.07 21.67 7.88
CA PHE B 287 5.00 20.23 7.72
C PHE B 287 4.30 19.59 8.92
N GLU B 288 4.65 20.03 10.12
CA GLU B 288 4.14 19.40 11.34
C GLU B 288 2.69 19.79 11.62
N PHE B 289 2.31 21.03 11.35
CA PHE B 289 0.90 21.43 11.50
C PHE B 289 -0.02 20.52 10.71
N TRP B 290 0.29 20.31 9.42
CA TRP B 290 -0.63 19.53 8.59
C TRP B 290 -0.56 18.04 8.91
N ALA B 291 0.62 17.54 9.28
CA ALA B 291 0.72 16.16 9.75
C ALA B 291 -0.20 15.92 10.94
N ALA B 292 -0.29 16.88 11.85
CA ALA B 292 -1.16 16.74 13.00
C ALA B 292 -2.61 16.58 12.58
N HIS B 293 -2.98 17.11 11.41
CA HIS B 293 -4.32 16.95 10.86
C HIS B 293 -4.41 15.79 9.88
N GLY B 294 -3.35 15.01 9.72
CA GLY B 294 -3.39 13.83 8.87
C GLY B 294 -3.09 14.07 7.40
N LEU B 295 -2.48 15.20 7.04
CA LEU B 295 -2.13 15.48 5.65
C LEU B 295 -0.61 15.62 5.54
N GLU B 296 -0.02 14.81 4.66
CA GLU B 296 1.39 14.90 4.35
C GLU B 296 1.60 15.93 3.25
N ILE B 297 2.51 16.88 3.47
CA ILE B 297 2.91 17.84 2.44
C ILE B 297 4.30 17.45 1.95
N CYS B 298 4.43 17.24 0.64
CA CYS B 298 5.67 16.80 0.02
C CYS B 298 6.38 17.99 -0.58
N ASP B 299 7.56 18.30 -0.04
CA ASP B 299 8.38 19.41 -0.49
C ASP B 299 9.34 18.93 -1.58
N GLY B 300 9.31 19.60 -2.73
CA GLY B 300 10.28 19.33 -3.78
C GLY B 300 10.74 20.61 -4.45
N ILE B 301 11.94 20.55 -5.03
CA ILE B 301 12.54 21.68 -5.72
C ILE B 301 12.52 21.39 -7.21
N GLY B 302 12.08 22.38 -8.00
CA GLY B 302 12.28 22.38 -9.42
C GLY B 302 12.91 23.70 -9.81
N ALA B 303 13.29 23.80 -11.07
CA ALA B 303 13.84 25.03 -11.61
C ALA B 303 13.53 25.05 -13.10
N THR B 304 13.34 26.25 -13.65
CA THR B 304 12.94 26.36 -15.04
C THR B 304 13.91 25.58 -15.93
N GLU B 305 15.20 25.70 -15.64
CA GLU B 305 16.25 25.08 -16.42
C GLU B 305 16.24 23.56 -16.35
N VAL B 306 15.45 22.97 -15.47
CA VAL B 306 15.36 21.52 -15.32
C VAL B 306 13.95 21.02 -15.62
N GLY B 307 13.08 21.87 -16.15
CA GLY B 307 11.77 21.43 -16.57
C GLY B 307 10.73 21.41 -15.46
N HIS B 308 10.97 20.65 -14.41
CA HIS B 308 10.02 20.61 -13.30
C HIS B 308 10.78 20.17 -12.05
N VAL B 309 10.05 19.58 -11.09
CA VAL B 309 10.66 19.12 -9.86
C VAL B 309 11.63 17.98 -10.18
N PHE B 310 12.87 18.10 -9.65
CA PHE B 310 13.90 17.09 -9.87
C PHE B 310 14.42 16.47 -8.58
N LEU B 311 14.03 16.99 -7.42
CA LEU B 311 14.52 16.53 -6.13
C LEU B 311 13.38 16.76 -5.16
N ALA B 312 12.91 15.70 -4.49
CA ALA B 312 11.66 15.85 -3.76
C ALA B 312 11.50 14.76 -2.71
N ASN B 313 10.64 15.05 -1.75
CA ASN B 313 10.15 14.02 -0.84
C ASN B 313 9.20 13.08 -1.58
N ARG B 314 9.39 11.80 -1.36
CA ARG B 314 8.53 10.82 -2.02
C ARG B 314 7.21 10.71 -1.26
N PRO B 315 6.08 10.73 -1.96
CA PRO B 315 4.79 10.58 -1.25
C PRO B 315 4.76 9.37 -0.34
N GLY B 316 4.27 9.57 0.88
CA GLY B 316 4.26 8.54 1.89
C GLY B 316 5.56 8.40 2.65
N GLN B 317 6.60 9.15 2.28
CA GLN B 317 7.90 9.06 2.95
C GLN B 317 8.50 10.43 3.21
N ALA B 318 7.68 11.49 3.21
CA ALA B 318 8.20 12.83 3.39
C ALA B 318 8.67 13.04 4.83
N ARG B 319 9.63 13.95 4.99
CA ARG B 319 10.22 14.30 6.28
C ARG B 319 10.30 15.81 6.40
N ALA B 320 10.14 16.32 7.62
CA ALA B 320 10.20 17.76 7.85
C ALA B 320 11.60 18.30 7.59
N ASP B 321 11.67 19.57 7.18
CA ASP B 321 12.93 20.28 7.03
C ASP B 321 13.87 19.50 6.12
N SER B 322 13.37 19.17 4.93
CA SER B 322 14.10 18.34 3.99
C SER B 322 13.48 18.51 2.59
N THR B 323 14.34 18.49 1.58
CA THR B 323 13.89 18.49 0.19
C THR B 323 13.85 17.08 -0.40
N GLY B 324 14.29 16.07 0.34
CA GLY B 324 14.17 14.69 -0.11
C GLY B 324 15.32 14.21 -0.95
N LEU B 325 15.00 13.37 -1.95
CA LEU B 325 15.97 12.66 -2.76
C LEU B 325 15.82 13.02 -4.23
N PRO B 326 16.90 12.89 -5.00
CA PRO B 326 16.77 13.08 -6.45
C PRO B 326 15.72 12.13 -7.03
N LEU B 327 14.92 12.66 -7.94
CA LEU B 327 13.92 11.86 -8.63
C LEU B 327 14.58 10.84 -9.55
N PRO B 328 13.87 9.76 -9.88
CA PRO B 328 14.46 8.74 -10.77
C PRO B 328 14.96 9.37 -12.06
N GLY B 329 16.17 8.99 -12.45
CA GLY B 329 16.79 9.52 -13.64
C GLY B 329 17.68 10.72 -13.39
N TYR B 330 17.42 11.49 -12.34
CA TYR B 330 18.20 12.67 -12.06
C TYR B 330 19.42 12.34 -11.21
N GLU B 331 20.47 13.17 -11.37
CA GLU B 331 21.67 13.10 -10.55
C GLU B 331 21.96 14.46 -9.94
N CYS B 332 22.21 14.48 -8.64
CA CYS B 332 22.54 15.71 -7.94
C CYS B 332 23.96 15.66 -7.38
N ARG B 333 24.64 16.81 -7.42
CA ARG B 333 26.02 16.96 -6.98
C ARG B 333 26.15 18.25 -6.18
N LEU B 334 26.98 18.24 -5.15
CA LEU B 334 27.32 19.44 -4.41
C LEU B 334 28.79 19.77 -4.66
N VAL B 335 29.09 21.02 -4.99
CA VAL B 335 30.45 21.44 -5.26
C VAL B 335 30.84 22.54 -4.30
N ASP B 336 32.07 22.47 -3.79
CA ASP B 336 32.53 23.43 -2.80
C ASP B 336 32.99 24.70 -3.51
N ARG B 337 33.59 25.60 -2.75
CA ARG B 337 33.94 26.91 -3.27
C ARG B 337 35.11 26.89 -4.22
N GLU B 338 35.75 25.74 -4.39
CA GLU B 338 36.82 25.59 -5.37
C GLU B 338 36.35 24.79 -6.59
N GLY B 339 35.04 24.53 -6.68
CA GLY B 339 34.48 23.72 -7.75
C GLY B 339 34.66 22.23 -7.58
N HIS B 340 35.13 21.78 -6.41
CA HIS B 340 35.38 20.37 -6.17
C HIS B 340 34.15 19.68 -5.60
N THR B 341 33.95 18.43 -5.99
CA THR B 341 32.77 17.70 -5.57
C THR B 341 32.83 17.35 -4.09
N ILE B 342 31.76 17.65 -3.39
CA ILE B 342 31.63 17.37 -1.96
C ILE B 342 31.10 15.95 -1.83
N GLU B 343 31.83 15.11 -1.11
CA GLU B 343 31.42 13.74 -0.88
C GLU B 343 30.77 13.51 0.48
N GLU B 344 31.12 14.32 1.48
CA GLU B 344 30.66 14.06 2.83
C GLU B 344 29.23 14.54 3.03
N ALA B 345 28.58 13.97 4.03
CA ALA B 345 27.30 14.46 4.49
C ALA B 345 27.49 15.62 5.46
N GLY B 346 26.46 16.46 5.58
CA GLY B 346 26.50 17.60 6.46
C GLY B 346 27.43 18.72 6.05
N ARG B 347 27.82 18.80 4.78
CA ARG B 347 28.69 19.86 4.29
CA ARG B 347 28.70 19.85 4.29
C ARG B 347 28.01 20.59 3.14
N GLN B 348 27.94 21.92 3.24
CA GLN B 348 27.20 22.72 2.27
C GLN B 348 28.01 22.98 1.01
N GLY B 349 27.33 22.93 -0.12
CA GLY B 349 27.89 23.34 -1.39
C GLY B 349 26.77 23.70 -2.33
N VAL B 350 27.17 24.17 -3.51
CA VAL B 350 26.20 24.56 -4.53
C VAL B 350 25.71 23.33 -5.26
N LEU B 351 24.41 23.27 -5.48
CA LEU B 351 23.75 22.10 -6.04
C LEU B 351 23.74 22.17 -7.57
N LEU B 352 24.32 21.16 -8.21
CA LEU B 352 24.24 20.96 -9.65
C LEU B 352 23.35 19.76 -9.91
N VAL B 353 22.60 19.80 -11.02
CA VAL B 353 21.71 18.70 -11.35
C VAL B 353 21.77 18.42 -12.84
N ARG B 354 21.64 17.13 -13.19
CA ARG B 354 21.44 16.72 -14.57
C ARG B 354 20.40 15.60 -14.59
N GLY B 355 19.83 15.37 -15.75
CA GLY B 355 18.83 14.33 -15.89
C GLY B 355 17.77 14.63 -16.94
N PRO B 356 16.68 13.84 -16.93
CA PRO B 356 15.74 13.87 -18.06
C PRO B 356 15.16 15.25 -18.38
N GLY B 357 14.85 16.06 -17.37
CA GLY B 357 14.23 17.36 -17.59
C GLY B 357 15.17 18.50 -17.95
N LEU B 358 16.48 18.27 -17.96
CA LEU B 358 17.45 19.34 -18.16
C LEU B 358 17.24 20.02 -19.51
N SER B 359 17.21 21.36 -19.49
CA SER B 359 17.06 22.10 -20.72
C SER B 359 18.34 22.02 -21.55
N PRO B 360 18.22 22.01 -22.88
CA PRO B 360 19.41 22.11 -23.74
CA PRO B 360 19.41 22.10 -23.73
C PRO B 360 20.10 23.44 -23.68
N GLY B 361 19.52 24.45 -23.04
CA GLY B 361 20.16 25.74 -22.89
C GLY B 361 19.19 26.90 -23.07
N TYR B 362 19.70 28.11 -22.94
CA TYR B 362 18.89 29.31 -23.13
C TYR B 362 18.74 29.60 -24.62
N TRP B 363 17.59 30.19 -24.97
CA TRP B 363 17.34 30.52 -26.37
C TRP B 363 18.34 31.54 -26.89
N ARG B 364 18.60 32.56 -26.10
CA ARG B 364 19.50 33.64 -26.47
C ARG B 364 20.24 34.04 -25.21
N ALA B 365 21.57 34.01 -25.26
CA ALA B 365 22.34 34.18 -24.04
C ALA B 365 23.79 34.50 -24.38
N SER B 366 24.42 35.29 -23.51
CA SER B 366 25.86 35.47 -23.55
C SER B 366 26.55 34.15 -23.15
N GLU B 367 27.86 34.09 -23.37
CA GLU B 367 28.62 32.92 -22.95
C GLU B 367 28.60 32.76 -21.43
N GLU B 368 28.64 33.88 -20.70
CA GLU B 368 28.57 33.82 -19.24
C GLU B 368 27.24 33.24 -18.78
N GLN B 369 26.14 33.63 -19.43
CA GLN B 369 24.83 33.09 -19.09
C GLN B 369 24.75 31.59 -19.35
N GLN B 370 25.18 31.16 -20.53
CA GLN B 370 25.18 29.73 -20.86
C GLN B 370 26.05 28.92 -19.92
N ALA B 371 27.01 29.56 -19.23
CA ALA B 371 27.91 28.82 -18.34
C ALA B 371 27.16 28.15 -17.18
N ARG B 372 25.95 28.59 -16.89
CA ARG B 372 25.13 27.87 -15.90
C ARG B 372 24.84 26.44 -16.33
N PHE B 373 24.97 26.14 -17.63
CA PHE B 373 24.78 24.79 -18.14
C PHE B 373 26.10 24.06 -18.36
N ALA B 374 27.20 24.64 -17.91
CA ALA B 374 28.52 24.11 -18.23
C ALA B 374 28.65 22.66 -17.81
N GLY B 375 29.20 21.84 -18.70
CA GLY B 375 29.55 20.47 -18.39
C GLY B 375 28.40 19.50 -18.35
N GLY B 376 27.23 19.87 -18.87
CA GLY B 376 26.09 18.98 -18.84
C GLY B 376 25.31 18.97 -17.55
N TRP B 377 25.56 19.93 -16.67
CA TRP B 377 24.80 20.13 -15.44
C TRP B 377 24.18 21.52 -15.47
N TYR B 378 23.07 21.68 -14.75
CA TYR B 378 22.57 23.01 -14.43
C TYR B 378 23.05 23.41 -13.04
N ARG B 379 23.68 24.59 -12.94
CA ARG B 379 24.13 25.12 -11.67
C ARG B 379 22.98 25.92 -11.06
N THR B 380 22.35 25.38 -10.00
CA THR B 380 21.18 26.01 -9.41
C THR B 380 21.48 27.35 -8.74
N GLY B 381 22.69 27.55 -8.21
CA GLY B 381 22.94 28.68 -7.35
C GLY B 381 22.40 28.52 -5.95
N ASP B 382 21.87 27.35 -5.63
CA ASP B 382 21.35 27.03 -4.31
C ASP B 382 22.41 26.29 -3.51
N LEU B 383 22.58 26.69 -2.25
CA LEU B 383 23.38 25.95 -1.30
C LEU B 383 22.54 24.85 -0.68
N PHE B 384 23.06 23.64 -0.68
CA PHE B 384 22.39 22.47 -0.13
C PHE B 384 23.40 21.66 0.66
N GLU B 385 22.87 20.84 1.57
CA GLU B 385 23.67 19.83 2.25
C GLU B 385 22.92 18.51 2.15
N ARG B 386 23.68 17.43 2.28
CA ARG B 386 23.15 16.08 2.23
C ARG B 386 23.27 15.46 3.62
N ASP B 387 22.32 14.60 3.98
CA ASP B 387 22.44 13.84 5.22
C ASP B 387 22.89 12.41 4.90
N GLU B 388 23.02 11.59 5.95
CA GLU B 388 23.54 10.23 5.75
C GLU B 388 22.59 9.34 4.97
N SER B 389 21.30 9.66 4.90
CA SER B 389 20.39 8.86 4.09
C SER B 389 20.40 9.26 2.63
N GLY B 390 21.15 10.30 2.27
CA GLY B 390 21.17 10.81 0.90
C GLY B 390 20.23 11.97 0.66
N ALA B 391 19.44 12.36 1.65
CA ALA B 391 18.47 13.43 1.49
C ALA B 391 19.12 14.79 1.62
N TYR B 392 18.54 15.77 0.92
CA TYR B 392 19.08 17.11 0.80
C TYR B 392 18.29 18.10 1.64
N ARG B 393 18.98 19.14 2.13
CA ARG B 393 18.35 20.21 2.87
C ARG B 393 18.84 21.55 2.32
N HIS B 394 17.91 22.48 2.07
CA HIS B 394 18.27 23.77 1.51
C HIS B 394 18.94 24.65 2.56
N CYS B 395 20.01 25.33 2.16
CA CYS B 395 20.83 26.12 3.08
C CYS B 395 21.04 27.55 2.64
N GLY B 396 20.35 28.02 1.60
CA GLY B 396 20.53 29.38 1.13
C GLY B 396 21.05 29.47 -0.30
N ARG B 397 21.53 30.66 -0.69
CA ARG B 397 21.99 30.92 -2.05
C ARG B 397 23.49 31.21 -2.04
N GLU B 398 24.15 30.88 -3.15
CA GLU B 398 25.59 31.18 -3.26
C GLU B 398 25.77 32.67 -3.56
N SER C 2 -21.42 -11.05 25.86
CA SER C 2 -20.07 -11.01 25.31
C SER C 2 -19.94 -11.95 24.11
N THR C 3 -18.98 -11.65 23.23
CA THR C 3 -18.78 -12.43 22.02
C THR C 3 -18.00 -13.71 22.30
N LEU C 4 -18.47 -14.81 21.72
CA LEU C 4 -17.76 -16.08 21.85
C LEU C 4 -16.39 -15.97 21.17
N ALA C 5 -15.36 -16.52 21.82
CA ALA C 5 -14.00 -16.38 21.32
C ALA C 5 -13.16 -17.58 21.74
N ASN C 6 -11.98 -17.67 21.13
CA ASN C 6 -11.02 -18.73 21.38
C ASN C 6 -9.66 -18.12 21.65
N LEU C 7 -9.02 -18.53 22.75
CA LEU C 7 -7.76 -17.90 23.14
C LEU C 7 -6.70 -18.09 22.08
N THR C 8 -6.55 -19.30 21.57
CA THR C 8 -5.56 -19.54 20.52
C THR C 8 -5.86 -18.68 19.30
N GLU C 9 -7.12 -18.67 18.88
CA GLU C 9 -7.52 -17.82 17.76
C GLU C 9 -7.20 -16.36 18.05
N VAL C 10 -7.57 -15.87 19.23
CA VAL C 10 -7.30 -14.48 19.58
C VAL C 10 -5.81 -14.18 19.51
N LEU C 11 -4.98 -15.10 20.04
CA LEU C 11 -3.54 -14.89 19.98
C LEU C 11 -3.05 -14.84 18.53
N PHE C 12 -3.59 -15.70 17.68
CA PHE C 12 -3.18 -15.75 16.28
C PHE C 12 -3.55 -14.49 15.51
N ARG C 13 -4.55 -13.74 15.95
CA ARG C 13 -4.99 -12.53 15.26
C ARG C 13 -4.23 -11.28 15.70
N LEU C 14 -3.46 -11.33 16.78
CA LEU C 14 -2.71 -10.16 17.21
C LEU C 14 -1.78 -9.69 16.09
N ASP C 15 -1.65 -8.37 15.95
CA ASP C 15 -0.96 -7.77 14.80
C ASP C 15 0.54 -7.74 15.08
N PHE C 16 1.18 -8.87 14.80
CA PHE C 16 2.63 -8.97 14.84
C PHE C 16 3.11 -9.68 13.58
N ASP C 17 4.35 -9.40 13.20
CA ASP C 17 4.92 -9.96 11.98
C ASP C 17 4.97 -11.48 12.10
N PRO C 18 4.27 -12.24 11.24
CA PRO C 18 4.27 -13.70 11.38
C PRO C 18 5.62 -14.36 11.14
N ASP C 19 6.52 -13.72 10.39
CA ASP C 19 7.79 -14.35 10.06
CA ASP C 19 7.80 -14.32 10.05
C ASP C 19 8.85 -14.14 11.14
N THR C 20 8.51 -13.52 12.27
CA THR C 20 9.44 -13.34 13.36
C THR C 20 9.42 -14.53 14.32
N ALA C 21 10.51 -14.69 15.06
CA ALA C 21 10.64 -15.81 15.97
C ALA C 21 9.61 -15.72 17.10
N VAL C 22 9.24 -16.88 17.62
CA VAL C 22 8.35 -16.96 18.77
C VAL C 22 8.94 -17.89 19.84
N TYR C 23 9.59 -18.98 19.41
CA TYR C 23 10.24 -19.90 20.34
C TYR C 23 11.62 -20.29 19.83
N HIS C 24 12.54 -20.54 20.76
CA HIS C 24 13.86 -21.07 20.46
C HIS C 24 14.08 -22.36 21.24
N TYR C 25 14.73 -23.33 20.61
CA TYR C 25 14.83 -24.67 21.18
C TYR C 25 15.98 -25.43 20.55
N ARG C 26 16.95 -25.84 21.37
CA ARG C 26 18.08 -26.65 20.91
C ARG C 26 18.77 -25.99 19.72
N GLY C 27 19.09 -24.70 19.87
CA GLY C 27 19.77 -23.97 18.83
C GLY C 27 18.94 -23.74 17.58
N GLN C 28 17.66 -24.09 17.58
CA GLN C 28 16.78 -23.87 16.46
C GLN C 28 15.75 -22.80 16.80
N THR C 29 15.13 -22.24 15.76
CA THR C 29 14.16 -21.17 15.93
C THR C 29 12.91 -21.49 15.13
N LEU C 30 11.76 -21.24 15.74
CA LEU C 30 10.47 -21.44 15.12
C LEU C 30 9.76 -20.09 15.04
N SER C 31 9.30 -19.72 13.85
CA SER C 31 8.60 -18.47 13.69
C SER C 31 7.14 -18.62 14.12
N ARG C 32 6.52 -17.47 14.43
CA ARG C 32 5.09 -17.45 14.69
C ARG C 32 4.34 -18.24 13.62
N LEU C 33 4.71 -18.03 12.34
CA LEU C 33 4.01 -18.71 11.25
C LEU C 33 4.19 -20.22 11.32
N GLN C 34 5.41 -20.67 11.62
CA GLN C 34 5.66 -22.11 11.73
C GLN C 34 4.82 -22.73 12.83
N CYS C 35 4.76 -22.08 14.00
CA CYS C 35 4.00 -22.62 15.12
C CYS C 35 2.50 -22.53 14.87
N ARG C 36 2.06 -21.48 14.15
CA ARG C 36 0.65 -21.36 13.81
C ARG C 36 0.22 -22.50 12.90
N THR C 37 1.04 -22.81 11.89
CA THR C 37 0.73 -23.90 10.97
C THR C 37 0.72 -25.24 11.70
N TYR C 38 1.68 -25.46 12.59
CA TYR C 38 1.73 -26.71 13.35
C TYR C 38 0.53 -26.83 14.27
N ILE C 39 0.13 -25.72 14.90
CA ILE C 39 -0.99 -25.77 15.83
C ILE C 39 -2.29 -26.10 15.09
N LEU C 40 -2.52 -25.46 13.95
CA LEU C 40 -3.75 -25.75 13.21
C LEU C 40 -3.77 -27.19 12.71
N SER C 41 -2.64 -27.69 12.22
CA SER C 41 -2.58 -29.08 11.79
C SER C 41 -2.85 -30.03 12.95
N GLN C 42 -2.20 -29.79 14.08
CA GLN C 42 -2.38 -30.66 15.23
C GLN C 42 -3.79 -30.59 15.77
N ALA C 43 -4.38 -29.39 15.80
CA ALA C 43 -5.76 -29.25 16.23
C ALA C 43 -6.71 -30.06 15.35
N SER C 44 -6.46 -30.09 14.04
CA SER C 44 -7.34 -30.85 13.15
C SER C 44 -7.38 -32.33 13.54
N GLN C 45 -6.27 -32.84 14.06
CA GLN C 45 -6.23 -34.23 14.54
C GLN C 45 -6.89 -34.36 15.91
N LEU C 46 -6.58 -33.44 16.82
CA LEU C 46 -7.15 -33.47 18.16
C LEU C 46 -8.67 -33.39 18.13
N ALA C 47 -9.23 -32.65 17.18
CA ALA C 47 -10.69 -32.53 17.07
C ALA C 47 -11.33 -33.85 16.73
N ARG C 48 -10.60 -34.78 16.12
CA ARG C 48 -11.11 -36.11 15.86
C ARG C 48 -11.13 -36.95 17.13
N LEU C 49 -10.37 -36.55 18.14
CA LEU C 49 -10.17 -37.33 19.35
C LEU C 49 -10.93 -36.80 20.54
N LEU C 50 -11.05 -35.47 20.66
CA LEU C 50 -11.56 -34.81 21.85
C LEU C 50 -12.81 -34.03 21.52
N LYS C 51 -13.79 -34.08 22.39
CA LYS C 51 -14.93 -33.18 22.27
C LYS C 51 -14.69 -31.90 23.05
N PRO C 52 -15.37 -30.81 22.70
CA PRO C 52 -15.21 -29.58 23.48
C PRO C 52 -15.41 -29.84 24.96
N GLY C 53 -14.50 -29.29 25.77
CA GLY C 53 -14.56 -29.43 27.21
C GLY C 53 -13.70 -30.55 27.77
N ASP C 54 -13.26 -31.49 26.94
CA ASP C 54 -12.45 -32.59 27.44
C ASP C 54 -11.13 -32.06 28.00
N ARG C 55 -10.67 -32.67 29.10
CA ARG C 55 -9.44 -32.23 29.72
C ARG C 55 -8.25 -33.05 29.22
N VAL C 56 -7.09 -32.39 29.16
CA VAL C 56 -5.86 -32.99 28.66
C VAL C 56 -4.74 -32.66 29.63
N VAL C 57 -3.97 -33.66 30.03
CA VAL C 57 -2.82 -33.47 30.91
C VAL C 57 -1.55 -33.68 30.10
N LEU C 58 -0.68 -32.68 30.11
CA LEU C 58 0.63 -32.73 29.45
C LEU C 58 1.69 -32.79 30.54
N ALA C 59 2.34 -33.95 30.68
CA ALA C 59 3.42 -34.15 31.64
C ALA C 59 4.73 -34.21 30.85
N LEU C 60 5.13 -33.05 30.35
CA LEU C 60 6.19 -32.91 29.37
C LEU C 60 7.17 -31.83 29.80
N ASN C 61 8.43 -32.00 29.41
CA ASN C 61 9.45 -30.97 29.57
C ASN C 61 9.15 -29.78 28.65
N ASP C 62 9.71 -28.62 29.02
CA ASP C 62 9.59 -27.42 28.18
C ASP C 62 10.09 -27.69 26.75
N SER C 63 9.26 -27.40 25.77
CA SER C 63 9.63 -27.52 24.37
C SER C 63 8.59 -26.79 23.53
N PRO C 64 8.95 -26.42 22.30
CA PRO C 64 7.95 -25.85 21.39
C PRO C 64 6.78 -26.77 21.14
N SER C 65 7.02 -28.09 21.14
CA SER C 65 5.93 -29.04 20.93
C SER C 65 4.96 -29.02 22.10
N LEU C 66 5.47 -28.85 23.32
CA LEU C 66 4.59 -28.69 24.47
C LEU C 66 3.74 -27.43 24.34
N ALA C 67 4.39 -26.28 24.09
CA ALA C 67 3.66 -25.02 23.99
C ALA C 67 2.58 -25.08 22.92
N CYS C 68 2.94 -25.56 21.73
CA CYS C 68 1.98 -25.64 20.64
C CYS C 68 0.86 -26.63 20.96
N LEU C 69 1.21 -27.79 21.50
CA LEU C 69 0.21 -28.78 21.84
C LEU C 69 -0.82 -28.21 22.81
N PHE C 70 -0.35 -27.47 23.81
CA PHE C 70 -1.22 -26.74 24.71
C PHE C 70 -2.19 -25.85 23.94
N LEU C 71 -1.67 -25.06 22.99
CA LEU C 71 -2.54 -24.18 22.23
C LEU C 71 -3.42 -24.95 21.28
N ALA C 72 -2.94 -26.08 20.75
CA ALA C 72 -3.78 -26.88 19.87
C ALA C 72 -4.97 -27.44 20.65
N CYS C 73 -4.75 -27.89 21.87
CA CYS C 73 -5.86 -28.34 22.71
C CYS C 73 -6.89 -27.24 22.84
N ILE C 74 -6.45 -26.04 23.24
CA ILE C 74 -7.38 -24.92 23.41
C ILE C 74 -8.11 -24.61 22.12
N ALA C 75 -7.42 -24.72 20.97
CA ALA C 75 -8.04 -24.36 19.71
C ALA C 75 -9.29 -25.17 19.44
N VAL C 76 -9.30 -26.45 19.85
CA VAL C 76 -10.43 -27.33 19.61
C VAL C 76 -11.38 -27.37 20.81
N GLY C 77 -11.16 -26.50 21.80
CA GLY C 77 -12.02 -26.42 22.96
C GLY C 77 -11.68 -27.37 24.09
N ALA C 78 -10.60 -28.14 23.97
CA ALA C 78 -10.12 -28.96 25.08
C ALA C 78 -9.50 -28.06 26.14
N ILE C 79 -9.32 -28.61 27.33
CA ILE C 79 -8.92 -27.86 28.51
C ILE C 79 -7.65 -28.47 29.06
N PRO C 80 -6.48 -27.93 28.72
CA PRO C 80 -5.21 -28.57 29.12
C PRO C 80 -4.68 -28.11 30.47
N ALA C 81 -3.75 -28.90 31.00
CA ALA C 81 -3.02 -28.57 32.22
C ALA C 81 -1.60 -29.10 32.08
N VAL C 82 -0.62 -28.26 32.39
CA VAL C 82 0.78 -28.64 32.27
C VAL C 82 1.32 -28.91 33.66
N ILE C 83 1.83 -30.13 33.87
CA ILE C 83 2.35 -30.53 35.17
C ILE C 83 3.79 -31.03 35.01
N ASN C 84 4.47 -31.14 36.16
CA ASN C 84 5.84 -31.58 36.23
C ASN C 84 6.02 -32.89 35.46
N PRO C 85 6.87 -32.93 34.43
CA PRO C 85 7.03 -34.18 33.67
C PRO C 85 7.57 -35.31 34.49
N LYS C 86 8.26 -35.00 35.59
CA LYS C 86 8.81 -36.02 36.47
C LYS C 86 7.89 -36.27 37.67
N SER C 87 6.59 -35.98 37.52
CA SER C 87 5.65 -36.29 38.57
C SER C 87 5.70 -37.78 38.88
N ARG C 88 5.61 -38.13 40.16
CA ARG C 88 5.45 -39.53 40.51
C ARG C 88 4.20 -40.08 39.84
N GLU C 89 4.18 -41.40 39.65
CA GLU C 89 3.07 -42.02 38.95
C GLU C 89 1.74 -41.72 39.65
N GLN C 90 1.70 -41.90 40.98
CA GLN C 90 0.46 -41.67 41.71
C GLN C 90 0.07 -40.19 41.68
N ALA C 91 1.05 -39.28 41.72
CA ALA C 91 0.72 -37.86 41.66
C ALA C 91 0.12 -37.51 40.31
N LEU C 92 0.69 -38.06 39.24
CA LEU C 92 0.13 -37.86 37.91
C LEU C 92 -1.28 -38.42 37.82
N ALA C 93 -1.51 -39.59 38.42
CA ALA C 93 -2.83 -40.19 38.41
C ALA C 93 -3.83 -39.34 39.21
N ASP C 94 -3.42 -38.82 40.37
CA ASP C 94 -4.33 -38.03 41.19
C ASP C 94 -4.76 -36.76 40.46
N ILE C 95 -3.85 -36.15 39.70
CA ILE C 95 -4.20 -34.93 38.96
C ILE C 95 -5.07 -35.26 37.77
N ALA C 96 -4.69 -36.26 36.98
CA ALA C 96 -5.51 -36.65 35.84
C ALA C 96 -6.88 -37.12 36.28
N ALA C 97 -6.97 -37.76 37.45
CA ALA C 97 -8.26 -38.15 37.98
C ALA C 97 -9.06 -36.94 38.44
N ASP C 98 -8.38 -35.95 39.02
CA ASP C 98 -9.11 -34.80 39.56
C ASP C 98 -9.81 -34.01 38.47
N CYS C 99 -9.20 -33.87 37.31
CA CYS C 99 -9.83 -33.14 36.21
C CYS C 99 -10.48 -34.10 35.22
N GLN C 100 -10.62 -35.37 35.58
CA GLN C 100 -11.22 -36.40 34.73
CA GLN C 100 -11.24 -36.37 34.73
C GLN C 100 -10.76 -36.22 33.29
N ALA C 101 -9.43 -36.32 33.12
CA ALA C 101 -8.80 -36.12 31.83
C ALA C 101 -9.22 -37.20 30.83
N SER C 102 -9.40 -36.78 29.58
CA SER C 102 -9.61 -37.71 28.48
C SER C 102 -8.28 -38.22 27.91
N LEU C 103 -7.21 -37.45 28.09
CA LEU C 103 -5.92 -37.74 27.46
C LEU C 103 -4.78 -37.29 28.36
N VAL C 104 -3.70 -38.06 28.35
CA VAL C 104 -2.44 -37.69 29.00
C VAL C 104 -1.33 -37.87 27.97
N VAL C 105 -0.48 -36.85 27.83
CA VAL C 105 0.65 -36.91 26.92
C VAL C 105 1.94 -36.83 27.75
N ARG C 106 2.81 -37.82 27.58
CA ARG C 106 3.96 -37.96 28.45
C ARG C 106 5.24 -37.89 27.62
N GLU C 107 6.35 -37.72 28.34
CA GLU C 107 7.65 -37.61 27.71
C GLU C 107 8.15 -38.96 27.20
N ALA C 108 9.12 -38.90 26.29
CA ALA C 108 9.73 -40.12 25.78
C ALA C 108 10.31 -40.95 26.92
N ASP C 109 11.09 -40.32 27.80
CA ASP C 109 11.67 -41.03 28.94
C ASP C 109 10.63 -41.49 29.96
N ALA C 110 9.35 -41.17 29.75
CA ALA C 110 8.32 -41.64 30.65
C ALA C 110 8.15 -43.14 30.49
N PRO C 111 7.68 -43.85 31.52
CA PRO C 111 7.48 -45.29 31.35
C PRO C 111 6.42 -45.55 30.30
N SER C 112 6.59 -46.65 29.58
CA SER C 112 5.61 -47.07 28.59
C SER C 112 4.39 -47.72 29.22
N LEU C 113 4.41 -47.94 30.54
CA LEU C 113 3.30 -48.62 31.19
C LEU C 113 2.15 -47.64 31.40
N SER C 114 0.95 -48.11 31.06
CA SER C 114 -0.28 -47.34 31.21
C SER C 114 -1.29 -48.28 31.84
N GLY C 115 -1.63 -48.04 33.11
CA GLY C 115 -2.44 -48.96 33.88
C GLY C 115 -3.87 -49.15 33.39
N PRO C 116 -4.55 -50.14 33.98
CA PRO C 116 -5.93 -50.43 33.58
C PRO C 116 -6.93 -49.31 33.85
N LEU C 117 -6.64 -48.38 34.77
CA LEU C 117 -7.52 -47.24 35.04
C LEU C 117 -6.98 -45.94 34.47
N ALA C 118 -5.84 -46.00 33.77
CA ALA C 118 -5.21 -44.81 33.22
C ALA C 118 -6.01 -44.26 32.04
N PRO C 119 -6.05 -42.93 31.87
CA PRO C 119 -6.66 -42.37 30.65
C PRO C 119 -5.81 -42.74 29.46
N LEU C 120 -6.33 -42.50 28.25
CA LEU C 120 -5.51 -42.68 27.07
C LEU C 120 -4.22 -41.90 27.22
N THR C 121 -3.09 -42.59 27.12
CA THR C 121 -1.78 -42.01 27.32
C THR C 121 -0.98 -42.11 26.03
N LEU C 122 -0.48 -40.97 25.56
CA LEU C 122 0.42 -40.90 24.44
C LEU C 122 1.77 -40.40 24.93
N ARG C 123 2.82 -40.76 24.21
CA ARG C 123 4.18 -40.39 24.57
C ARG C 123 4.80 -39.61 23.44
N ALA C 124 5.64 -38.65 23.80
CA ALA C 124 6.44 -37.96 22.81
C ALA C 124 7.43 -38.93 22.17
N ALA C 125 7.98 -38.52 21.04
CA ALA C 125 8.97 -39.33 20.36
C ALA C 125 10.34 -39.16 21.00
N ALA C 126 11.16 -40.21 20.93
CA ALA C 126 12.54 -40.10 21.34
C ALA C 126 13.32 -39.27 20.33
N GLY C 127 14.39 -38.63 20.82
CA GLY C 127 15.26 -37.84 19.97
C GLY C 127 14.98 -36.35 20.03
N ARG C 128 14.04 -35.91 20.85
CA ARG C 128 13.75 -34.50 21.04
C ARG C 128 13.58 -33.77 19.71
N PRO C 129 12.65 -34.19 18.86
CA PRO C 129 12.44 -33.47 17.61
C PRO C 129 11.94 -32.06 17.85
N LEU C 130 12.28 -31.16 16.93
CA LEU C 130 11.84 -29.77 17.07
C LEU C 130 10.33 -29.69 17.18
N LEU C 131 9.62 -30.49 16.39
CA LEU C 131 8.17 -30.60 16.46
C LEU C 131 7.81 -32.07 16.52
N ASP C 132 6.81 -32.39 17.36
CA ASP C 132 6.44 -33.77 17.65
C ASP C 132 4.95 -33.96 17.36
N ASP C 133 4.62 -35.08 16.72
CA ASP C 133 3.22 -35.38 16.43
C ASP C 133 2.55 -36.16 17.55
N PHE C 134 3.31 -36.60 18.56
CA PHE C 134 2.76 -37.31 19.72
C PHE C 134 1.91 -38.51 19.29
N SER C 135 2.30 -39.14 18.19
CA SER C 135 1.68 -40.37 17.68
C SER C 135 0.29 -40.13 17.10
N LEU C 136 -0.11 -38.88 16.89
CA LEU C 136 -1.46 -38.60 16.41
C LEU C 136 -1.66 -39.13 14.99
N ASP C 137 -0.63 -39.09 14.15
CA ASP C 137 -0.75 -39.58 12.78
C ASP C 137 -1.23 -41.03 12.74
N ALA C 138 -0.63 -41.88 13.58
CA ALA C 138 -1.00 -43.29 13.60
C ALA C 138 -2.30 -43.53 14.33
N LEU C 139 -2.70 -42.60 15.20
CA LEU C 139 -3.89 -42.78 16.02
C LEU C 139 -5.18 -42.28 15.34
N VAL C 140 -5.13 -41.13 14.66
CA VAL C 140 -6.32 -40.55 14.06
C VAL C 140 -6.10 -40.19 12.61
N GLY C 141 -4.94 -40.54 12.06
CA GLY C 141 -4.63 -40.25 10.68
C GLY C 141 -3.95 -38.90 10.51
N PRO C 142 -3.45 -38.62 9.30
CA PRO C 142 -2.77 -37.35 9.05
C PRO C 142 -3.71 -36.16 9.16
N ALA C 143 -3.09 -34.99 9.32
CA ALA C 143 -3.82 -33.77 9.59
C ALA C 143 -4.45 -33.20 8.33
N ASP C 144 -5.51 -32.41 8.54
CA ASP C 144 -6.01 -31.57 7.47
C ASP C 144 -5.01 -30.47 7.15
N LEU C 145 -5.14 -29.90 5.95
CA LEU C 145 -4.16 -28.95 5.46
C LEU C 145 -4.51 -27.51 5.78
N ASP C 146 -5.80 -27.18 5.92
CA ASP C 146 -6.22 -25.80 6.15
C ASP C 146 -7.34 -25.77 7.21
N TRP C 147 -7.03 -26.28 8.40
CA TRP C 147 -8.00 -26.37 9.47
C TRP C 147 -8.22 -25.01 10.13
N SER C 148 -9.48 -24.73 10.49
CA SER C 148 -9.79 -23.46 11.14
C SER C 148 -11.02 -23.55 12.04
N ALA C 149 -11.35 -24.73 12.54
CA ALA C 149 -12.60 -24.95 13.27
C ALA C 149 -12.45 -24.62 14.75
N PHE C 150 -12.00 -23.38 15.02
CA PHE C 150 -11.86 -22.96 16.40
C PHE C 150 -13.18 -23.13 17.13
N HIS C 151 -13.10 -23.72 18.32
CA HIS C 151 -14.26 -23.80 19.20
C HIS C 151 -14.30 -22.53 20.03
N ARG C 152 -15.34 -21.73 19.83
CA ARG C 152 -15.49 -20.46 20.52
C ARG C 152 -16.48 -20.63 21.66
N GLN C 153 -16.20 -19.96 22.77
CA GLN C 153 -17.02 -20.08 23.97
C GLN C 153 -16.98 -18.74 24.71
N ASP C 154 -17.72 -18.68 25.80
CA ASP C 154 -17.78 -17.49 26.63
C ASP C 154 -16.37 -17.10 27.09
N PRO C 155 -15.96 -15.84 26.96
CA PRO C 155 -14.62 -15.46 27.46
C PRO C 155 -14.43 -15.77 28.93
N ALA C 156 -15.52 -15.99 29.67
CA ALA C 156 -15.43 -16.32 31.09
C ALA C 156 -15.28 -17.81 31.33
N ALA C 157 -15.49 -18.65 30.32
CA ALA C 157 -15.46 -20.09 30.54
C ALA C 157 -14.04 -20.55 30.79
N ALA C 158 -13.93 -21.71 31.46
CA ALA C 158 -12.64 -22.30 31.72
C ALA C 158 -11.94 -22.65 30.41
N CYS C 159 -10.68 -22.22 30.28
CA CYS C 159 -9.89 -22.44 29.09
CA CYS C 159 -9.89 -22.45 29.09
C CYS C 159 -8.80 -23.48 29.29
N PHE C 160 -8.10 -23.42 30.42
CA PHE C 160 -7.09 -24.40 30.78
C PHE C 160 -7.01 -24.39 32.29
N LEU C 161 -6.29 -25.36 32.83
CA LEU C 161 -6.13 -25.49 34.27
C LEU C 161 -4.66 -25.37 34.63
N GLN C 162 -4.41 -24.87 35.84
CA GLN C 162 -3.07 -24.85 36.43
C GLN C 162 -3.13 -25.49 37.81
N TYR C 163 -2.35 -26.54 38.02
CA TYR C 163 -2.17 -27.15 39.33
C TYR C 163 -0.88 -26.59 39.94
N THR C 164 -1.00 -26.06 41.17
CA THR C 164 0.11 -25.34 41.77
C THR C 164 1.31 -26.23 42.06
N SER C 165 2.49 -25.69 41.75
CA SER C 165 3.76 -26.30 42.10
C SER C 165 4.84 -25.23 42.15
N ALA C 170 -7.08 -34.23 46.24
CA ALA C 170 -6.04 -33.59 47.04
C ALA C 170 -5.38 -32.45 46.27
N PRO C 171 -4.85 -32.70 45.07
CA PRO C 171 -4.43 -31.58 44.23
C PRO C 171 -5.66 -30.86 43.69
N LYS C 172 -5.55 -29.54 43.57
CA LYS C 172 -6.64 -28.73 43.05
C LYS C 172 -6.17 -27.91 41.86
N GLY C 173 -7.03 -27.85 40.84
CA GLY C 173 -6.71 -27.18 39.60
C GLY C 173 -7.37 -25.81 39.49
N VAL C 174 -6.55 -24.79 39.32
CA VAL C 174 -7.05 -23.44 39.09
C VAL C 174 -7.56 -23.32 37.67
N MET C 175 -8.80 -22.85 37.54
CA MET C 175 -9.37 -22.56 36.23
C MET C 175 -8.85 -21.22 35.72
N HIS C 176 -8.45 -21.20 34.45
CA HIS C 176 -8.08 -19.97 33.77
C HIS C 176 -8.92 -19.81 32.51
N SER C 177 -9.45 -18.62 32.32
CA SER C 177 -10.33 -18.30 31.21
C SER C 177 -9.62 -17.37 30.23
N LEU C 178 -10.20 -17.26 29.03
CA LEU C 178 -9.62 -16.35 28.03
C LEU C 178 -9.63 -14.91 28.52
N ARG C 179 -10.65 -14.52 29.30
CA ARG C 179 -10.71 -13.14 29.77
C ARG C 179 -9.61 -12.83 30.78
N ASN C 180 -9.44 -13.70 31.79
CA ASN C 180 -8.46 -13.38 32.82
C ASN C 180 -7.05 -13.72 32.39
N THR C 181 -6.89 -14.54 31.34
CA THR C 181 -5.59 -14.77 30.75
C THR C 181 -5.07 -13.54 30.03
N LEU C 182 -5.86 -13.00 29.09
CA LEU C 182 -5.51 -11.73 28.47
C LEU C 182 -5.34 -10.65 29.53
N GLY C 183 -6.07 -10.77 30.64
CA GLY C 183 -5.96 -9.78 31.69
C GLY C 183 -4.58 -9.71 32.32
N PHE C 184 -4.04 -10.87 32.73
CA PHE C 184 -2.74 -10.83 33.38
C PHE C 184 -1.61 -10.63 32.37
N CYS C 185 -1.79 -11.02 31.10
CA CYS C 185 -0.80 -10.67 30.09
C CYS C 185 -0.74 -9.16 29.91
N ARG C 186 -1.90 -8.52 29.73
CA ARG C 186 -1.91 -7.08 29.54
C ARG C 186 -1.33 -6.36 30.75
N ALA C 187 -1.73 -6.75 31.96
CA ALA C 187 -1.27 -6.05 33.16
C ALA C 187 0.23 -6.22 33.37
N PHE C 188 0.77 -7.39 33.07
CA PHE C 188 2.18 -7.66 33.32
C PHE C 188 3.06 -7.41 32.09
N ALA C 189 2.75 -8.04 30.96
CA ALA C 189 3.63 -7.95 29.79
C ALA C 189 3.59 -6.55 29.18
N THR C 190 2.41 -5.93 29.15
CA THR C 190 2.26 -4.59 28.58
C THR C 190 2.46 -3.50 29.63
N GLU C 191 1.71 -3.55 30.74
CA GLU C 191 1.66 -2.40 31.64
C GLU C 191 2.89 -2.33 32.54
N LEU C 192 3.41 -3.47 33.01
CA LEU C 192 4.58 -3.44 33.87
C LEU C 192 5.87 -3.46 33.04
N LEU C 193 6.02 -4.50 32.22
CA LEU C 193 7.27 -4.74 31.51
C LEU C 193 7.37 -4.02 30.18
N ALA C 194 6.25 -3.62 29.59
CA ALA C 194 6.23 -2.95 28.29
C ALA C 194 7.07 -3.74 27.28
N LEU C 195 6.81 -5.04 27.22
CA LEU C 195 7.54 -5.90 26.29
C LEU C 195 7.32 -5.41 24.86
N GLN C 196 8.40 -5.45 24.07
CA GLN C 196 8.38 -4.97 22.70
C GLN C 196 8.55 -6.14 21.75
N ALA C 197 7.99 -6.00 20.55
CA ALA C 197 8.19 -7.01 19.52
C ALA C 197 9.68 -7.22 19.28
N GLY C 198 10.08 -8.48 19.17
CA GLY C 198 11.46 -8.86 19.01
C GLY C 198 12.20 -9.11 20.31
N ASP C 199 11.67 -8.66 21.44
CA ASP C 199 12.29 -8.91 22.73
C ASP C 199 12.52 -10.41 22.92
N ARG C 200 13.73 -10.77 23.34
CA ARG C 200 14.04 -12.15 23.69
C ARG C 200 13.81 -12.36 25.19
N LEU C 201 13.08 -13.41 25.52
CA LEU C 201 12.75 -13.73 26.91
C LEU C 201 13.40 -15.05 27.30
N TYR C 202 13.81 -15.14 28.57
CA TYR C 202 14.36 -16.37 29.11
C TYR C 202 13.79 -16.55 30.52
N SER C 203 12.96 -17.58 30.68
CA SER C 203 12.39 -17.97 31.96
C SER C 203 13.07 -19.24 32.44
N ILE C 204 13.69 -19.19 33.62
CA ILE C 204 14.31 -20.39 34.17
C ILE C 204 13.21 -21.32 34.68
N PRO C 205 12.19 -20.82 35.39
CA PRO C 205 11.07 -21.71 35.76
C PRO C 205 10.35 -22.24 34.53
N LYS C 206 9.93 -23.50 34.62
CA LYS C 206 9.34 -24.24 33.51
C LYS C 206 7.85 -23.92 33.37
N MET C 207 7.25 -24.45 32.30
CA MET C 207 5.87 -24.11 31.96
C MET C 207 4.85 -24.87 32.80
N PHE C 208 5.27 -25.86 33.58
CA PHE C 208 4.33 -26.45 34.54
C PHE C 208 4.18 -25.62 35.79
N PHE C 209 4.99 -24.58 35.97
CA PHE C 209 4.71 -23.52 36.94
C PHE C 209 3.97 -22.39 36.22
N GLY C 210 2.96 -21.83 36.89
CA GLY C 210 2.23 -20.72 36.30
C GLY C 210 3.13 -19.55 35.93
N TYR C 211 4.10 -19.23 36.79
CA TYR C 211 5.07 -18.18 36.48
C TYR C 211 5.73 -18.42 35.13
N GLY C 212 6.25 -19.64 34.92
CA GLY C 212 6.91 -19.96 33.68
C GLY C 212 5.97 -20.06 32.49
N MET C 213 4.74 -20.54 32.73
CA MET C 213 3.77 -20.61 31.63
C MET C 213 3.51 -19.24 31.04
N GLY C 214 3.33 -18.24 31.90
CA GLY C 214 3.18 -16.88 31.41
C GLY C 214 4.43 -16.43 30.67
N ASN C 215 5.59 -16.60 31.32
CA ASN C 215 6.84 -16.11 30.76
C ASN C 215 7.11 -16.68 29.37
N SER C 216 7.05 -18.01 29.25
CA SER C 216 7.54 -18.71 28.08
C SER C 216 6.45 -19.03 27.07
N LEU C 217 5.25 -19.40 27.51
CA LEU C 217 4.21 -19.82 26.59
C LEU C 217 3.43 -18.63 26.04
N PHE C 218 2.88 -17.79 26.91
CA PHE C 218 1.95 -16.75 26.51
C PHE C 218 2.61 -15.46 26.05
N PHE C 219 3.59 -14.95 26.80
CA PHE C 219 4.13 -13.62 26.48
C PHE C 219 4.72 -13.52 25.08
N PRO C 220 5.42 -14.52 24.53
CA PRO C 220 5.88 -14.40 23.13
C PRO C 220 4.76 -14.12 22.15
N TRP C 221 3.64 -14.86 22.27
CA TRP C 221 2.47 -14.60 21.42
C TRP C 221 1.85 -13.24 21.72
N PHE C 222 1.71 -12.91 23.00
CA PHE C 222 0.93 -11.75 23.40
C PHE C 222 1.62 -10.45 23.01
N SER C 223 2.95 -10.39 23.12
CA SER C 223 3.72 -9.17 22.91
C SER C 223 4.60 -9.19 21.67
N GLY C 224 4.56 -10.26 20.88
CA GLY C 224 5.43 -10.34 19.71
C GLY C 224 6.87 -10.66 20.04
N ALA C 225 7.13 -11.20 21.24
CA ALA C 225 8.46 -11.57 21.67
C ALA C 225 8.69 -13.05 21.41
N SER C 226 9.91 -13.51 21.70
CA SER C 226 10.26 -14.92 21.56
C SER C 226 10.92 -15.39 22.85
N ALA C 227 10.79 -16.69 23.14
CA ALA C 227 11.28 -17.26 24.39
C ALA C 227 12.09 -18.51 24.13
N LEU C 228 13.19 -18.62 24.87
CA LEU C 228 14.04 -19.81 24.81
C LEU C 228 13.42 -20.94 25.63
N LEU C 229 13.26 -22.09 25.00
CA LEU C 229 12.74 -23.28 25.67
C LEU C 229 13.83 -24.33 25.77
N ASP C 230 13.96 -24.91 26.96
CA ASP C 230 14.99 -25.88 27.27
C ASP C 230 14.34 -26.98 28.08
N ASP C 231 14.47 -28.23 27.63
CA ASP C 231 13.80 -29.33 28.31
C ASP C 231 14.66 -29.97 29.40
N THR C 232 15.85 -29.44 29.65
CA THR C 232 16.72 -29.96 30.70
C THR C 232 16.61 -29.07 31.93
N TRP C 233 16.96 -29.64 33.08
CA TRP C 233 16.81 -28.91 34.32
C TRP C 233 17.84 -27.79 34.40
N PRO C 234 17.51 -26.66 35.04
CA PRO C 234 18.40 -25.49 35.03
C PRO C 234 19.55 -25.56 36.04
N SER C 235 20.55 -26.37 35.71
CA SER C 235 21.80 -26.30 36.44
C SER C 235 22.43 -24.93 36.21
N PRO C 236 23.08 -24.34 37.22
CA PRO C 236 23.68 -23.01 37.03
C PRO C 236 24.62 -22.93 35.84
N GLU C 237 25.31 -24.03 35.50
CA GLU C 237 26.18 -24.04 34.33
C GLU C 237 25.37 -23.88 33.05
N ARG C 238 24.23 -24.59 32.96
CA ARG C 238 23.37 -24.53 31.79
C ARG C 238 22.73 -23.14 31.66
N VAL C 239 22.27 -22.58 32.77
CA VAL C 239 21.70 -21.23 32.74
C VAL C 239 22.72 -20.25 32.19
N LEU C 240 23.98 -20.37 32.63
CA LEU C 240 25.00 -19.43 32.19
C LEU C 240 25.24 -19.55 30.69
N GLU C 241 25.40 -20.78 30.19
CA GLU C 241 25.57 -20.96 28.75
C GLU C 241 24.41 -20.36 27.98
N ASN C 242 23.19 -20.59 28.45
CA ASN C 242 22.00 -20.08 27.78
C ASN C 242 21.99 -18.56 27.77
N LEU C 243 22.39 -17.94 28.89
CA LEU C 243 22.42 -16.49 28.97
C LEU C 243 23.41 -15.89 27.98
N VAL C 244 24.59 -16.48 27.85
CA VAL C 244 25.64 -15.89 27.03
C VAL C 244 25.35 -16.08 25.54
N ALA C 245 24.79 -17.24 25.18
CA ALA C 245 24.52 -17.55 23.78
C ALA C 245 23.25 -16.85 23.28
N PHE C 246 22.25 -16.69 24.14
CA PHE C 246 20.93 -16.23 23.72
C PHE C 246 20.72 -14.74 23.95
N ARG C 247 21.37 -14.18 24.97
CA ARG C 247 21.29 -12.76 25.28
C ARG C 247 19.85 -12.24 25.37
N PRO C 248 19.06 -12.76 26.30
CA PRO C 248 17.70 -12.25 26.47
C PRO C 248 17.75 -10.82 27.00
N ARG C 249 16.72 -10.05 26.68
CA ARG C 249 16.58 -8.76 27.31
C ARG C 249 15.91 -8.88 28.67
N VAL C 250 15.03 -9.86 28.83
CA VAL C 250 14.30 -10.08 30.07
C VAL C 250 14.67 -11.47 30.60
N LEU C 251 15.16 -11.52 31.83
CA LEU C 251 15.39 -12.77 32.53
C LEU C 251 14.36 -12.91 33.63
N PHE C 252 13.65 -14.03 33.63
CA PHE C 252 12.68 -14.33 34.67
C PHE C 252 13.33 -15.36 35.58
N GLY C 253 13.74 -14.91 36.76
CA GLY C 253 14.41 -15.78 37.70
C GLY C 253 13.72 -15.79 39.06
N VAL C 254 14.42 -16.31 40.06
CA VAL C 254 13.95 -16.29 41.44
C VAL C 254 15.16 -15.89 42.29
N PRO C 255 14.97 -15.57 43.57
CA PRO C 255 16.11 -15.06 44.36
C PRO C 255 17.33 -15.98 44.37
N ALA C 256 17.15 -17.28 44.55
CA ALA C 256 18.31 -18.17 44.62
C ALA C 256 19.04 -18.22 43.28
N ILE C 257 18.33 -18.01 42.17
CA ILE C 257 18.98 -18.00 40.87
C ILE C 257 19.93 -16.81 40.75
N TYR C 258 19.47 -15.63 41.16
CA TYR C 258 20.36 -14.47 41.12
C TYR C 258 21.53 -14.64 42.06
N ALA C 259 21.30 -15.25 43.23
CA ALA C 259 22.40 -15.55 44.14
C ALA C 259 23.44 -16.43 43.44
N SER C 260 23.00 -17.42 42.67
CA SER C 260 23.93 -18.33 42.00
C SER C 260 24.65 -17.66 40.83
N LEU C 261 24.11 -16.56 40.32
CA LEU C 261 24.72 -15.86 39.19
C LEU C 261 25.73 -14.81 39.61
N ARG C 262 25.89 -14.58 40.90
CA ARG C 262 26.82 -13.55 41.38
C ARG C 262 28.21 -13.66 40.80
N PRO C 263 28.87 -14.83 40.81
CA PRO C 263 30.21 -14.92 40.22
C PRO C 263 30.22 -14.73 38.71
N GLN C 264 29.07 -14.58 38.08
CA GLN C 264 28.95 -14.34 36.65
C GLN C 264 28.37 -12.96 36.36
N ALA C 265 28.62 -12.00 37.26
CA ALA C 265 28.00 -10.68 37.13
C ALA C 265 28.34 -10.04 35.78
N ARG C 266 29.60 -10.13 35.35
CA ARG C 266 29.96 -9.56 34.07
C ARG C 266 29.13 -10.16 32.94
N GLU C 267 28.96 -11.49 32.94
CA GLU C 267 28.17 -12.13 31.90
C GLU C 267 26.71 -11.70 31.95
N LEU C 268 26.15 -11.55 33.16
CA LEU C 268 24.74 -11.18 33.28
C LEU C 268 24.49 -9.78 32.72
N LEU C 269 25.34 -8.81 33.07
CA LEU C 269 25.16 -7.45 32.58
C LEU C 269 25.35 -7.32 31.09
N SER C 270 26.11 -8.21 30.47
CA SER C 270 26.39 -8.12 29.06
C SER C 270 25.17 -8.43 28.20
N SER C 271 24.20 -9.10 28.77
CA SER C 271 23.06 -9.56 27.99
C SER C 271 21.71 -9.16 28.56
N VAL C 272 21.53 -9.25 29.87
CA VAL C 272 20.23 -9.01 30.49
C VAL C 272 20.04 -7.52 30.69
N ARG C 273 18.96 -6.98 30.14
CA ARG C 273 18.61 -5.58 30.35
C ARG C 273 17.51 -5.40 31.39
N LEU C 274 16.66 -6.41 31.56
CA LEU C 274 15.62 -6.39 32.59
C LEU C 274 15.63 -7.73 33.31
N ALA C 275 15.98 -7.72 34.59
CA ALA C 275 16.03 -8.93 35.41
C ALA C 275 14.86 -8.91 36.38
N PHE C 276 14.03 -9.95 36.33
CA PHE C 276 12.87 -10.08 37.20
C PHE C 276 13.05 -11.24 38.16
N SER C 277 12.50 -11.10 39.36
CA SER C 277 12.54 -12.15 40.37
C SER C 277 11.17 -12.30 40.99
N ALA C 278 10.73 -13.55 41.15
CA ALA C 278 9.44 -13.87 41.75
C ALA C 278 9.56 -15.22 42.44
N GLY C 279 8.48 -15.64 43.09
CA GLY C 279 8.43 -16.93 43.75
C GLY C 279 8.62 -16.82 45.25
N SER C 280 9.53 -15.94 45.65
CA SER C 280 9.85 -15.72 47.05
C SER C 280 10.47 -14.33 47.16
N PRO C 281 10.57 -13.78 48.38
CA PRO C 281 11.06 -12.41 48.50
C PRO C 281 12.52 -12.29 48.06
N LEU C 282 12.81 -11.22 47.32
CA LEU C 282 14.18 -10.90 46.94
C LEU C 282 14.91 -10.25 48.12
N PRO C 283 15.97 -10.85 48.67
CA PRO C 283 16.65 -10.24 49.81
C PRO C 283 17.29 -8.90 49.45
N ARG C 284 17.31 -8.00 50.43
CA ARG C 284 17.98 -6.72 50.22
C ARG C 284 19.42 -6.93 49.75
N GLY C 285 20.14 -7.87 50.39
CA GLY C 285 21.52 -8.10 50.02
C GLY C 285 21.67 -8.49 48.57
N GLU C 286 20.74 -9.28 48.05
CA GLU C 286 20.78 -9.63 46.63
C GLU C 286 20.45 -8.40 45.78
N PHE C 287 19.43 -7.63 46.16
CA PHE C 287 19.11 -6.41 45.44
C PHE C 287 20.32 -5.50 45.39
N GLU C 288 21.01 -5.33 46.52
CA GLU C 288 22.11 -4.38 46.58
C GLU C 288 23.36 -4.90 45.89
N PHE C 289 23.61 -6.21 45.96
CA PHE C 289 24.73 -6.78 45.22
C PHE C 289 24.65 -6.44 43.73
N TRP C 290 23.49 -6.68 43.12
CA TRP C 290 23.37 -6.43 41.69
C TRP C 290 23.23 -4.95 41.39
N ALA C 291 22.57 -4.19 42.26
CA ALA C 291 22.58 -2.73 42.15
C ALA C 291 24.02 -2.21 42.18
N ALA C 292 24.85 -2.80 43.04
CA ALA C 292 26.24 -2.40 43.11
C ALA C 292 26.94 -2.63 41.77
N HIS C 293 26.47 -3.60 40.99
CA HIS C 293 26.99 -3.83 39.65
C HIS C 293 26.18 -3.11 38.58
N GLY C 294 25.17 -2.33 38.95
CA GLY C 294 24.41 -1.58 37.97
C GLY C 294 23.29 -2.32 37.28
N LEU C 295 22.81 -3.43 37.87
CA LEU C 295 21.69 -4.19 37.32
C LEU C 295 20.55 -4.16 38.33
N GLU C 296 19.38 -3.70 37.89
CA GLU C 296 18.19 -3.67 38.73
C GLU C 296 17.46 -5.02 38.64
N ILE C 297 17.19 -5.60 39.81
CA ILE C 297 16.36 -6.81 39.91
C ILE C 297 14.99 -6.35 40.39
N CYS C 298 13.94 -6.69 39.64
CA CYS C 298 12.58 -6.28 39.96
C CYS C 298 11.84 -7.46 40.61
N ASP C 299 11.51 -7.31 41.89
CA ASP C 299 10.80 -8.34 42.65
C ASP C 299 9.30 -8.14 42.48
N GLY C 300 8.60 -9.20 42.08
CA GLY C 300 7.16 -9.18 42.00
C GLY C 300 6.55 -10.48 42.46
N ILE C 301 5.32 -10.38 42.99
CA ILE C 301 4.60 -11.53 43.50
C ILE C 301 3.45 -11.88 42.57
N GLY C 302 3.33 -13.17 42.27
CA GLY C 302 2.14 -13.72 41.64
C GLY C 302 1.68 -14.95 42.40
N ALA C 303 0.51 -15.44 42.00
CA ALA C 303 -0.05 -16.67 42.56
C ALA C 303 -0.88 -17.34 41.47
N THR C 304 -0.90 -18.68 41.50
CA THR C 304 -1.63 -19.43 40.48
C THR C 304 -3.06 -18.92 40.35
N GLU C 305 -3.71 -18.67 41.48
CA GLU C 305 -5.09 -18.23 41.52
C GLU C 305 -5.31 -16.83 40.95
N VAL C 306 -4.23 -16.09 40.69
CA VAL C 306 -4.32 -14.74 40.14
C VAL C 306 -3.64 -14.65 38.77
N GLY C 307 -3.28 -15.79 38.17
CA GLY C 307 -2.76 -15.80 36.82
C GLY C 307 -1.26 -15.58 36.68
N HIS C 308 -0.76 -14.45 37.17
CA HIS C 308 0.66 -14.16 37.08
C HIS C 308 0.99 -13.08 38.13
N VAL C 309 2.02 -12.27 37.87
CA VAL C 309 2.42 -11.23 38.81
C VAL C 309 1.32 -10.17 38.87
N PHE C 310 0.90 -9.83 40.08
CA PHE C 310 -0.13 -8.82 40.31
C PHE C 310 0.34 -7.66 41.17
N LEU C 311 1.55 -7.73 41.72
CA LEU C 311 2.10 -6.72 42.62
C LEU C 311 3.61 -6.76 42.47
N ALA C 312 4.23 -5.65 42.09
CA ALA C 312 5.61 -5.73 41.69
C ALA C 312 6.29 -4.37 41.74
N ASN C 313 7.61 -4.41 41.84
CA ASN C 313 8.44 -3.24 41.62
C ASN C 313 8.44 -2.87 40.14
N ARG C 314 8.33 -1.58 39.86
CA ARG C 314 8.30 -1.10 38.49
C ARG C 314 9.72 -0.96 37.93
N PRO C 315 9.99 -1.44 36.72
CA PRO C 315 11.33 -1.26 36.15
C PRO C 315 11.75 0.20 36.18
N GLY C 316 12.98 0.44 36.61
CA GLY C 316 13.49 1.78 36.78
C GLY C 316 13.11 2.43 38.09
N GLN C 317 12.26 1.78 38.90
CA GLN C 317 11.85 2.34 40.18
C GLN C 317 11.85 1.30 41.29
N ALA C 318 12.60 0.21 41.12
CA ALA C 318 12.63 -0.84 42.13
C ALA C 318 13.35 -0.37 43.38
N ARG C 319 12.97 -0.95 44.52
CA ARG C 319 13.56 -0.61 45.82
C ARG C 319 13.83 -1.90 46.58
N ALA C 320 14.90 -1.89 47.36
CA ALA C 320 15.30 -3.06 48.13
C ALA C 320 14.26 -3.41 49.19
N ASP C 321 14.15 -4.70 49.48
CA ASP C 321 13.31 -5.20 50.55
C ASP C 321 11.87 -4.72 50.36
N SER C 322 11.33 -4.98 49.16
CA SER C 322 10.00 -4.51 48.79
C SER C 322 9.48 -5.34 47.62
N THR C 323 8.17 -5.56 47.64
CA THR C 323 7.44 -6.20 46.55
C THR C 323 6.77 -5.20 45.63
N GLY C 324 6.84 -3.91 45.95
CA GLY C 324 6.33 -2.87 45.05
C GLY C 324 4.86 -2.54 45.21
N LEU C 325 4.22 -2.25 44.08
CA LEU C 325 2.87 -1.72 44.04
C LEU C 325 1.96 -2.63 43.22
N PRO C 326 0.66 -2.63 43.51
CA PRO C 326 -0.28 -3.41 42.69
C PRO C 326 -0.20 -3.00 41.23
N LEU C 327 -0.18 -3.98 40.35
CA LEU C 327 -0.16 -3.69 38.93
C LEU C 327 -1.45 -2.99 38.52
N PRO C 328 -1.41 -2.18 37.46
CA PRO C 328 -2.62 -1.47 37.03
C PRO C 328 -3.76 -2.44 36.78
N GLY C 329 -4.94 -2.09 37.32
CA GLY C 329 -6.09 -2.94 37.27
C GLY C 329 -6.28 -3.77 38.53
N TYR C 330 -5.21 -4.11 39.22
CA TYR C 330 -5.30 -4.92 40.42
C TYR C 330 -5.55 -4.07 41.66
N GLU C 331 -6.18 -4.69 42.65
CA GLU C 331 -6.42 -4.07 43.95
C GLU C 331 -5.91 -5.01 45.04
N CYS C 332 -5.14 -4.47 45.98
CA CYS C 332 -4.63 -5.23 47.12
C CYS C 332 -5.20 -4.66 48.41
N ARG C 333 -5.54 -5.56 49.33
CA ARG C 333 -6.12 -5.19 50.61
C ARG C 333 -5.57 -6.06 51.72
N LEU C 334 -5.45 -5.49 52.92
CA LEU C 334 -4.94 -6.19 54.09
CA LEU C 334 -4.95 -6.17 54.10
C LEU C 334 -6.06 -6.35 55.12
N VAL C 335 -6.25 -7.57 55.60
CA VAL C 335 -7.23 -7.86 56.64
C VAL C 335 -6.52 -8.26 57.92
N ASP C 336 -7.02 -7.75 59.05
CA ASP C 336 -6.52 -8.10 60.36
C ASP C 336 -7.23 -9.37 60.83
N ARG C 337 -7.04 -9.74 62.11
CA ARG C 337 -7.52 -11.02 62.60
C ARG C 337 -9.03 -11.08 62.75
N GLU C 338 -9.74 -9.96 62.60
CA GLU C 338 -11.19 -9.93 62.60
C GLU C 338 -11.75 -9.72 61.20
N GLY C 339 -10.90 -9.84 60.17
CA GLY C 339 -11.32 -9.62 58.80
C GLY C 339 -11.49 -8.17 58.40
N HIS C 340 -11.07 -7.23 59.24
CA HIS C 340 -11.26 -5.82 58.95
C HIS C 340 -10.10 -5.29 58.11
N THR C 341 -10.42 -4.34 57.23
CA THR C 341 -9.40 -3.79 56.35
C THR C 341 -8.44 -2.93 57.16
N ILE C 342 -7.15 -3.15 56.95
CA ILE C 342 -6.12 -2.37 57.63
C ILE C 342 -5.82 -1.15 56.77
N GLU C 343 -5.96 0.04 57.36
CA GLU C 343 -5.60 1.26 56.65
C GLU C 343 -4.20 1.76 57.01
N GLU C 344 -3.67 1.39 58.18
CA GLU C 344 -2.40 1.96 58.60
C GLU C 344 -1.23 1.29 57.89
N ALA C 345 -0.15 2.05 57.76
CA ALA C 345 1.10 1.49 57.26
C ALA C 345 1.87 0.86 58.42
N GLY C 346 2.76 -0.07 58.07
CA GLY C 346 3.56 -0.75 59.07
C GLY C 346 2.79 -1.72 59.93
N ARG C 347 1.59 -2.11 59.52
CA ARG C 347 0.76 -3.05 60.25
C ARG C 347 0.50 -4.26 59.37
N GLN C 348 0.84 -5.45 59.87
CA GLN C 348 0.70 -6.67 59.11
C GLN C 348 -0.74 -7.13 59.05
N GLY C 349 -1.12 -7.68 57.90
CA GLY C 349 -2.38 -8.39 57.75
C GLY C 349 -2.25 -9.36 56.60
N VAL C 350 -3.29 -10.17 56.41
CA VAL C 350 -3.30 -11.13 55.32
C VAL C 350 -3.65 -10.40 54.04
N LEU C 351 -2.95 -10.74 52.96
CA LEU C 351 -3.10 -10.04 51.70
C LEU C 351 -4.20 -10.68 50.84
N LEU C 352 -5.18 -9.87 50.44
CA LEU C 352 -6.18 -10.23 49.46
C LEU C 352 -5.95 -9.40 48.20
N VAL C 353 -6.24 -9.99 47.04
CA VAL C 353 -6.01 -9.29 45.76
C VAL C 353 -7.17 -9.60 44.81
N ARG C 354 -7.52 -8.62 43.98
CA ARG C 354 -8.44 -8.84 42.88
C ARG C 354 -7.98 -8.04 41.67
N GLY C 355 -8.51 -8.40 40.51
CA GLY C 355 -8.17 -7.72 39.28
C GLY C 355 -8.23 -8.62 38.05
N PRO C 356 -7.68 -8.14 36.93
CA PRO C 356 -7.89 -8.82 35.64
C PRO C 356 -7.48 -10.28 35.62
N GLY C 357 -6.41 -10.64 36.32
CA GLY C 357 -5.93 -12.01 36.29
C GLY C 357 -6.64 -12.97 37.21
N LEU C 358 -7.59 -12.50 38.02
CA LEU C 358 -8.20 -13.35 39.04
C LEU C 358 -8.88 -14.56 38.43
N SER C 359 -8.56 -15.74 38.96
CA SER C 359 -9.22 -16.96 38.53
C SER C 359 -10.65 -17.01 39.01
N PRO C 360 -11.57 -17.59 38.23
CA PRO C 360 -12.96 -17.75 38.69
CA PRO C 360 -12.95 -17.75 38.70
C PRO C 360 -13.16 -18.88 39.70
N GLY C 361 -12.12 -19.61 40.09
CA GLY C 361 -12.26 -20.68 41.05
C GLY C 361 -11.50 -21.93 40.63
N TYR C 362 -11.57 -22.93 41.50
CA TYR C 362 -10.97 -24.22 41.23
C TYR C 362 -11.90 -25.08 40.38
N TRP C 363 -11.29 -25.95 39.57
CA TRP C 363 -12.08 -26.84 38.72
C TRP C 363 -12.94 -27.78 39.57
N ARG C 364 -12.36 -28.32 40.64
CA ARG C 364 -13.06 -29.23 41.53
C ARG C 364 -12.56 -28.96 42.95
N ALA C 365 -13.48 -28.66 43.85
CA ALA C 365 -13.05 -28.22 45.18
C ALA C 365 -14.22 -28.28 46.14
N SER C 366 -13.90 -28.54 47.41
CA SER C 366 -14.86 -28.39 48.49
C SER C 366 -15.23 -26.93 48.66
N GLU C 367 -16.30 -26.70 49.42
CA GLU C 367 -16.76 -25.35 49.69
C GLU C 367 -15.71 -24.54 50.44
N GLU C 368 -15.03 -25.15 51.41
CA GLU C 368 -13.98 -24.43 52.13
C GLU C 368 -12.85 -24.03 51.18
N GLN C 369 -12.48 -24.92 50.27
CA GLN C 369 -11.39 -24.63 49.34
C GLN C 369 -11.72 -23.43 48.46
N GLN C 370 -12.95 -23.38 47.91
CA GLN C 370 -13.35 -22.26 47.08
C GLN C 370 -13.42 -20.96 47.88
N ALA C 371 -13.61 -21.06 49.20
CA ALA C 371 -13.70 -19.89 50.06
C ALA C 371 -12.45 -19.02 50.00
N ARG C 372 -11.34 -19.53 49.45
CA ARG C 372 -10.19 -18.68 49.21
C ARG C 372 -10.53 -17.55 48.25
N PHE C 373 -11.59 -17.72 47.46
CA PHE C 373 -12.04 -16.74 46.50
C PHE C 373 -13.22 -15.92 47.02
N ALA C 374 -13.53 -16.05 48.31
CA ALA C 374 -14.71 -15.42 48.87
C ALA C 374 -14.71 -13.91 48.62
N GLY C 375 -15.88 -13.39 48.26
CA GLY C 375 -16.07 -11.95 48.18
C GLY C 375 -15.44 -11.28 46.97
N GLY C 376 -15.02 -12.05 45.98
CA GLY C 376 -14.37 -11.49 44.81
C GLY C 376 -12.90 -11.19 44.99
N TRP C 377 -12.29 -11.69 46.06
CA TRP C 377 -10.87 -11.56 46.32
C TRP C 377 -10.25 -12.95 46.43
N TYR C 378 -8.97 -13.05 46.09
CA TYR C 378 -8.18 -14.23 46.41
C TYR C 378 -7.41 -13.97 47.69
N ARG C 379 -7.56 -14.87 48.66
CA ARG C 379 -6.84 -14.77 49.92
C ARG C 379 -5.50 -15.48 49.74
N THR C 380 -4.42 -14.69 49.68
CA THR C 380 -3.10 -15.27 49.37
C THR C 380 -2.60 -16.17 50.48
N GLY C 381 -2.97 -15.90 51.73
CA GLY C 381 -2.32 -16.53 52.85
C GLY C 381 -0.98 -15.92 53.22
N ASP C 382 -0.60 -14.83 52.57
CA ASP C 382 0.64 -14.11 52.86
C ASP C 382 0.39 -12.94 53.80
N LEU C 383 1.25 -12.80 54.80
CA LEU C 383 1.26 -11.61 55.64
C LEU C 383 2.09 -10.52 54.97
N PHE C 384 1.50 -9.33 54.84
CA PHE C 384 2.15 -8.20 54.21
C PHE C 384 1.89 -6.95 55.03
N GLU C 385 2.80 -5.99 54.90
CA GLU C 385 2.62 -4.66 55.44
C GLU C 385 2.89 -3.65 54.34
N ARG C 386 2.39 -2.44 54.53
CA ARG C 386 2.64 -1.33 53.63
C ARG C 386 3.52 -0.30 54.33
N ASP C 387 4.30 0.42 53.53
CA ASP C 387 5.09 1.54 54.02
C ASP C 387 4.39 2.85 53.70
N GLU C 388 5.01 3.97 54.06
CA GLU C 388 4.35 5.26 53.93
C GLU C 388 4.05 5.63 52.49
N SER C 389 4.79 5.09 51.53
CA SER C 389 4.52 5.34 50.12
C SER C 389 3.47 4.42 49.53
N GLY C 390 2.98 3.44 50.31
CA GLY C 390 2.03 2.49 49.79
C GLY C 390 2.62 1.19 49.30
N ALA C 391 3.95 1.05 49.30
CA ALA C 391 4.59 -0.15 48.79
C ALA C 391 4.50 -1.28 49.80
N TYR C 392 4.48 -2.51 49.29
CA TYR C 392 4.23 -3.69 50.11
C TYR C 392 5.52 -4.42 50.43
N ARG C 393 5.54 -5.07 51.60
CA ARG C 393 6.67 -5.87 52.03
C ARG C 393 6.15 -7.20 52.56
N HIS C 394 6.81 -8.29 52.15
CA HIS C 394 6.39 -9.60 52.61
C HIS C 394 6.83 -9.80 54.05
N CYS C 395 5.92 -10.35 54.87
CA CYS C 395 6.16 -10.51 56.29
C CYS C 395 5.96 -11.93 56.77
N GLY C 396 5.80 -12.88 55.86
CA GLY C 396 5.59 -14.27 56.20
C GLY C 396 4.24 -14.76 55.72
N ARG C 397 3.84 -15.90 56.27
CA ARG C 397 2.60 -16.58 55.93
C ARG C 397 1.69 -16.54 57.13
N GLU C 398 0.38 -16.53 56.89
CA GLU C 398 -0.56 -16.55 58.01
C GLU C 398 -0.68 -17.96 58.57
N THR D 3 -34.46 -10.06 6.52
CA THR D 3 -33.81 -9.04 7.32
C THR D 3 -34.38 -7.67 6.99
N LEU D 4 -34.70 -6.89 8.02
CA LEU D 4 -35.23 -5.55 7.81
C LEU D 4 -34.18 -4.69 7.12
N ALA D 5 -34.61 -3.90 6.14
CA ALA D 5 -33.70 -3.11 5.34
C ALA D 5 -34.37 -1.84 4.88
N ASN D 6 -33.55 -0.91 4.38
CA ASN D 6 -34.03 0.35 3.83
C ASN D 6 -33.44 0.54 2.46
N LEU D 7 -34.27 0.88 1.47
CA LEU D 7 -33.81 0.93 0.08
C LEU D 7 -32.70 1.94 -0.11
N THR D 8 -32.89 3.16 0.42
CA THR D 8 -31.85 4.19 0.31
C THR D 8 -30.56 3.74 0.98
N GLU D 9 -30.67 3.19 2.20
CA GLU D 9 -29.49 2.68 2.87
C GLU D 9 -28.77 1.64 2.01
N VAL D 10 -29.53 0.67 1.49
CA VAL D 10 -28.94 -0.37 0.65
C VAL D 10 -28.20 0.23 -0.54
N LEU D 11 -28.80 1.25 -1.17
CA LEU D 11 -28.14 1.90 -2.30
C LEU D 11 -26.86 2.60 -1.85
N PHE D 12 -26.90 3.27 -0.70
CA PHE D 12 -25.72 3.99 -0.20
C PHE D 12 -24.57 3.05 0.13
N ARG D 13 -24.87 1.79 0.45
CA ARG D 13 -23.86 0.80 0.80
C ARG D 13 -23.25 0.10 -0.41
N LEU D 14 -23.83 0.25 -1.60
CA LEU D 14 -23.23 -0.36 -2.79
C LEU D 14 -21.81 0.17 -2.98
N ASP D 15 -20.91 -0.71 -3.43
CA ASP D 15 -19.48 -0.41 -3.47
C ASP D 15 -19.12 0.33 -4.76
N PHE D 16 -19.36 1.64 -4.75
CA PHE D 16 -18.91 2.53 -5.82
C PHE D 16 -18.19 3.72 -5.21
N ASP D 17 -17.29 4.30 -6.00
CA ASP D 17 -16.49 5.41 -5.53
C ASP D 17 -17.38 6.60 -5.20
N PRO D 18 -17.41 7.07 -3.95
CA PRO D 18 -18.28 8.21 -3.61
C PRO D 18 -17.90 9.50 -4.34
N ASP D 19 -16.66 9.61 -4.81
CA ASP D 19 -16.19 10.79 -5.51
CA ASP D 19 -16.22 10.80 -5.50
C ASP D 19 -16.71 10.89 -6.93
N THR D 20 -17.38 9.86 -7.45
CA THR D 20 -17.81 9.86 -8.84
C THR D 20 -19.18 10.52 -8.99
N ALA D 21 -19.44 11.00 -10.21
CA ALA D 21 -20.67 11.70 -10.50
C ALA D 21 -21.87 10.77 -10.37
N VAL D 22 -23.02 11.34 -10.00
CA VAL D 22 -24.25 10.56 -9.97
C VAL D 22 -25.37 11.31 -10.72
N TYR D 23 -25.43 12.63 -10.58
CA TYR D 23 -26.43 13.41 -11.29
C TYR D 23 -25.77 14.64 -11.92
N HIS D 24 -26.29 15.04 -13.08
CA HIS D 24 -25.88 16.27 -13.76
C HIS D 24 -27.13 17.10 -14.00
N TYR D 25 -27.01 18.41 -13.88
CA TYR D 25 -28.17 19.29 -13.92
C TYR D 25 -27.73 20.70 -14.27
N ARG D 26 -28.24 21.24 -15.37
CA ARG D 26 -27.96 22.61 -15.77
C ARG D 26 -26.45 22.87 -15.78
N GLY D 27 -25.73 22.00 -16.47
CA GLY D 27 -24.28 22.15 -16.60
C GLY D 27 -23.48 21.93 -15.34
N GLN D 28 -24.12 21.51 -14.26
CA GLN D 28 -23.43 21.19 -13.01
C GLN D 28 -23.48 19.69 -12.76
N THR D 29 -22.59 19.24 -11.87
CA THR D 29 -22.48 17.82 -11.56
C THR D 29 -22.46 17.62 -10.05
N LEU D 30 -23.14 16.57 -9.59
CA LEU D 30 -23.19 16.19 -8.20
C LEU D 30 -22.58 14.80 -8.05
N SER D 31 -21.69 14.64 -7.07
CA SER D 31 -21.12 13.34 -6.80
C SER D 31 -22.05 12.51 -5.94
N ARG D 32 -21.80 11.20 -5.92
CA ARG D 32 -22.50 10.33 -4.97
C ARG D 32 -22.40 10.87 -3.56
N LEU D 33 -21.19 11.30 -3.16
CA LEU D 33 -21.00 11.77 -1.79
C LEU D 33 -21.82 13.01 -1.50
N GLN D 34 -21.85 13.95 -2.46
CA GLN D 34 -22.64 15.16 -2.26
C GLN D 34 -24.11 14.85 -2.09
N CYS D 35 -24.65 13.97 -2.94
CA CYS D 35 -26.07 13.68 -2.81
C CYS D 35 -26.35 12.93 -1.52
N ARG D 36 -25.53 11.94 -1.19
CA ARG D 36 -25.70 11.23 0.07
C ARG D 36 -25.73 12.20 1.24
N THR D 37 -24.81 13.16 1.24
CA THR D 37 -24.77 14.11 2.35
C THR D 37 -26.04 14.94 2.42
N TYR D 38 -26.55 15.40 1.28
CA TYR D 38 -27.76 16.22 1.30
C TYR D 38 -28.98 15.37 1.65
N ILE D 39 -29.04 14.12 1.17
CA ILE D 39 -30.17 13.24 1.45
C ILE D 39 -30.27 12.99 2.95
N LEU D 40 -29.13 12.71 3.58
CA LEU D 40 -29.14 12.45 5.02
C LEU D 40 -29.56 13.70 5.80
N SER D 41 -29.08 14.88 5.40
CA SER D 41 -29.51 16.12 6.05
C SER D 41 -31.01 16.33 5.88
N GLN D 42 -31.50 16.13 4.66
CA GLN D 42 -32.92 16.32 4.39
C GLN D 42 -33.76 15.28 5.12
N ALA D 43 -33.27 14.03 5.18
CA ALA D 43 -33.99 13.01 5.93
C ALA D 43 -34.15 13.40 7.40
N SER D 44 -33.12 14.00 8.00
CA SER D 44 -33.25 14.41 9.40
C SER D 44 -34.40 15.40 9.60
N GLN D 45 -34.67 16.26 8.60
CA GLN D 45 -35.78 17.19 8.70
C GLN D 45 -37.12 16.50 8.44
N LEU D 46 -37.17 15.68 7.39
CA LEU D 46 -38.41 14.97 7.06
C LEU D 46 -38.86 14.08 8.21
N ALA D 47 -37.90 13.52 8.96
CA ALA D 47 -38.25 12.66 10.08
C ALA D 47 -38.97 13.43 11.18
N ARG D 48 -38.79 14.75 11.23
CA ARG D 48 -39.53 15.57 12.19
C ARG D 48 -40.97 15.78 11.76
N LEU D 49 -41.24 15.59 10.46
CA LEU D 49 -42.52 15.91 9.85
C LEU D 49 -43.36 14.69 9.56
N LEU D 50 -42.73 13.58 9.18
CA LEU D 50 -43.44 12.40 8.69
C LEU D 50 -43.14 11.21 9.61
N LYS D 51 -44.17 10.44 9.91
CA LYS D 51 -43.95 9.16 10.56
C LYS D 51 -43.72 8.08 9.52
N PRO D 52 -43.05 6.99 9.87
CA PRO D 52 -42.88 5.91 8.89
C PRO D 52 -44.24 5.52 8.32
N GLY D 53 -44.28 5.34 7.01
CA GLY D 53 -45.49 4.96 6.31
C GLY D 53 -46.27 6.10 5.70
N ASP D 54 -46.02 7.35 6.12
CA ASP D 54 -46.72 8.50 5.56
C ASP D 54 -46.39 8.64 4.08
N ARG D 55 -47.41 9.01 3.30
CA ARG D 55 -47.26 9.14 1.86
C ARG D 55 -46.97 10.58 1.49
N VAL D 56 -46.20 10.74 0.41
CA VAL D 56 -45.73 12.02 -0.06
C VAL D 56 -45.88 12.03 -1.57
N VAL D 57 -46.53 13.08 -2.09
CA VAL D 57 -46.67 13.28 -3.53
C VAL D 57 -45.72 14.38 -3.96
N LEU D 58 -44.86 14.07 -4.94
CA LEU D 58 -43.91 15.02 -5.48
C LEU D 58 -44.38 15.39 -6.89
N ALA D 59 -44.82 16.63 -7.06
CA ALA D 59 -45.27 17.14 -8.37
C ALA D 59 -44.24 18.13 -8.87
N LEU D 60 -43.08 17.58 -9.27
CA LEU D 60 -41.87 18.34 -9.54
C LEU D 60 -41.28 17.97 -10.89
N ASN D 61 -40.58 18.94 -11.50
CA ASN D 61 -39.75 18.70 -12.68
C ASN D 61 -38.54 17.86 -12.30
N ASP D 62 -38.00 17.16 -13.30
CA ASP D 62 -36.77 16.40 -13.10
C ASP D 62 -35.65 17.32 -12.61
N SER D 63 -35.03 16.93 -11.52
CA SER D 63 -33.93 17.67 -10.93
C SER D 63 -33.25 16.79 -9.88
N PRO D 64 -32.00 17.09 -9.53
CA PRO D 64 -31.34 16.38 -8.43
C PRO D 64 -32.11 16.49 -7.13
N SER D 65 -32.76 17.63 -6.92
CA SER D 65 -33.52 17.84 -5.69
C SER D 65 -34.71 16.91 -5.62
N LEU D 66 -35.38 16.67 -6.74
CA LEU D 66 -36.45 15.69 -6.75
C LEU D 66 -35.92 14.30 -6.42
N ALA D 67 -34.89 13.85 -7.12
CA ALA D 67 -34.36 12.51 -6.86
C ALA D 67 -33.94 12.36 -5.41
N CYS D 68 -33.24 13.36 -4.86
CA CYS D 68 -32.75 13.27 -3.49
C CYS D 68 -33.89 13.36 -2.48
N LEU D 69 -34.91 14.18 -2.75
CA LEU D 69 -36.05 14.28 -1.85
C LEU D 69 -36.82 12.96 -1.83
N PHE D 70 -37.01 12.36 -3.01
CA PHE D 70 -37.59 11.02 -3.10
C PHE D 70 -36.84 10.03 -2.22
N LEU D 71 -35.51 10.04 -2.31
CA LEU D 71 -34.71 9.09 -1.54
C LEU D 71 -34.67 9.45 -0.05
N ALA D 72 -34.78 10.73 0.28
CA ALA D 72 -34.84 11.13 1.70
C ALA D 72 -36.16 10.68 2.34
N CYS D 73 -37.27 10.80 1.61
CA CYS D 73 -38.54 10.26 2.10
C CYS D 73 -38.39 8.77 2.41
N ILE D 74 -37.87 8.00 1.46
CA ILE D 74 -37.66 6.57 1.69
C ILE D 74 -36.75 6.33 2.90
N ALA D 75 -35.73 7.18 3.07
CA ALA D 75 -34.81 6.99 4.19
C ALA D 75 -35.55 6.99 5.53
N VAL D 76 -36.58 7.83 5.67
CA VAL D 76 -37.29 7.96 6.95
C VAL D 76 -38.52 7.07 6.96
N GLY D 77 -38.67 6.24 5.93
CA GLY D 77 -39.79 5.31 5.89
C GLY D 77 -41.05 5.88 5.31
N ALA D 78 -41.04 7.14 4.86
CA ALA D 78 -42.16 7.69 4.11
C ALA D 78 -42.20 7.05 2.73
N ILE D 79 -43.37 7.13 2.09
CA ILE D 79 -43.65 6.41 0.84
C ILE D 79 -43.96 7.44 -0.23
N PRO D 80 -42.99 7.79 -1.07
CA PRO D 80 -43.20 8.87 -2.03
C PRO D 80 -43.76 8.37 -3.35
N ALA D 81 -44.30 9.32 -4.11
CA ALA D 81 -44.74 9.10 -5.48
C ALA D 81 -44.45 10.35 -6.28
N VAL D 82 -43.88 10.17 -7.47
CA VAL D 82 -43.55 11.27 -8.37
C VAL D 82 -44.58 11.31 -9.49
N ILE D 83 -45.24 12.46 -9.64
CA ILE D 83 -46.26 12.65 -10.67
C ILE D 83 -45.92 13.87 -11.53
N ASN D 84 -46.64 13.98 -12.63
CA ASN D 84 -46.49 15.07 -13.58
C ASN D 84 -46.61 16.43 -12.87
N PRO D 85 -45.58 17.27 -12.92
CA PRO D 85 -45.71 18.60 -12.27
C PRO D 85 -46.75 19.47 -12.93
N LYS D 86 -47.12 19.20 -14.18
CA LYS D 86 -48.15 19.96 -14.87
C LYS D 86 -49.52 19.30 -14.75
N SER D 87 -49.70 18.47 -13.73
CA SER D 87 -51.00 17.89 -13.47
C SER D 87 -52.04 18.98 -13.24
N ARG D 88 -53.24 18.76 -13.75
CA ARG D 88 -54.36 19.58 -13.38
C ARG D 88 -54.61 19.49 -11.88
N GLU D 89 -55.23 20.53 -11.32
CA GLU D 89 -55.44 20.54 -9.88
C GLU D 89 -56.28 19.34 -9.45
N GLN D 90 -57.36 19.04 -10.18
CA GLN D 90 -58.19 17.92 -9.77
C GLN D 90 -57.42 16.62 -9.91
N ALA D 91 -56.49 16.55 -10.87
CA ALA D 91 -55.68 15.36 -11.06
C ALA D 91 -54.72 15.15 -9.90
N LEU D 92 -54.06 16.23 -9.47
CA LEU D 92 -53.17 16.15 -8.32
C LEU D 92 -53.96 15.85 -7.05
N ALA D 93 -55.13 16.46 -6.90
CA ALA D 93 -55.93 16.20 -5.72
C ALA D 93 -56.40 14.75 -5.66
N ASP D 94 -56.84 14.19 -6.79
CA ASP D 94 -57.33 12.82 -6.80
C ASP D 94 -56.23 11.83 -6.45
N ILE D 95 -54.99 12.10 -6.87
CA ILE D 95 -53.89 11.19 -6.55
C ILE D 95 -53.55 11.29 -5.07
N ALA D 96 -53.44 12.53 -4.56
CA ALA D 96 -53.14 12.72 -3.13
C ALA D 96 -54.23 12.11 -2.25
N ALA D 97 -55.49 12.16 -2.69
CA ALA D 97 -56.56 11.50 -1.94
C ALA D 97 -56.44 9.99 -2.03
N ASP D 98 -56.03 9.47 -3.19
CA ASP D 98 -55.99 8.02 -3.38
C ASP D 98 -54.95 7.38 -2.48
N CYS D 99 -53.80 8.02 -2.29
CA CYS D 99 -52.77 7.49 -1.40
C CYS D 99 -52.79 8.17 -0.04
N GLN D 100 -53.83 8.96 0.22
CA GLN D 100 -54.00 9.68 1.49
C GLN D 100 -52.71 10.37 1.93
N ALA D 101 -52.15 11.20 1.04
CA ALA D 101 -50.82 11.73 1.28
C ALA D 101 -50.80 12.68 2.48
N SER D 102 -49.72 12.62 3.27
CA SER D 102 -49.48 13.61 4.31
C SER D 102 -48.83 14.88 3.80
N LEU D 103 -48.13 14.81 2.67
CA LEU D 103 -47.35 15.94 2.20
C LEU D 103 -47.36 15.93 0.68
N VAL D 104 -47.45 17.11 0.07
CA VAL D 104 -47.31 17.32 -1.36
C VAL D 104 -46.26 18.39 -1.57
N VAL D 105 -45.29 18.11 -2.43
CA VAL D 105 -44.25 19.09 -2.72
C VAL D 105 -44.39 19.45 -4.19
N ARG D 106 -44.53 20.75 -4.46
CA ARG D 106 -44.87 21.24 -5.80
C ARG D 106 -43.80 22.19 -6.29
N GLU D 107 -43.90 22.51 -7.59
CA GLU D 107 -42.92 23.36 -8.24
C GLU D 107 -43.04 24.81 -7.83
N ALA D 108 -41.93 25.53 -8.03
CA ALA D 108 -41.94 26.98 -7.82
C ALA D 108 -42.98 27.64 -8.71
N ASP D 109 -42.99 27.28 -10.00
CA ASP D 109 -44.00 27.87 -10.88
C ASP D 109 -45.40 27.31 -10.63
N ALA D 110 -45.59 26.38 -9.69
CA ALA D 110 -46.92 25.91 -9.36
C ALA D 110 -47.67 27.02 -8.61
N PRO D 111 -49.00 27.02 -8.65
CA PRO D 111 -49.72 28.07 -7.94
C PRO D 111 -49.46 28.00 -6.45
N SER D 112 -49.47 29.17 -5.82
CA SER D 112 -49.29 29.25 -4.38
C SER D 112 -50.54 28.80 -3.62
N LEU D 113 -51.64 28.58 -4.33
CA LEU D 113 -52.88 28.20 -3.67
C LEU D 113 -52.85 26.72 -3.27
N SER D 114 -53.28 26.47 -2.04
CA SER D 114 -53.41 25.13 -1.49
C SER D 114 -54.78 25.13 -0.83
N GLY D 115 -55.74 24.44 -1.44
CA GLY D 115 -57.11 24.51 -1.02
C GLY D 115 -57.33 24.09 0.42
N PRO D 116 -58.54 24.36 0.94
CA PRO D 116 -58.85 24.00 2.34
C PRO D 116 -58.79 22.51 2.66
N LEU D 117 -58.86 21.62 1.67
CA LEU D 117 -58.74 20.19 1.95
C LEU D 117 -57.42 19.61 1.47
N ALA D 118 -56.52 20.44 0.95
CA ALA D 118 -55.26 19.95 0.45
C ALA D 118 -54.35 19.48 1.59
N PRO D 119 -53.53 18.45 1.37
CA PRO D 119 -52.55 18.07 2.39
C PRO D 119 -51.61 19.22 2.61
N LEU D 120 -50.76 19.10 3.62
CA LEU D 120 -49.73 20.10 3.73
C LEU D 120 -48.99 20.15 2.39
N THR D 121 -48.95 21.34 1.82
CA THR D 121 -48.32 21.58 0.53
C THR D 121 -47.13 22.50 0.73
N LEU D 122 -45.97 22.06 0.27
CA LEU D 122 -44.76 22.85 0.26
C LEU D 122 -44.35 23.07 -1.19
N ARG D 123 -43.61 24.15 -1.44
CA ARG D 123 -43.20 24.48 -2.80
C ARG D 123 -41.68 24.55 -2.92
N ALA D 124 -41.21 24.16 -4.10
CA ALA D 124 -39.81 24.33 -4.45
C ALA D 124 -39.48 25.82 -4.51
N ALA D 125 -38.19 26.11 -4.44
CA ALA D 125 -37.72 27.49 -4.51
C ALA D 125 -37.71 27.97 -5.95
N ALA D 126 -37.92 29.26 -6.12
CA ALA D 126 -37.70 29.86 -7.43
C ALA D 126 -36.20 29.90 -7.72
N GLY D 127 -35.87 29.87 -9.01
CA GLY D 127 -34.49 30.02 -9.43
C GLY D 127 -33.77 28.74 -9.76
N ARG D 128 -34.45 27.59 -9.71
CA ARG D 128 -33.88 26.32 -10.11
C ARG D 128 -32.49 26.11 -9.47
N PRO D 129 -32.39 26.19 -8.15
CA PRO D 129 -31.12 25.91 -7.48
C PRO D 129 -30.72 24.46 -7.63
N LEU D 130 -29.41 24.22 -7.58
CA LEU D 130 -28.90 22.86 -7.67
C LEU D 130 -29.48 21.98 -6.56
N LEU D 131 -29.59 22.53 -5.35
CA LEU D 131 -30.21 21.85 -4.22
C LEU D 131 -31.25 22.75 -3.59
N ASP D 132 -32.36 22.16 -3.17
CA ASP D 132 -33.52 22.88 -2.67
C ASP D 132 -33.91 22.35 -1.29
N ASP D 133 -34.22 23.26 -0.36
CA ASP D 133 -34.70 22.83 0.95
C ASP D 133 -36.22 22.70 1.02
N PHE D 134 -36.93 23.10 -0.02
CA PHE D 134 -38.39 22.93 -0.05
C PHE D 134 -39.05 23.52 1.19
N SER D 135 -38.47 24.60 1.71
CA SER D 135 -38.98 25.35 2.85
C SER D 135 -38.83 24.59 4.16
N LEU D 136 -38.13 23.44 4.17
CA LEU D 136 -38.05 22.65 5.38
C LEU D 136 -37.27 23.38 6.49
N ASP D 137 -36.25 24.15 6.13
CA ASP D 137 -35.49 24.89 7.14
C ASP D 137 -36.42 25.76 7.98
N ALA D 138 -37.37 26.45 7.34
CA ALA D 138 -38.25 27.33 8.07
C ALA D 138 -39.37 26.58 8.78
N LEU D 139 -39.69 25.37 8.31
CA LEU D 139 -40.81 24.62 8.86
C LEU D 139 -40.44 23.79 10.09
N VAL D 140 -39.29 23.12 10.07
CA VAL D 140 -38.90 22.23 11.17
C VAL D 140 -37.49 22.56 11.67
N GLY D 141 -36.90 23.65 11.16
CA GLY D 141 -35.56 24.03 11.55
C GLY D 141 -34.49 23.41 10.68
N PRO D 142 -33.25 23.87 10.83
CA PRO D 142 -32.14 23.29 10.04
C PRO D 142 -31.87 21.83 10.42
N ALA D 143 -31.10 21.17 9.57
CA ALA D 143 -30.87 19.73 9.63
C ALA D 143 -29.90 19.32 10.75
N ASP D 144 -30.00 18.05 11.16
CA ASP D 144 -28.95 17.40 11.94
C ASP D 144 -27.67 17.24 11.12
N LEU D 145 -26.54 17.05 11.81
CA LEU D 145 -25.24 17.05 11.15
C LEU D 145 -24.77 15.68 10.69
N ASP D 146 -25.13 14.62 11.39
CA ASP D 146 -24.65 13.27 11.10
C ASP D 146 -25.83 12.31 11.24
N TRP D 147 -26.86 12.51 10.44
CA TRP D 147 -28.08 11.72 10.53
C TRP D 147 -27.88 10.34 9.91
N SER D 148 -28.44 9.31 10.55
CA SER D 148 -28.35 7.97 10.00
C SER D 148 -29.48 7.05 10.45
N ALA D 149 -30.62 7.60 10.85
CA ALA D 149 -31.69 6.83 11.48
C ALA D 149 -32.64 6.25 10.43
N PHE D 150 -32.07 5.48 9.50
CA PHE D 150 -32.88 4.86 8.45
C PHE D 150 -34.00 4.05 9.07
N HIS D 151 -35.20 4.15 8.48
CA HIS D 151 -36.30 3.30 8.88
C HIS D 151 -36.20 1.99 8.11
N ARG D 152 -35.98 0.90 8.82
CA ARG D 152 -35.77 -0.40 8.21
C ARG D 152 -37.05 -1.22 8.31
N GLN D 153 -37.38 -1.93 7.23
CA GLN D 153 -38.66 -2.63 7.17
C GLN D 153 -38.51 -3.91 6.35
N ASP D 154 -39.61 -4.67 6.33
CA ASP D 154 -39.69 -5.89 5.54
C ASP D 154 -39.34 -5.57 4.08
N PRO D 155 -38.41 -6.30 3.45
CA PRO D 155 -38.11 -6.01 2.05
C PRO D 155 -39.30 -6.10 1.12
N ALA D 156 -40.36 -6.81 1.52
CA ALA D 156 -41.54 -6.96 0.68
C ALA D 156 -42.55 -5.82 0.82
N ALA D 157 -42.41 -4.98 1.85
CA ALA D 157 -43.37 -3.94 2.15
C ALA D 157 -43.26 -2.78 1.15
N ALA D 158 -44.35 -2.03 1.03
CA ALA D 158 -44.36 -0.89 0.12
C ALA D 158 -43.34 0.16 0.56
N CYS D 159 -42.63 0.67 -0.44
CA CYS D 159 -41.51 1.59 -0.33
C CYS D 159 -41.74 2.90 -1.07
N PHE D 160 -42.34 2.86 -2.27
CA PHE D 160 -42.77 4.05 -2.99
C PHE D 160 -43.90 3.62 -3.91
N LEU D 161 -44.60 4.62 -4.47
CA LEU D 161 -45.71 4.36 -5.38
C LEU D 161 -45.40 4.93 -6.76
N GLN D 162 -45.99 4.30 -7.79
CA GLN D 162 -45.97 4.83 -9.14
C GLN D 162 -47.39 4.85 -9.66
N TYR D 163 -47.85 6.04 -10.03
CA TYR D 163 -49.14 6.23 -10.68
C TYR D 163 -48.90 6.31 -12.19
N THR D 164 -49.57 5.46 -12.93
CA THR D 164 -49.41 5.43 -14.39
C THR D 164 -47.93 5.31 -14.77
N PRO D 171 -57.43 7.12 -10.47
CA PRO D 171 -56.01 6.78 -10.50
C PRO D 171 -55.66 5.66 -9.55
N LYS D 172 -54.72 4.80 -9.95
CA LYS D 172 -54.25 3.71 -9.09
C LYS D 172 -52.74 3.78 -8.96
N GLY D 173 -52.27 3.55 -7.73
CA GLY D 173 -50.86 3.58 -7.43
C GLY D 173 -50.29 2.19 -7.30
N VAL D 174 -49.27 1.90 -8.11
CA VAL D 174 -48.54 0.66 -8.02
C VAL D 174 -47.55 0.73 -6.85
N MET D 175 -47.63 -0.25 -5.94
CA MET D 175 -46.67 -0.36 -4.85
C MET D 175 -45.38 -1.01 -5.35
N HIS D 176 -44.25 -0.43 -4.96
CA HIS D 176 -42.94 -1.03 -5.22
C HIS D 176 -42.19 -1.18 -3.92
N SER D 177 -41.62 -2.37 -3.72
CA SER D 177 -40.90 -2.71 -2.51
C SER D 177 -39.40 -2.75 -2.78
N LEU D 178 -38.64 -2.80 -1.68
CA LEU D 178 -37.18 -2.93 -1.78
CA LEU D 178 -37.18 -2.93 -1.78
C LEU D 178 -36.81 -4.14 -2.63
N ARG D 179 -37.42 -5.29 -2.35
CA ARG D 179 -37.09 -6.52 -3.03
C ARG D 179 -37.31 -6.40 -4.55
N ASN D 180 -38.48 -5.92 -4.98
CA ASN D 180 -38.74 -5.95 -6.43
C ASN D 180 -38.11 -4.75 -7.14
N THR D 181 -37.79 -3.67 -6.41
CA THR D 181 -37.01 -2.60 -7.02
C THR D 181 -35.59 -3.07 -7.32
N LEU D 182 -34.89 -3.63 -6.32
CA LEU D 182 -33.61 -4.24 -6.62
C LEU D 182 -33.77 -5.32 -7.67
N GLY D 183 -34.95 -5.96 -7.71
CA GLY D 183 -35.20 -6.98 -8.70
C GLY D 183 -35.16 -6.43 -10.11
N PHE D 184 -35.90 -5.34 -10.37
CA PHE D 184 -35.92 -4.84 -11.74
C PHE D 184 -34.65 -4.12 -12.12
N CYS D 185 -33.91 -3.58 -11.14
CA CYS D 185 -32.59 -2.99 -11.43
C CYS D 185 -31.57 -4.04 -11.86
N ARG D 186 -31.46 -5.12 -11.08
CA ARG D 186 -30.52 -6.17 -11.43
C ARG D 186 -30.82 -6.72 -12.82
N ALA D 187 -32.10 -6.99 -13.10
CA ALA D 187 -32.45 -7.65 -14.36
C ALA D 187 -32.12 -6.76 -15.56
N PHE D 188 -32.38 -5.46 -15.48
CA PHE D 188 -32.18 -4.58 -16.63
C PHE D 188 -30.81 -3.91 -16.63
N ALA D 189 -30.45 -3.24 -15.54
CA ALA D 189 -29.19 -2.49 -15.53
C ALA D 189 -27.98 -3.40 -15.49
N THR D 190 -28.05 -4.52 -14.77
CA THR D 190 -26.92 -5.44 -14.72
C THR D 190 -26.99 -6.49 -15.82
N GLU D 191 -28.08 -7.26 -15.86
CA GLU D 191 -28.07 -8.48 -16.67
C GLU D 191 -28.32 -8.19 -18.14
N LEU D 192 -29.18 -7.23 -18.47
CA LEU D 192 -29.44 -6.92 -19.88
C LEU D 192 -28.43 -5.92 -20.43
N LEU D 193 -28.29 -4.77 -19.77
CA LEU D 193 -27.48 -3.68 -20.30
C LEU D 193 -26.03 -3.71 -19.86
N ALA D 194 -25.71 -4.39 -18.76
CA ALA D 194 -24.36 -4.42 -18.20
C ALA D 194 -23.78 -3.01 -18.06
N LEU D 195 -24.57 -2.11 -17.46
CA LEU D 195 -24.09 -0.75 -17.22
C LEU D 195 -22.85 -0.78 -16.35
N GLN D 196 -21.90 0.09 -16.66
CA GLN D 196 -20.60 0.13 -16.00
C GLN D 196 -20.45 1.41 -15.19
N ALA D 197 -19.63 1.34 -14.15
CA ALA D 197 -19.33 2.53 -13.37
C ALA D 197 -18.80 3.63 -14.28
N GLY D 198 -19.31 4.84 -14.09
CA GLY D 198 -18.92 5.96 -14.91
C GLY D 198 -19.75 6.16 -16.16
N ASP D 199 -20.52 5.15 -16.57
CA ASP D 199 -21.38 5.30 -17.73
C ASP D 199 -22.26 6.53 -17.57
N ARG D 200 -22.39 7.29 -18.65
CA ARG D 200 -23.28 8.44 -18.68
C ARG D 200 -24.60 8.02 -19.33
N LEU D 201 -25.70 8.32 -18.66
CA LEU D 201 -27.03 7.94 -19.09
C LEU D 201 -27.88 9.17 -19.31
N TYR D 202 -28.76 9.09 -20.32
CA TYR D 202 -29.67 10.18 -20.63
C TYR D 202 -31.02 9.57 -20.99
N SER D 203 -32.01 9.82 -20.14
CA SER D 203 -33.39 9.36 -20.34
C SER D 203 -34.22 10.57 -20.75
N ILE D 204 -34.87 10.48 -21.91
CA ILE D 204 -35.69 11.59 -22.37
C ILE D 204 -36.96 11.60 -21.53
N PRO D 205 -37.60 10.44 -21.31
CA PRO D 205 -38.75 10.40 -20.40
C PRO D 205 -38.39 10.78 -18.98
N LYS D 206 -39.30 11.50 -18.33
CA LYS D 206 -39.10 12.05 -17.00
C LYS D 206 -39.37 11.01 -15.92
N MET D 207 -39.06 11.40 -14.67
CA MET D 207 -39.09 10.45 -13.57
C MET D 207 -40.50 10.16 -13.05
N PHE D 208 -41.51 10.95 -13.45
CA PHE D 208 -42.89 10.58 -13.15
C PHE D 208 -43.42 9.53 -14.13
N PHE D 209 -42.60 9.08 -15.06
CA PHE D 209 -42.80 7.85 -15.82
C PHE D 209 -41.91 6.75 -15.23
N GLY D 210 -42.47 5.57 -15.03
CA GLY D 210 -41.70 4.49 -14.43
C GLY D 210 -40.41 4.22 -15.19
N TYR D 211 -40.49 4.24 -16.51
CA TYR D 211 -39.32 4.09 -17.36
C TYR D 211 -38.22 5.06 -16.95
N GLY D 212 -38.59 6.34 -16.84
CA GLY D 212 -37.63 7.36 -16.50
C GLY D 212 -37.17 7.28 -15.06
N MET D 213 -38.06 6.83 -14.18
CA MET D 213 -37.67 6.70 -12.77
C MET D 213 -36.51 5.70 -12.63
N GLY D 214 -36.63 4.54 -13.27
CA GLY D 214 -35.51 3.60 -13.28
C GLY D 214 -34.27 4.17 -13.94
N ASN D 215 -34.43 4.75 -15.12
CA ASN D 215 -33.30 5.23 -15.91
C ASN D 215 -32.46 6.28 -15.18
N SER D 216 -33.12 7.32 -14.66
CA SER D 216 -32.47 8.52 -14.14
C SER D 216 -32.29 8.50 -12.64
N LEU D 217 -33.28 7.98 -11.90
CA LEU D 217 -33.20 8.02 -10.45
C LEU D 217 -32.37 6.86 -9.93
N PHE D 218 -32.75 5.63 -10.28
CA PHE D 218 -32.18 4.45 -9.63
C PHE D 218 -30.88 3.95 -10.26
N PHE D 219 -30.80 3.86 -11.58
CA PHE D 219 -29.65 3.23 -12.22
C PHE D 219 -28.33 3.92 -11.90
N PRO D 220 -28.25 5.25 -11.81
CA PRO D 220 -26.97 5.86 -11.37
C PRO D 220 -26.48 5.31 -10.04
N TRP D 221 -27.35 5.25 -9.03
CA TRP D 221 -26.95 4.69 -7.75
C TRP D 221 -26.64 3.20 -7.88
N PHE D 222 -27.48 2.46 -8.59
CA PHE D 222 -27.39 1.01 -8.57
C PHE D 222 -26.15 0.51 -9.32
N SER D 223 -25.77 1.16 -10.42
CA SER D 223 -24.70 0.66 -11.28
C SER D 223 -23.47 1.57 -11.29
N GLY D 224 -23.45 2.64 -10.51
CA GLY D 224 -22.32 3.55 -10.48
C GLY D 224 -22.23 4.51 -11.64
N ALA D 225 -23.33 4.71 -12.36
CA ALA D 225 -23.40 5.61 -13.50
C ALA D 225 -23.92 6.97 -13.07
N SER D 226 -23.97 7.90 -14.00
CA SER D 226 -24.57 9.21 -13.75
C SER D 226 -25.62 9.49 -14.83
N ALA D 227 -26.61 10.29 -14.47
CA ALA D 227 -27.73 10.59 -15.36
C ALA D 227 -27.92 12.09 -15.47
N LEU D 228 -28.23 12.52 -16.68
CA LEU D 228 -28.58 13.91 -16.96
C LEU D 228 -30.04 14.16 -16.59
N LEU D 229 -30.29 15.14 -15.73
CA LEU D 229 -31.62 15.52 -15.30
C LEU D 229 -31.92 16.90 -15.87
N ASP D 230 -33.11 17.05 -16.43
CA ASP D 230 -33.47 18.27 -17.13
C ASP D 230 -34.89 18.61 -16.72
N ASP D 231 -35.10 19.84 -16.26
CA ASP D 231 -36.41 20.25 -15.78
C ASP D 231 -37.28 20.84 -16.88
N THR D 232 -36.79 20.89 -18.10
CA THR D 232 -37.56 21.40 -19.23
C THR D 232 -38.08 20.27 -20.10
N TRP D 233 -39.13 20.56 -20.86
CA TRP D 233 -39.73 19.54 -21.69
C TRP D 233 -38.80 19.22 -22.86
N PRO D 234 -38.81 17.97 -23.33
CA PRO D 234 -37.86 17.50 -24.36
C PRO D 234 -38.28 17.89 -25.78
N SER D 235 -38.12 19.17 -26.11
CA SER D 235 -38.18 19.55 -27.50
C SER D 235 -37.02 18.85 -28.23
N PRO D 236 -37.19 18.51 -29.50
CA PRO D 236 -36.05 17.93 -30.23
C PRO D 236 -34.82 18.82 -30.17
N GLU D 237 -35.01 20.13 -30.15
CA GLU D 237 -33.89 21.06 -30.03
C GLU D 237 -33.21 20.91 -28.68
N ARG D 238 -34.00 20.76 -27.61
CA ARG D 238 -33.41 20.60 -26.28
C ARG D 238 -32.69 19.25 -26.16
N VAL D 239 -33.31 18.17 -26.67
CA VAL D 239 -32.66 16.86 -26.66
C VAL D 239 -31.33 16.93 -27.40
N LEU D 240 -31.29 17.60 -28.56
CA LEU D 240 -30.03 17.68 -29.30
C LEU D 240 -28.98 18.47 -28.53
N GLU D 241 -29.37 19.61 -27.97
CA GLU D 241 -28.44 20.39 -27.16
C GLU D 241 -27.85 19.52 -26.06
N ASN D 242 -28.70 18.73 -25.40
CA ASN D 242 -28.23 17.85 -24.34
C ASN D 242 -27.28 16.78 -24.86
N LEU D 243 -27.53 16.26 -26.06
CA LEU D 243 -26.64 15.24 -26.58
C LEU D 243 -25.23 15.79 -26.75
N VAL D 244 -25.10 17.02 -27.26
CA VAL D 244 -23.76 17.55 -27.55
C VAL D 244 -23.07 17.98 -26.26
N ALA D 245 -23.82 18.51 -25.30
CA ALA D 245 -23.18 19.01 -24.09
C ALA D 245 -22.78 17.86 -23.17
N PHE D 246 -23.59 16.80 -23.12
CA PHE D 246 -23.45 15.72 -22.15
C PHE D 246 -22.82 14.46 -22.74
N ARG D 247 -23.05 14.18 -24.02
CA ARG D 247 -22.47 13.04 -24.71
C ARG D 247 -22.68 11.71 -23.97
N PRO D 248 -23.92 11.30 -23.75
CA PRO D 248 -24.18 10.03 -23.08
C PRO D 248 -23.76 8.82 -23.90
N ARG D 249 -23.43 7.73 -23.20
CA ARG D 249 -23.24 6.43 -23.84
C ARG D 249 -24.53 5.66 -24.01
N VAL D 250 -25.48 5.82 -23.09
CA VAL D 250 -26.74 5.10 -23.12
C VAL D 250 -27.86 6.12 -23.27
N LEU D 251 -28.68 5.96 -24.30
CA LEU D 251 -29.85 6.79 -24.51
C LEU D 251 -31.10 5.96 -24.25
N PHE D 252 -31.98 6.45 -23.38
CA PHE D 252 -33.28 5.83 -23.15
C PHE D 252 -34.33 6.65 -23.89
N GLY D 253 -34.84 6.11 -24.98
CA GLY D 253 -35.82 6.84 -25.76
C GLY D 253 -37.08 6.05 -25.99
N VAL D 254 -37.88 6.52 -26.93
CA VAL D 254 -39.11 5.87 -27.39
C VAL D 254 -39.09 5.98 -28.91
N PRO D 255 -39.93 5.24 -29.63
CA PRO D 255 -39.82 5.25 -31.10
C PRO D 255 -39.86 6.64 -31.75
N ALA D 256 -40.79 7.50 -31.35
CA ALA D 256 -40.89 8.80 -32.02
C ALA D 256 -39.66 9.65 -31.76
N ILE D 257 -38.99 9.44 -30.62
CA ILE D 257 -37.79 10.22 -30.34
C ILE D 257 -36.70 9.85 -31.35
N TYR D 258 -36.53 8.55 -31.62
CA TYR D 258 -35.56 8.12 -32.63
C TYR D 258 -35.97 8.62 -34.01
N ALA D 259 -37.27 8.62 -34.30
CA ALA D 259 -37.74 9.24 -35.55
C ALA D 259 -37.34 10.70 -35.61
N SER D 260 -37.49 11.43 -34.50
CA SER D 260 -37.17 12.85 -34.51
C SER D 260 -35.66 13.10 -34.59
N LEU D 261 -34.82 12.10 -34.30
CA LEU D 261 -33.38 12.26 -34.33
C LEU D 261 -32.74 11.92 -35.68
N ARG D 262 -33.51 11.40 -36.65
CA ARG D 262 -32.95 11.00 -37.95
C ARG D 262 -32.10 12.07 -38.60
N PRO D 263 -32.52 13.34 -38.69
CA PRO D 263 -31.65 14.37 -39.30
C PRO D 263 -30.39 14.65 -38.51
N GLN D 264 -30.21 14.04 -37.35
CA GLN D 264 -29.02 14.24 -36.53
C GLN D 264 -28.28 12.93 -36.29
N ALA D 265 -28.34 12.00 -37.25
CA ALA D 265 -27.76 10.68 -37.06
C ALA D 265 -26.27 10.78 -36.74
N ARG D 266 -25.54 11.65 -37.42
CA ARG D 266 -24.10 11.75 -37.18
C ARG D 266 -23.83 12.12 -35.73
N GLU D 267 -24.55 13.12 -35.21
CA GLU D 267 -24.35 13.55 -33.84
C GLU D 267 -24.69 12.44 -32.84
N LEU D 268 -25.78 11.71 -33.08
CA LEU D 268 -26.16 10.65 -32.16
C LEU D 268 -25.07 9.57 -32.10
N LEU D 269 -24.59 9.15 -33.28
CA LEU D 269 -23.59 8.10 -33.34
C LEU D 269 -22.27 8.50 -32.67
N SER D 270 -22.05 9.80 -32.45
CA SER D 270 -20.77 10.26 -31.89
C SER D 270 -20.54 9.86 -30.44
N SER D 271 -21.59 9.63 -29.65
CA SER D 271 -21.39 9.24 -28.25
C SER D 271 -22.24 8.04 -27.88
N VAL D 272 -23.46 7.92 -28.43
CA VAL D 272 -24.39 6.90 -27.98
C VAL D 272 -23.94 5.57 -28.55
N ARG D 273 -23.61 4.64 -27.65
CA ARG D 273 -23.25 3.28 -28.02
C ARG D 273 -24.33 2.28 -27.68
N LEU D 274 -25.24 2.61 -26.78
CA LEU D 274 -26.35 1.73 -26.44
C LEU D 274 -27.61 2.58 -26.52
N ALA D 275 -28.45 2.29 -27.51
CA ALA D 275 -29.69 3.01 -27.76
C ALA D 275 -30.83 2.09 -27.37
N PHE D 276 -31.64 2.53 -26.43
CA PHE D 276 -32.79 1.74 -26.00
C PHE D 276 -34.08 2.48 -26.34
N SER D 277 -35.12 1.70 -26.66
CA SER D 277 -36.44 2.22 -26.97
C SER D 277 -37.48 1.42 -26.20
N ALA D 278 -38.44 2.13 -25.62
CA ALA D 278 -39.52 1.48 -24.88
C ALA D 278 -40.75 2.36 -25.01
N GLY D 279 -41.85 1.91 -24.42
CA GLY D 279 -43.09 2.66 -24.41
C GLY D 279 -44.09 2.15 -25.43
N SER D 280 -43.61 1.86 -26.63
CA SER D 280 -44.42 1.36 -27.73
C SER D 280 -43.50 0.65 -28.72
N PRO D 281 -44.03 -0.18 -29.62
CA PRO D 281 -43.16 -0.99 -30.47
C PRO D 281 -42.32 -0.14 -31.40
N LEU D 282 -41.05 -0.52 -31.53
CA LEU D 282 -40.15 0.16 -32.46
C LEU D 282 -40.41 -0.32 -33.88
N PRO D 283 -40.85 0.54 -34.80
CA PRO D 283 -41.13 0.06 -36.16
C PRO D 283 -39.87 -0.47 -36.84
N ARG D 284 -40.04 -1.49 -37.67
CA ARG D 284 -38.92 -2.02 -38.43
C ARG D 284 -38.18 -0.92 -39.16
N GLY D 285 -38.93 0.02 -39.76
CA GLY D 285 -38.30 1.07 -40.53
C GLY D 285 -37.32 1.88 -39.71
N GLU D 286 -37.66 2.15 -38.45
CA GLU D 286 -36.74 2.84 -37.56
C GLU D 286 -35.56 1.95 -37.20
N PHE D 287 -35.83 0.67 -36.91
CA PHE D 287 -34.74 -0.25 -36.61
C PHE D 287 -33.74 -0.30 -37.77
N GLU D 288 -34.23 -0.37 -39.00
CA GLU D 288 -33.36 -0.54 -40.16
C GLU D 288 -32.69 0.78 -40.56
N PHE D 289 -33.38 1.91 -40.41
CA PHE D 289 -32.73 3.20 -40.67
C PHE D 289 -31.45 3.34 -39.85
N TRP D 290 -31.56 3.06 -38.56
CA TRP D 290 -30.42 3.25 -37.67
C TRP D 290 -29.40 2.13 -37.84
N ALA D 291 -29.85 0.90 -38.11
CA ALA D 291 -28.94 -0.17 -38.46
C ALA D 291 -28.09 0.21 -39.66
N ALA D 292 -28.69 0.87 -40.65
CA ALA D 292 -27.95 1.31 -41.83
C ALA D 292 -26.86 2.30 -41.44
N HIS D 293 -27.05 3.03 -40.35
CA HIS D 293 -26.06 3.98 -39.84
C HIS D 293 -25.16 3.37 -38.77
N GLY D 294 -25.28 2.08 -38.49
CA GLY D 294 -24.41 1.44 -37.54
C GLY D 294 -24.82 1.56 -36.09
N LEU D 295 -26.08 1.91 -35.81
CA LEU D 295 -26.59 1.98 -34.45
C LEU D 295 -27.71 0.96 -34.29
N GLU D 296 -27.54 0.07 -33.33
CA GLU D 296 -28.57 -0.89 -32.97
C GLU D 296 -29.51 -0.22 -31.99
N ILE D 297 -30.81 -0.29 -32.26
CA ILE D 297 -31.81 0.17 -31.32
C ILE D 297 -32.46 -1.06 -30.71
N CYS D 298 -32.42 -1.14 -29.38
CA CYS D 298 -32.93 -2.27 -28.62
C CYS D 298 -34.32 -1.95 -28.10
N ASP D 299 -35.32 -2.65 -28.63
CA ASP D 299 -36.70 -2.49 -28.23
C ASP D 299 -37.00 -3.40 -27.04
N GLY D 300 -37.51 -2.83 -25.97
CA GLY D 300 -37.97 -3.61 -24.83
C GLY D 300 -39.26 -3.05 -24.27
N ILE D 301 -40.04 -3.93 -23.65
CA ILE D 301 -41.31 -3.56 -23.05
C ILE D 301 -41.15 -3.56 -21.54
N GLY D 302 -41.67 -2.52 -20.90
CA GLY D 302 -41.85 -2.50 -19.46
C GLY D 302 -43.28 -2.12 -19.13
N ALA D 303 -43.62 -2.25 -17.86
CA ALA D 303 -44.91 -1.80 -17.37
C ALA D 303 -44.75 -1.40 -15.92
N THR D 304 -45.52 -0.40 -15.51
CA THR D 304 -45.41 0.12 -14.15
C THR D 304 -45.57 -1.02 -13.14
N GLU D 305 -46.51 -1.91 -13.38
CA GLU D 305 -46.79 -3.01 -12.48
C GLU D 305 -45.65 -4.01 -12.40
N VAL D 306 -44.64 -3.90 -13.27
CA VAL D 306 -43.51 -4.82 -13.31
C VAL D 306 -42.19 -4.10 -13.03
N GLY D 307 -42.26 -2.84 -12.62
CA GLY D 307 -41.09 -2.10 -12.19
C GLY D 307 -40.35 -1.45 -13.34
N HIS D 308 -39.88 -2.27 -14.29
CA HIS D 308 -39.19 -1.71 -15.45
C HIS D 308 -39.30 -2.72 -16.59
N VAL D 309 -38.34 -2.69 -17.50
CA VAL D 309 -38.39 -3.55 -18.68
C VAL D 309 -38.21 -5.00 -18.26
N PHE D 310 -39.10 -5.87 -18.76
CA PHE D 310 -39.05 -7.29 -18.43
C PHE D 310 -38.90 -8.19 -19.63
N LEU D 311 -38.92 -7.63 -20.85
CA LEU D 311 -38.85 -8.40 -22.09
C LEU D 311 -38.21 -7.48 -23.12
N ALA D 312 -37.08 -7.89 -23.69
CA ALA D 312 -36.32 -6.95 -24.48
C ALA D 312 -35.34 -7.64 -25.41
N ASN D 313 -34.97 -6.90 -26.45
CA ASN D 313 -33.87 -7.28 -27.31
C ASN D 313 -32.56 -7.11 -26.54
N ARG D 314 -31.71 -8.13 -26.59
CA ARG D 314 -30.45 -8.08 -25.90
C ARG D 314 -29.41 -7.31 -26.72
N PRO D 315 -28.67 -6.38 -26.12
CA PRO D 315 -27.65 -5.63 -26.88
C PRO D 315 -26.74 -6.55 -27.68
N GLY D 316 -26.54 -6.20 -28.95
CA GLY D 316 -25.76 -7.02 -29.85
C GLY D 316 -26.51 -8.15 -30.53
N GLN D 317 -27.79 -8.37 -30.18
CA GLN D 317 -28.60 -9.42 -30.79
C GLN D 317 -30.00 -8.93 -31.17
N ALA D 318 -30.20 -7.62 -31.27
CA ALA D 318 -31.55 -7.11 -31.52
C ALA D 318 -32.00 -7.43 -32.94
N ARG D 319 -33.31 -7.55 -33.11
CA ARG D 319 -33.92 -7.87 -34.40
C ARG D 319 -35.08 -6.93 -34.66
N ALA D 320 -35.28 -6.62 -35.93
CA ALA D 320 -36.38 -5.75 -36.34
C ALA D 320 -37.72 -6.39 -36.03
N ASP D 321 -38.71 -5.55 -35.72
CA ASP D 321 -40.10 -5.99 -35.56
C ASP D 321 -40.19 -7.10 -34.52
N SER D 322 -39.65 -6.81 -33.34
CA SER D 322 -39.53 -7.81 -32.29
C SER D 322 -39.34 -7.12 -30.97
N THR D 323 -39.92 -7.68 -29.91
CA THR D 323 -39.64 -7.22 -28.57
C THR D 323 -38.55 -8.03 -27.89
N GLY D 324 -38.07 -9.10 -28.53
CA GLY D 324 -36.98 -9.88 -27.98
C GLY D 324 -37.42 -10.97 -27.02
N LEU D 325 -36.65 -11.21 -25.96
CA LEU D 325 -36.88 -12.33 -25.06
C LEU D 325 -37.13 -11.88 -23.62
N PRO D 326 -37.87 -12.65 -22.84
CA PRO D 326 -38.01 -12.31 -21.42
C PRO D 326 -36.64 -12.19 -20.78
N LEU D 327 -36.47 -11.18 -19.93
CA LEU D 327 -35.22 -11.07 -19.21
C LEU D 327 -35.08 -12.21 -18.21
N PRO D 328 -33.84 -12.57 -17.84
CA PRO D 328 -33.67 -13.65 -16.86
C PRO D 328 -34.40 -13.36 -15.57
N GLY D 329 -35.10 -14.37 -15.06
CA GLY D 329 -35.89 -14.26 -13.85
C GLY D 329 -37.36 -14.04 -14.08
N TYR D 330 -37.74 -13.39 -15.19
CA TYR D 330 -39.13 -13.17 -15.49
C TYR D 330 -39.69 -14.38 -16.23
N GLU D 331 -40.99 -14.60 -16.06
CA GLU D 331 -41.71 -15.65 -16.79
C GLU D 331 -42.86 -14.99 -17.53
N CYS D 332 -42.95 -15.25 -18.82
CA CYS D 332 -44.00 -14.69 -19.66
C CYS D 332 -44.89 -15.81 -20.17
N ARG D 333 -46.18 -15.54 -20.19
CA ARG D 333 -47.19 -16.51 -20.58
C ARG D 333 -48.19 -15.81 -21.48
N LEU D 334 -48.65 -16.52 -22.51
CA LEU D 334 -49.70 -16.03 -23.40
C LEU D 334 -50.94 -16.88 -23.17
N VAL D 335 -52.06 -16.23 -22.88
CA VAL D 335 -53.31 -16.94 -22.59
C VAL D 335 -54.30 -16.64 -23.71
N ASP D 336 -55.03 -17.67 -24.12
CA ASP D 336 -56.00 -17.53 -25.19
C ASP D 336 -57.30 -16.96 -24.62
N ARG D 337 -58.34 -16.89 -25.45
CA ARG D 337 -59.58 -16.23 -25.07
C ARG D 337 -60.40 -17.03 -24.06
N GLU D 338 -59.97 -18.23 -23.71
CA GLU D 338 -60.58 -19.03 -22.66
C GLU D 338 -59.73 -19.09 -21.40
N GLY D 339 -58.68 -18.27 -21.31
CA GLY D 339 -57.78 -18.31 -20.18
C GLY D 339 -56.80 -19.45 -20.19
N HIS D 340 -56.69 -20.18 -21.31
CA HIS D 340 -55.82 -21.34 -21.40
C HIS D 340 -54.43 -20.91 -21.82
N THR D 341 -53.42 -21.59 -21.28
CA THR D 341 -52.04 -21.24 -21.59
C THR D 341 -51.73 -21.67 -23.02
N ILE D 342 -51.17 -20.74 -23.79
CA ILE D 342 -50.81 -21.00 -25.18
C ILE D 342 -49.39 -21.53 -25.20
N GLU D 343 -49.21 -22.74 -25.75
CA GLU D 343 -47.90 -23.34 -25.89
C GLU D 343 -47.30 -23.14 -27.27
N GLU D 344 -48.13 -22.96 -28.28
CA GLU D 344 -47.67 -22.87 -29.66
C GLU D 344 -47.08 -21.50 -29.97
N ALA D 345 -46.22 -21.47 -30.99
CA ALA D 345 -45.75 -20.23 -31.57
C ALA D 345 -46.70 -19.77 -32.67
N GLY D 346 -46.68 -18.47 -32.93
CA GLY D 346 -47.52 -17.89 -33.96
C GLY D 346 -49.00 -17.85 -33.63
N ARG D 347 -49.36 -18.10 -32.37
CA ARG D 347 -50.71 -17.92 -31.88
C ARG D 347 -50.71 -16.74 -30.92
N GLN D 348 -51.62 -15.78 -31.14
CA GLN D 348 -51.67 -14.59 -30.30
C GLN D 348 -52.49 -14.83 -29.05
N GLY D 349 -52.02 -14.25 -27.94
CA GLY D 349 -52.76 -14.25 -26.69
C GLY D 349 -52.32 -13.08 -25.83
N VAL D 350 -52.95 -12.97 -24.67
CA VAL D 350 -52.63 -11.90 -23.73
C VAL D 350 -51.38 -12.27 -22.95
N LEU D 351 -50.48 -11.30 -22.81
CA LEU D 351 -49.18 -11.54 -22.19
C LEU D 351 -49.29 -11.37 -20.68
N LEU D 352 -48.96 -12.42 -19.95
CA LEU D 352 -48.87 -12.38 -18.50
C LEU D 352 -47.40 -12.48 -18.14
N VAL D 353 -46.98 -11.77 -17.10
CA VAL D 353 -45.58 -11.80 -16.70
C VAL D 353 -45.50 -11.88 -15.18
N ARG D 354 -44.48 -12.59 -14.70
CA ARG D 354 -44.12 -12.57 -13.30
C ARG D 354 -42.60 -12.59 -13.22
N GLY D 355 -42.07 -12.21 -12.06
CA GLY D 355 -40.63 -12.15 -11.92
C GLY D 355 -40.13 -11.09 -10.94
N PRO D 356 -38.81 -10.84 -10.98
CA PRO D 356 -38.20 -10.05 -9.91
C PRO D 356 -38.81 -8.67 -9.72
N GLY D 357 -39.18 -8.00 -10.81
CA GLY D 357 -39.71 -6.65 -10.76
C GLY D 357 -41.19 -6.53 -10.47
N LEU D 358 -41.90 -7.65 -10.36
CA LEU D 358 -43.34 -7.62 -10.20
C LEU D 358 -43.74 -6.86 -8.93
N SER D 359 -44.69 -5.95 -9.07
CA SER D 359 -45.22 -5.23 -7.91
C SER D 359 -46.05 -6.18 -7.03
N PRO D 360 -46.03 -6.00 -5.71
CA PRO D 360 -46.92 -6.78 -4.85
CA PRO D 360 -46.93 -6.77 -4.85
C PRO D 360 -48.39 -6.41 -4.99
N GLY D 361 -48.72 -5.35 -5.73
CA GLY D 361 -50.10 -4.98 -5.96
C GLY D 361 -50.33 -3.48 -5.94
N TYR D 362 -51.58 -3.06 -6.13
CA TYR D 362 -51.92 -1.65 -6.08
C TYR D 362 -52.10 -1.20 -4.65
N TRP D 363 -51.80 0.08 -4.42
CA TRP D 363 -51.94 0.65 -3.09
C TRP D 363 -53.39 0.66 -2.64
N ARG D 364 -54.29 1.06 -3.53
CA ARG D 364 -55.71 1.18 -3.21
C ARG D 364 -56.49 0.81 -4.47
N ALA D 365 -57.36 -0.19 -4.37
CA ALA D 365 -58.01 -0.69 -5.57
C ALA D 365 -59.21 -1.53 -5.18
N SER D 366 -60.22 -1.47 -6.05
CA SER D 366 -61.34 -2.38 -5.95
C SER D 366 -60.87 -3.81 -6.20
N GLU D 367 -61.76 -4.75 -5.93
CA GLU D 367 -61.47 -6.14 -6.20
C GLU D 367 -61.22 -6.38 -7.69
N GLU D 368 -61.98 -5.70 -8.55
CA GLU D 368 -61.81 -5.87 -9.98
C GLU D 368 -60.43 -5.38 -10.43
N GLN D 369 -60.01 -4.22 -9.94
CA GLN D 369 -58.70 -3.68 -10.31
C GLN D 369 -57.58 -4.60 -9.86
N GLN D 370 -57.63 -5.03 -8.60
CA GLN D 370 -56.60 -5.90 -8.07
C GLN D 370 -56.50 -7.21 -8.83
N ALA D 371 -57.55 -7.59 -9.56
CA ALA D 371 -57.53 -8.83 -10.34
C ALA D 371 -56.49 -8.81 -11.45
N ARG D 372 -55.98 -7.63 -11.83
CA ARG D 372 -54.90 -7.62 -12.81
C ARG D 372 -53.67 -8.34 -12.30
N PHE D 373 -53.54 -8.49 -10.98
CA PHE D 373 -52.47 -9.26 -10.36
C PHE D 373 -52.93 -10.66 -9.99
N ALA D 374 -54.12 -11.07 -10.42
CA ALA D 374 -54.69 -12.34 -10.00
C ALA D 374 -53.70 -13.47 -10.27
N GLY D 375 -53.55 -14.35 -9.28
CA GLY D 375 -52.77 -15.56 -9.45
C GLY D 375 -51.27 -15.38 -9.41
N GLY D 376 -50.76 -14.22 -8.99
CA GLY D 376 -49.33 -14.00 -8.95
C GLY D 376 -48.71 -13.58 -10.26
N TRP D 377 -49.54 -13.17 -11.23
CA TRP D 377 -49.11 -12.65 -12.52
C TRP D 377 -49.65 -11.24 -12.72
N TYR D 378 -48.94 -10.43 -13.49
CA TYR D 378 -49.51 -9.18 -13.99
C TYR D 378 -50.03 -9.43 -15.41
N ARG D 379 -51.31 -9.09 -15.63
CA ARG D 379 -51.95 -9.20 -16.92
C ARG D 379 -51.74 -7.89 -17.68
N THR D 380 -50.89 -7.92 -18.70
CA THR D 380 -50.52 -6.69 -19.40
C THR D 380 -51.69 -6.08 -20.17
N GLY D 381 -52.64 -6.90 -20.63
CA GLY D 381 -53.61 -6.42 -21.59
C GLY D 381 -53.07 -6.31 -23.00
N ASP D 382 -51.84 -6.74 -23.23
CA ASP D 382 -51.22 -6.69 -24.54
C ASP D 382 -51.35 -8.03 -25.23
N LEU D 383 -51.70 -8.00 -26.51
CA LEU D 383 -51.67 -9.19 -27.34
C LEU D 383 -50.26 -9.38 -27.88
N PHE D 384 -49.75 -10.59 -27.73
CA PHE D 384 -48.41 -10.93 -28.18
C PHE D 384 -48.47 -12.29 -28.86
N GLU D 385 -47.50 -12.54 -29.73
CA GLU D 385 -47.27 -13.88 -30.24
C GLU D 385 -45.78 -14.18 -30.09
N ARG D 386 -45.50 -15.47 -29.99
CA ARG D 386 -44.16 -15.99 -29.82
C ARG D 386 -43.75 -16.68 -31.12
N ASP D 387 -42.45 -16.68 -31.42
CA ASP D 387 -41.95 -17.48 -32.52
C ASP D 387 -41.32 -18.74 -31.94
N GLU D 388 -40.79 -19.60 -32.82
CA GLU D 388 -40.25 -20.87 -32.35
C GLU D 388 -38.99 -20.68 -31.50
N SER D 389 -38.31 -19.56 -31.64
CA SER D 389 -37.10 -19.28 -30.85
C SER D 389 -37.40 -18.69 -29.47
N GLY D 390 -38.66 -18.41 -29.16
CA GLY D 390 -39.02 -17.79 -27.91
C GLY D 390 -39.18 -16.28 -27.93
N ALA D 391 -38.91 -15.63 -29.06
CA ALA D 391 -39.01 -14.17 -29.12
C ALA D 391 -40.45 -13.73 -29.33
N TYR D 392 -40.77 -12.56 -28.79
CA TYR D 392 -42.13 -12.05 -28.78
C TYR D 392 -42.29 -10.89 -29.74
N ARG D 393 -43.51 -10.74 -30.26
CA ARG D 393 -43.85 -9.60 -31.10
C ARG D 393 -45.20 -9.06 -30.65
N HIS D 394 -45.30 -7.75 -30.50
CA HIS D 394 -46.53 -7.12 -30.03
C HIS D 394 -47.58 -7.14 -31.15
N CYS D 395 -48.83 -7.46 -30.78
CA CYS D 395 -49.90 -7.63 -31.75
C CYS D 395 -51.13 -6.80 -31.44
N GLY D 396 -51.04 -5.84 -30.51
CA GLY D 396 -52.18 -4.99 -30.19
C GLY D 396 -52.61 -5.12 -28.74
N ARG D 397 -53.81 -4.66 -28.44
CA ARG D 397 -54.36 -4.65 -27.10
C ARG D 397 -55.53 -5.60 -26.98
N GLU D 398 -55.77 -6.05 -25.75
CA GLU D 398 -56.86 -6.97 -25.47
C GLU D 398 -58.22 -6.29 -25.62
N ASP D 399 -58.29 -4.97 -25.40
CA ASP D 399 -59.52 -4.23 -25.57
C ASP D 399 -59.24 -2.76 -25.86
C5 9SN E . 25.79 -9.67 -15.93
N1 9SN E . 21.50 -9.37 -15.96
C7 9SN E . 27.12 -10.11 -18.05
C9 9SN E . 29.19 -9.31 -17.31
C10 9SN E . 29.77 -8.91 -15.97
C3 9SN E . 23.81 -9.55 -16.68
C2 9SN E . 22.43 -9.44 -16.93
C16 9SN E . 28.48 -8.19 -18.05
C18 9SN E . 27.56 -8.97 -18.98
C20 9SN E . 24.63 -9.72 -17.78
C22 9SN E . 22.92 -9.65 -19.18
C24 9SN E . 28.73 -9.91 -12.79
C25 9SN E . 28.03 -9.23 -11.66
C27 9SN E . 26.65 -9.23 -11.59
C28 9SN E . 25.94 -8.64 -10.57
C29 9SN E . 26.65 -7.99 -9.57
C30 9SN E . 28.02 -7.95 -9.60
C31 9SN E . 28.75 -8.57 -10.62
F33 9SN E . 25.97 -9.81 -12.60
N21 9SN E . 24.25 -9.79 -19.06
N23 9SN E . 22.02 -9.49 -18.21
N32 9SN E . 30.13 -8.51 -10.63
N4 9SN E . 24.56 -9.51 -15.51
N6 9SN E . 25.91 -9.82 -17.29
O11 9SN E . 30.30 -10.08 -15.33
O13 9SN E . 32.18 -9.09 -14.08
O14 9SN E . 30.06 -9.60 -12.88
O15 9SN E . 31.64 -11.51 -13.74
O17 9SN E . 29.42 -7.36 -18.72
O19 9SN E . 28.26 -9.50 -20.09
O26 9SN E . 28.19 -10.67 -13.56
O8 9SN E . 28.19 -10.33 -17.14
P12 9SN E . 31.12 -10.15 -14.00
HC5 9SN E . 26.65 -9.69 -15.25
HN1B 9SN E . 21.78 -9.38 -14.99
HN1A 9SN E . 20.52 -9.29 -16.18
HC7 9SN E . 26.97 -11.05 -18.57
HC9 9SN E . 29.96 -9.77 -17.93
H10B 9SN E . 29.01 -8.46 -15.34
H10A 9SN E . 30.57 -8.19 -16.10
HC16 9SN E . 27.89 -7.57 -17.37
HC18 9SN E . 26.72 -8.36 -19.30
HC22 9SN E . 22.52 -9.68 -20.18
HC28 9SN E . 24.85 -8.67 -10.55
HC29 9SN E . 26.10 -7.50 -8.76
HC30 9SN E . 28.55 -7.44 -8.80
H32B 9SN E . 30.70 -8.93 -11.36
H32A 9SN E . 30.61 -8.03 -9.88
HO13 9SN E . 33.04 -9.00 -13.59
HO17 9SN E . 30.01 -7.97 -19.24
HO19 9SN E . 27.61 -9.52 -20.84
C5 9SN F . 12.20 26.01 -5.82
N1 9SN F . 11.22 23.27 -2.66
C7 9SN F . 13.97 27.81 -5.52
C9 9SN F . 14.61 28.23 -7.73
C10 9SN F . 14.09 27.89 -9.10
C3 9SN F . 12.32 24.98 -3.96
C2 9SN F . 12.18 24.18 -2.81
C16 9SN F . 15.58 27.22 -7.14
C18 9SN F . 15.48 27.56 -5.66
C20 9SN F . 13.30 25.96 -3.93
C22 9SN F . 13.94 25.38 -1.90
C24 9SN F . 10.69 26.92 -9.84
C25 9SN F . 10.01 25.63 -10.18
C27 9SN F . 9.57 24.79 -9.17
C28 9SN F . 8.95 23.59 -9.40
C29 9SN F . 8.77 23.18 -10.70
C30 9SN F . 9.20 23.98 -11.75
C31 9SN F . 9.81 25.22 -11.52
F33 9SN F . 9.80 25.16 -7.89
N21 9SN F . 14.15 26.22 -2.92
N23 9SN F . 13.03 24.41 -1.79
N32 9SN F . 10.13 26.03 -12.58
N4 9SN F . 11.63 25.03 -5.16
N6 9SN F . 13.21 26.64 -5.13
O11 9SN F . 13.05 28.81 -9.44
O13 9SN F . 13.41 28.69 -11.86
O14 9SN F . 11.45 27.44 -10.86
O15 9SN F . 11.39 30.00 -10.96
O17 9SN F . 16.89 27.38 -7.68
O19 9SN F . 16.21 28.74 -5.37
O26 9SN F . 10.60 27.46 -8.76
O8 9SN F . 13.51 28.24 -6.79
P12 9SN F . 12.30 28.84 -10.83
HC5 9SN F . 11.88 26.31 -6.81
HN1B 9SN F . 10.54 23.11 -3.40
HN1A 9SN F . 11.15 22.71 -1.82
HC7 9SN F . 13.75 28.61 -4.83
HC9 9SN F . 15.02 29.24 -7.71
H10B 9SN F . 13.72 26.87 -9.15
H10A 9SN F . 14.89 27.99 -9.85
HC16 9SN F . 15.24 26.20 -7.31
HC18 9SN F . 15.83 26.73 -5.05
HC22 9SN F . 14.58 25.51 -1.03
HC28 9SN F . 8.60 22.97 -8.56
HC29 9SN F . 8.29 22.22 -10.91
HC30 9SN F . 9.04 23.63 -12.77
H32B 9SN F . 10.53 26.96 -12.47
H32A 9SN F . 9.98 25.71 -13.53
HO13 9SN F . 13.94 29.37 -12.34
HO17 9SN F . 16.79 27.93 -8.50
HO19 9SN F . 15.88 29.06 -4.50
C5 9SN G . 5.45 -15.64 45.00
N1 9SN G . 7.85 -12.08 45.03
C7 9SN G . 4.66 -16.77 47.13
C9 9SN G . 2.68 -17.86 46.59
C10 9SN G . 1.87 -18.19 45.37
C3 9SN G . 6.52 -13.97 45.75
C2 9SN G . 7.29 -12.81 46.00
C16 9SN G . 2.29 -16.59 47.31
C18 9SN G . 3.57 -16.24 48.07
C20 9SN G . 6.05 -14.65 46.85
C22 9SN G . 6.97 -13.21 48.25
C24 9SN G . 3.79 -18.23 42.12
C25 9SN G . 3.79 -17.35 40.90
C27 9SN G . 4.69 -16.31 40.78
C28 9SN G . 4.75 -15.48 39.70
C29 9SN G . 3.84 -15.67 38.66
C30 9SN G . 2.91 -16.70 38.73
C31 9SN G . 2.86 -17.56 39.83
F33 9SN G . 5.52 -16.07 41.83
N21 9SN G . 6.24 -14.32 48.14
N23 9SN G . 7.48 -12.45 47.28
N32 9SN G . 1.96 -18.61 39.84
N4 9SN G . 6.14 -14.61 44.58
N6 9SN G . 5.36 -15.73 46.37
O11 9SN G . 2.51 -19.31 44.76
O13 9SN G . 0.72 -20.03 43.31
O14 9SN G . 2.62 -18.93 42.23
O15 9SN G . 2.91 -21.30 43.30
O17 9SN G . 1.17 -16.82 48.16
O19 9SN G . 3.62 -16.92 49.32
O26 9SN G . 4.72 -18.30 42.89
O8 9SN G . 4.05 -17.66 46.22
P12 9SN G . 2.20 -20.00 43.40
HC5 9SN G . 4.99 -16.35 44.32
HN1B 9SN G . 7.75 -12.36 44.05
HN1A 9SN G . 8.39 -11.26 45.23
HC7 9SN G . 5.42 -17.34 47.66
HC9 9SN G . 2.69 -18.71 47.27
H10B 9SN G . 1.83 -17.35 44.67
H10A 9SN G . 0.85 -18.47 45.63
HC16 9SN G . 2.04 -15.78 46.62
HC18 9SN G . 3.64 -15.16 48.22
HC22 9SN G . 7.19 -12.87 49.26
HC28 9SN G . 5.49 -14.68 39.65
HC29 9SN G . 3.88 -15.02 37.79
HC30 9SN G . 2.21 -16.82 37.91
H32B 9SN G . 1.90 -19.27 40.61
H32A 9SN G . 1.31 -18.73 39.07
HO13 9SN G . 0.08 -20.76 43.55
HO17 9SN G . 0.37 -16.83 47.58
HO19 9SN G . 3.91 -16.23 49.98
C1 PGE H . 8.26 -32.23 23.94
O1 PGE H . 6.99 -32.12 23.31
C2 PGE H . 8.14 -31.75 25.39
O2 PGE H . 9.01 -32.47 26.23
C3 PGE H . 8.62 -33.78 26.60
C4 PGE H . 9.84 -34.54 27.02
O4 PGE H . 11.11 -35.63 22.94
C6 PGE H . 10.43 -35.12 24.08
C5 PGE H . 10.87 -35.85 25.32
O3 PGE H . 9.84 -35.76 26.29
H1 PGE H . 8.61 -33.27 23.96
H12 PGE H . 9.03 -31.62 23.44
HO1 PGE H . 7.01 -32.64 22.51
H2 PGE H . 8.38 -30.68 25.42
H22 PGE H . 7.10 -31.86 25.71
H3 PGE H . 7.90 -33.75 27.42
H32 PGE H . 8.14 -34.29 25.74
H4 PGE H . 10.74 -33.95 26.80
H42 PGE H . 9.80 -34.73 28.10
HO4 PGE H . 10.45 -35.95 22.31
H6 PGE H . 10.63 -34.05 24.21
H62 PGE H . 9.33 -35.24 23.97
H5 PGE H . 11.09 -36.91 25.07
H52 PGE H . 11.81 -35.40 25.70
C5 9SN I . -44.40 -0.33 -23.36
N1 9SN I . -41.59 -1.75 -26.29
C7 9SN I . -46.90 -0.58 -23.69
C9 9SN I . -47.74 -0.53 -21.51
C10 9SN I . -47.22 -0.25 -20.13
C3 9SN I . -43.64 -1.30 -25.10
C2 9SN I . -42.92 -1.83 -26.19
C16 9SN I . -47.61 -1.99 -21.93
C18 9SN I . -47.69 -1.88 -23.44
C20 9SN I . -45.02 -1.43 -25.15
C22 9SN I . -44.95 -2.50 -27.07
C24 9SN I . -44.15 1.70 -19.47
C25 9SN I . -42.77 1.33 -19.03
C27 9SN I . -41.80 1.00 -19.96
C28 9SN I . -40.50 0.73 -19.64
C29 9SN I . -40.14 0.78 -18.30
C30 9SN I . -41.07 1.09 -17.33
C31 9SN I . -42.40 1.38 -17.66
F33 9SN I . -42.18 0.91 -21.26
N21 9SN I . -45.74 -2.02 -26.11
N23 9SN I . -43.61 -2.44 -27.17
N32 9SN I . -43.30 1.73 -16.68
N4 9SN I . -43.25 -0.61 -23.97
N6 9SN I . -45.50 -0.79 -24.03
O11 9SN I . -47.16 1.18 -19.89
O13 9SN I . -47.25 1.03 -17.40
O14 9SN I . -45.07 1.56 -18.46
O15 9SN I . -46.99 3.30 -18.54
O17 9SN I . -48.64 -2.78 -21.35
O19 9SN I . -49.04 -1.69 -23.87
O26 9SN I . -44.43 2.10 -20.57
O8 9SN I . -46.98 0.19 -22.50
P12 9SN I . -46.68 1.86 -18.55
HC5 9SN I . -44.45 0.21 -22.42
HN1B 9SN I . -41.04 -1.29 -25.58
HN1A 9SN I . -41.10 -2.16 -27.09
HC7 9SN I . -47.34 0.04 -24.47
HC9 9SN I . -48.76 -0.18 -21.62
H10B 9SN I . -46.23 -0.67 -19.99
H10A 9SN I . -47.87 -0.68 -19.38
HC16 9SN I . -46.65 -2.41 -21.64
HC18 9SN I . -47.25 -2.75 -23.93
HC22 9SN I . -45.44 -3.00 -27.91
HC28 9SN I . -39.77 0.48 -20.41
HC29 9SN I . -39.11 0.57 -18.02
HC30 9SN I . -40.76 1.11 -16.29
H32B 9SN I . -44.27 1.97 -16.87
H32A 9SN I . -43.00 1.76 -15.71
HO13 9SN I . -47.62 1.33 -16.53
HO17 9SN I . -48.54 -2.71 -20.37
HO19 9SN I . -49.04 -1.88 -24.84
#